data_5NX8
#
_entry.id   5NX8
#
_cell.length_a   85.390
_cell.length_b   104.880
_cell.length_c   215.400
_cell.angle_alpha   90.00
_cell.angle_beta   90.00
_cell.angle_gamma   90.00
#
_symmetry.space_group_name_H-M   'P 21 21 21'
#
loop_
_entity.id
_entity.type
_entity.pdbx_description
1 polymer 'Adenylosuccinate lyase'
2 non-polymer DI(HYDROXYETHYL)ETHER
3 non-polymer GLYCEROL
4 non-polymer 'CHLORIDE ION'
5 water water
#
_entity_poly.entity_id   1
_entity_poly.type   'polypeptide(L)'
_entity_poly.pdbx_seq_one_letter_code
;GSHMAAGGDHGSPDSYRSPLASRYASPEMCFVFSDRYKFRTWRQLWLWLAEAEQTLGLPITDEQIQEMKSNLENIDFKMA
AEEEKRLRHDVMAHVHTFGHCCPKAAGIIHLGATSCYVGDNTDLIILRNALDLLLPKLARVISRLADFAKERASLPTLGF
THFQPAQLTTVGKRCCLWIQDLCMDLQNLKRVRDDLRFRGVKGTTGTQASFLQLFEGDDHKVEQLDKMVTEKAGFKRAFI
ITGQTYTRKVDIEVLSVLASLGASVHKICTDIRLLANLKEMEEPFEKQQIGSSAMPYKRNPMRSERCCSLARHLMTLVMD
PLQTASVQWFERTLDDSANRRICLAEAFLTADTILNTLQNISEGLVVYPKVIERRIRQELPFMATENIIMAMVKAGGSRQ
DCHEKIRVLSQQAASVVKQEGGDNDLIERIQADAYFSPIHSQLDHLLDPSSFTGRASQQVQRFLEEEVYPLLKPYESVMK
VKAELCL
;
_entity_poly.pdbx_strand_id   A,B,C,D
#
loop_
_chem_comp.id
_chem_comp.type
_chem_comp.name
_chem_comp.formula
CL non-polymer 'CHLORIDE ION' 'Cl -1'
GOL non-polymer GLYCEROL 'C3 H8 O3'
PEG non-polymer DI(HYDROXYETHYL)ETHER 'C4 H10 O3'
#
# COMPACT_ATOMS: atom_id res chain seq x y z
N SER A 12 0.08 -32.48 2.28
CA SER A 12 1.13 -33.15 1.43
C SER A 12 2.27 -32.17 1.17
N PRO A 13 3.54 -32.60 1.37
CA PRO A 13 4.64 -31.68 1.11
C PRO A 13 4.93 -31.45 -0.40
N ASP A 14 4.19 -32.09 -1.30
CA ASP A 14 4.40 -31.96 -2.74
C ASP A 14 3.70 -30.77 -3.40
N SER A 15 2.90 -30.01 -2.63
CA SER A 15 2.43 -28.68 -3.07
C SER A 15 2.57 -27.67 -1.97
N TYR A 16 2.38 -26.41 -2.34
CA TYR A 16 2.47 -25.32 -1.39
C TYR A 16 1.24 -25.31 -0.48
N ARG A 17 1.48 -24.89 0.76
CA ARG A 17 0.49 -24.86 1.80
C ARG A 17 0.82 -23.58 2.58
N SER A 18 -0.17 -22.70 2.76
CA SER A 18 0.05 -21.44 3.51
C SER A 18 0.74 -21.75 4.82
N PRO A 19 1.84 -21.03 5.10
CA PRO A 19 2.41 -21.13 6.44
C PRO A 19 1.47 -20.54 7.54
N LEU A 20 0.46 -19.73 7.15
CA LEU A 20 -0.61 -19.32 8.09
C LEU A 20 -1.46 -20.50 8.63
N ALA A 21 -1.85 -21.43 7.76
CA ALA A 21 -2.64 -22.63 8.16
C ALA A 21 -1.83 -23.73 8.89
N SER A 22 -0.74 -24.16 8.26
CA SER A 22 0.07 -25.26 8.79
C SER A 22 0.87 -24.77 10.01
N ARG A 23 1.72 -23.79 9.76
CA ARG A 23 2.75 -23.40 10.70
C ARG A 23 2.22 -22.49 11.84
N TYR A 24 1.39 -21.50 11.51
CA TYR A 24 1.32 -20.28 12.36
C TYR A 24 0.06 -20.18 13.23
N ALA A 25 -1.14 -20.19 12.63
CA ALA A 25 -2.37 -19.74 13.32
C ALA A 25 -2.93 -20.82 14.23
N SER A 26 -3.79 -20.45 15.17
CA SER A 26 -4.37 -21.46 16.06
C SER A 26 -5.40 -22.31 15.27
N PRO A 27 -5.61 -23.56 15.68
CA PRO A 27 -6.67 -24.33 15.00
C PRO A 27 -8.08 -23.64 15.00
N GLU A 28 -8.40 -22.93 16.06
CA GLU A 28 -9.73 -22.33 16.20
C GLU A 28 -9.92 -21.25 15.10
N MET A 29 -8.90 -20.42 14.88
CA MET A 29 -8.98 -19.39 13.81
C MET A 29 -8.95 -20.03 12.46
N CYS A 30 -8.15 -21.11 12.34
CA CYS A 30 -8.09 -21.84 11.10
C CYS A 30 -9.45 -22.42 10.77
N PHE A 31 -10.15 -22.91 11.76
CA PHE A 31 -11.47 -23.48 11.50
C PHE A 31 -12.50 -22.44 11.07
N VAL A 32 -12.42 -21.25 11.64
CA VAL A 32 -13.38 -20.21 11.28
C VAL A 32 -13.30 -19.90 9.78
N PHE A 33 -12.13 -20.05 9.18
CA PHE A 33 -11.96 -19.78 7.73
C PHE A 33 -11.93 -21.05 6.86
N SER A 34 -12.44 -22.17 7.40
CA SER A 34 -12.42 -23.45 6.75
C SER A 34 -13.65 -23.60 5.87
N ASP A 35 -13.55 -24.49 4.90
CA ASP A 35 -14.72 -24.84 4.14
C ASP A 35 -15.84 -25.47 4.95
N ARG A 36 -15.48 -26.26 5.97
CA ARG A 36 -16.52 -26.90 6.82
C ARG A 36 -17.32 -25.81 7.50
N TYR A 37 -16.61 -24.83 8.05
CA TYR A 37 -17.30 -23.73 8.72
C TYR A 37 -18.17 -22.99 7.73
N LYS A 38 -17.62 -22.71 6.54
CA LYS A 38 -18.36 -21.98 5.55
C LYS A 38 -19.66 -22.65 5.16
N PHE A 39 -19.55 -23.93 4.80
CA PHE A 39 -20.69 -24.62 4.21
C PHE A 39 -21.75 -25.09 5.23
N ARG A 40 -21.33 -25.29 6.47
CA ARG A 40 -22.29 -25.51 7.55
C ARG A 40 -22.99 -24.24 7.89
N THR A 41 -22.31 -23.10 7.72
CA THR A 41 -22.97 -21.80 7.91
C THR A 41 -23.96 -21.51 6.79
N TRP A 42 -23.66 -21.91 5.55
CA TRP A 42 -24.67 -21.85 4.49
C TRP A 42 -25.93 -22.60 4.93
N ARG A 43 -25.75 -23.81 5.41
CA ARG A 43 -26.90 -24.64 5.76
C ARG A 43 -27.64 -24.05 6.97
N GLN A 44 -26.91 -23.49 7.92
CA GLN A 44 -27.53 -22.81 9.02
C GLN A 44 -28.40 -21.66 8.55
N LEU A 45 -27.92 -20.89 7.56
CA LEU A 45 -28.67 -19.78 7.05
C LEU A 45 -29.86 -20.29 6.28
N TRP A 46 -29.70 -21.40 5.59
CA TRP A 46 -30.88 -21.95 4.90
C TRP A 46 -31.99 -22.42 5.89
N LEU A 47 -31.57 -22.96 7.00
CA LEU A 47 -32.47 -23.41 8.09
C LEU A 47 -33.21 -22.24 8.69
N TRP A 48 -32.49 -21.19 9.00
CA TRP A 48 -33.07 -19.96 9.52
C TRP A 48 -34.05 -19.34 8.54
N LEU A 49 -33.69 -19.32 7.27
CA LEU A 49 -34.57 -18.85 6.26
C LEU A 49 -35.88 -19.67 6.24
N ALA A 50 -35.75 -20.99 6.24
CA ALA A 50 -36.94 -21.85 6.20
C ALA A 50 -37.86 -21.63 7.43
N GLU A 51 -37.24 -21.49 8.59
CA GLU A 51 -37.98 -21.26 9.82
C GLU A 51 -38.77 -19.98 9.78
N ALA A 52 -38.13 -18.92 9.33
CA ALA A 52 -38.79 -17.62 9.18
C ALA A 52 -39.84 -17.63 8.11
N GLU A 53 -39.55 -18.21 6.97
CA GLU A 53 -40.56 -18.32 5.91
C GLU A 53 -41.80 -19.13 6.33
N GLN A 54 -41.57 -20.20 7.10
CA GLN A 54 -42.69 -20.95 7.71
C GLN A 54 -43.57 -20.08 8.62
N THR A 55 -42.96 -19.34 9.53
CA THR A 55 -43.67 -18.41 10.36
C THR A 55 -44.50 -17.42 9.52
N LEU A 56 -43.96 -16.97 8.37
CA LEU A 56 -44.60 -15.97 7.56
C LEU A 56 -45.62 -16.54 6.61
N GLY A 57 -45.88 -17.84 6.70
CA GLY A 57 -46.99 -18.45 6.00
C GLY A 57 -46.68 -19.21 4.72
N LEU A 58 -45.40 -19.41 4.40
CA LEU A 58 -45.06 -20.16 3.19
C LEU A 58 -45.17 -21.67 3.47
N PRO A 59 -45.36 -22.46 2.41
CA PRO A 59 -45.64 -23.92 2.60
C PRO A 59 -44.39 -24.74 2.87
N ILE A 60 -43.97 -24.67 4.13
CA ILE A 60 -42.80 -25.33 4.63
C ILE A 60 -43.26 -26.09 5.86
N THR A 61 -42.98 -27.38 5.96
CA THR A 61 -43.44 -28.22 7.09
C THR A 61 -42.38 -28.34 8.21
N ASP A 62 -42.82 -28.73 9.43
CA ASP A 62 -41.85 -28.94 10.54
C ASP A 62 -40.89 -30.08 10.17
N GLU A 63 -41.36 -31.06 9.40
CA GLU A 63 -40.52 -32.20 8.99
C GLU A 63 -39.40 -31.72 8.03
N GLN A 64 -39.73 -30.80 7.15
CA GLN A 64 -38.72 -30.19 6.22
C GLN A 64 -37.66 -29.51 7.05
N ILE A 65 -38.12 -28.67 7.97
CA ILE A 65 -37.21 -27.98 8.89
C ILE A 65 -36.36 -28.92 9.71
N GLN A 66 -36.95 -29.98 10.28
CA GLN A 66 -36.20 -30.88 11.14
C GLN A 66 -35.17 -31.67 10.27
N GLU A 67 -35.51 -31.98 9.03
CA GLU A 67 -34.59 -32.72 8.17
C GLU A 67 -33.35 -31.86 7.86
N MET A 68 -33.57 -30.58 7.59
CA MET A 68 -32.45 -29.66 7.44
C MET A 68 -31.61 -29.51 8.68
N LYS A 69 -32.28 -29.32 9.82
CA LYS A 69 -31.61 -29.22 11.09
C LYS A 69 -30.73 -30.42 11.45
N SER A 70 -31.20 -31.62 11.12
CA SER A 70 -30.41 -32.84 11.35
C SER A 70 -29.18 -33.03 10.46
N ASN A 71 -29.05 -32.24 9.39
CA ASN A 71 -27.97 -32.42 8.40
C ASN A 71 -27.09 -31.19 8.17
N LEU A 72 -27.08 -30.26 9.09
CA LEU A 72 -26.25 -29.04 8.96
C LEU A 72 -24.77 -29.36 8.77
N GLU A 73 -24.29 -30.44 9.42
CA GLU A 73 -22.86 -30.80 9.37
C GLU A 73 -22.58 -31.95 8.42
N ASN A 74 -23.60 -32.51 7.83
CA ASN A 74 -23.48 -33.72 7.02
C ASN A 74 -23.18 -33.37 5.56
N ILE A 75 -22.03 -32.77 5.34
CA ILE A 75 -21.70 -32.08 4.10
C ILE A 75 -20.83 -32.99 3.20
N ASP A 76 -21.31 -33.26 2.01
CA ASP A 76 -20.56 -34.00 0.99
C ASP A 76 -19.74 -33.04 0.11
N PHE A 77 -18.56 -32.71 0.59
CA PHE A 77 -17.65 -31.79 -0.07
C PHE A 77 -17.27 -32.24 -1.47
N LYS A 78 -17.05 -33.53 -1.61
CA LYS A 78 -16.69 -34.11 -2.88
C LYS A 78 -17.81 -33.90 -3.88
N MET A 79 -19.03 -34.26 -3.50
CA MET A 79 -20.15 -34.11 -4.42
C MET A 79 -20.39 -32.66 -4.75
N ALA A 80 -20.30 -31.79 -3.74
CA ALA A 80 -20.56 -30.35 -3.96
C ALA A 80 -19.58 -29.70 -4.95
N ALA A 81 -18.33 -30.08 -4.84
CA ALA A 81 -17.30 -29.61 -5.77
C ALA A 81 -17.61 -30.07 -7.22
N GLU A 82 -17.99 -31.34 -7.36
CA GLU A 82 -18.34 -31.90 -8.67
C GLU A 82 -19.56 -31.26 -9.21
N GLU A 83 -20.55 -30.98 -8.35
CA GLU A 83 -21.74 -30.29 -8.81
C GLU A 83 -21.46 -28.81 -9.20
N GLU A 84 -20.48 -28.19 -8.59
CA GLU A 84 -20.11 -26.81 -8.94
C GLU A 84 -19.52 -26.77 -10.37
N LYS A 85 -18.75 -27.81 -10.69
CA LYS A 85 -18.21 -27.99 -12.02
C LYS A 85 -19.32 -28.23 -13.05
N ARG A 86 -20.31 -29.07 -12.73
CA ARG A 86 -21.45 -29.31 -13.68
C ARG A 86 -22.36 -28.08 -13.85
N LEU A 87 -22.77 -27.49 -12.72
CA LEU A 87 -23.75 -26.40 -12.75
C LEU A 87 -23.10 -25.01 -12.99
N ARG A 88 -21.79 -24.94 -12.82
CA ARG A 88 -21.01 -23.68 -12.90
C ARG A 88 -21.50 -22.63 -11.88
N HIS A 89 -21.81 -23.08 -10.67
CA HIS A 89 -22.49 -22.21 -9.71
C HIS A 89 -22.34 -22.84 -8.36
N ASP A 90 -21.56 -22.17 -7.49
CA ASP A 90 -21.28 -22.68 -6.17
C ASP A 90 -22.50 -22.81 -5.27
N VAL A 91 -23.35 -21.80 -5.27
CA VAL A 91 -24.59 -21.90 -4.44
C VAL A 91 -25.53 -22.97 -4.98
N MET A 92 -25.83 -22.96 -6.27
CA MET A 92 -26.74 -23.98 -6.84
C MET A 92 -26.18 -25.38 -6.61
N ALA A 93 -24.85 -25.54 -6.60
CA ALA A 93 -24.21 -26.85 -6.28
C ALA A 93 -24.49 -27.24 -4.89
N HIS A 94 -24.38 -26.29 -3.97
CA HIS A 94 -24.69 -26.59 -2.58
C HIS A 94 -26.16 -26.78 -2.30
N VAL A 95 -27.04 -26.04 -2.97
CA VAL A 95 -28.49 -26.29 -2.91
C VAL A 95 -28.80 -27.76 -3.34
N HIS A 96 -28.21 -28.17 -4.46
CA HIS A 96 -28.46 -29.49 -4.98
C HIS A 96 -27.97 -30.58 -4.04
N THR A 97 -26.77 -30.40 -3.48
CA THR A 97 -26.16 -31.37 -2.62
C THR A 97 -26.95 -31.47 -1.29
N PHE A 98 -27.41 -30.33 -0.79
CA PHE A 98 -28.21 -30.32 0.46
C PHE A 98 -29.57 -30.99 0.20
N GLY A 99 -30.15 -30.73 -0.98
CA GLY A 99 -31.39 -31.38 -1.39
C GLY A 99 -31.29 -32.90 -1.53
N HIS A 100 -30.09 -33.40 -1.84
CA HIS A 100 -29.87 -34.82 -1.88
C HIS A 100 -29.88 -35.47 -0.51
N CYS A 101 -29.18 -34.93 0.46
CA CYS A 101 -29.34 -35.43 1.82
C CYS A 101 -30.63 -35.01 2.55
N CYS A 102 -31.37 -34.01 2.05
CA CYS A 102 -32.66 -33.55 2.60
C CYS A 102 -33.73 -33.57 1.53
N PRO A 103 -34.10 -34.77 1.05
CA PRO A 103 -35.09 -34.82 -0.05
C PRO A 103 -36.46 -34.23 0.28
N LYS A 104 -36.92 -34.31 1.52
CA LYS A 104 -38.21 -33.69 1.87
C LYS A 104 -38.17 -32.17 1.77
N ALA A 105 -37.08 -31.59 2.22
CA ALA A 105 -36.91 -30.16 2.17
C ALA A 105 -36.41 -29.62 0.81
N ALA A 106 -35.95 -30.49 -0.08
CA ALA A 106 -35.21 -30.06 -1.31
C ALA A 106 -35.94 -28.98 -2.04
N GLY A 107 -37.25 -29.10 -2.15
CA GLY A 107 -38.02 -28.12 -2.84
C GLY A 107 -38.13 -26.75 -2.18
N ILE A 108 -37.79 -26.59 -0.91
CA ILE A 108 -37.91 -25.26 -0.32
C ILE A 108 -36.57 -24.67 0.18
N ILE A 109 -35.48 -25.41 0.05
CA ILE A 109 -34.16 -24.88 0.36
C ILE A 109 -33.92 -23.68 -0.58
N HIS A 110 -33.44 -22.59 0.00
CA HIS A 110 -33.09 -21.36 -0.75
C HIS A 110 -34.30 -20.66 -1.37
N LEU A 111 -35.52 -20.97 -0.88
CA LEU A 111 -36.72 -20.43 -1.49
C LEU A 111 -36.80 -18.89 -1.42
N GLY A 112 -36.92 -18.30 -2.61
CA GLY A 112 -36.90 -16.85 -2.82
C GLY A 112 -35.57 -16.16 -2.70
N ALA A 113 -34.51 -16.84 -2.26
CA ALA A 113 -33.26 -16.15 -1.98
C ALA A 113 -32.36 -16.01 -3.24
N THR A 114 -31.27 -15.27 -3.10
CA THR A 114 -30.24 -15.20 -4.12
C THR A 114 -28.92 -15.57 -3.47
N SER A 115 -27.89 -15.74 -4.29
CA SER A 115 -26.65 -16.30 -3.86
C SER A 115 -26.00 -15.71 -2.63
N CYS A 116 -25.97 -14.37 -2.53
CA CYS A 116 -25.32 -13.74 -1.40
C CYS A 116 -26.10 -13.85 -0.09
N TYR A 117 -27.35 -14.31 -0.12
CA TYR A 117 -28.02 -14.66 1.17
C TYR A 117 -27.14 -15.64 1.99
N VAL A 118 -26.56 -16.65 1.32
CA VAL A 118 -25.59 -17.49 2.02
C VAL A 118 -24.18 -16.99 1.97
N GLY A 119 -23.76 -16.50 0.81
CA GLY A 119 -22.36 -16.17 0.65
C GLY A 119 -21.88 -15.05 1.51
N ASP A 120 -22.66 -13.98 1.49
CA ASP A 120 -22.25 -12.69 2.11
C ASP A 120 -22.59 -12.61 3.57
N ASN A 121 -23.76 -13.09 3.97
CA ASN A 121 -24.07 -13.27 5.41
C ASN A 121 -23.09 -14.19 6.14
N THR A 122 -22.61 -15.24 5.46
CA THR A 122 -21.63 -16.15 6.02
C THR A 122 -20.34 -15.38 6.25
N ASP A 123 -19.96 -14.53 5.29
CA ASP A 123 -18.74 -13.74 5.46
C ASP A 123 -18.83 -12.86 6.72
N LEU A 124 -19.99 -12.25 6.94
CA LEU A 124 -20.23 -11.41 8.12
C LEU A 124 -20.17 -12.23 9.42
N ILE A 125 -20.76 -13.43 9.39
CA ILE A 125 -20.67 -14.28 10.59
C ILE A 125 -19.22 -14.64 10.89
N ILE A 126 -18.47 -14.90 9.83
CA ILE A 126 -17.05 -15.25 9.93
C ILE A 126 -16.28 -14.09 10.52
N LEU A 127 -16.50 -12.90 9.97
CA LEU A 127 -15.79 -11.72 10.46
C LEU A 127 -16.05 -11.50 11.95
N ARG A 128 -17.31 -11.59 12.33
CA ARG A 128 -17.66 -11.41 13.75
C ARG A 128 -17.06 -12.50 14.65
N ASN A 129 -17.12 -13.77 14.20
CA ASN A 129 -16.51 -14.87 14.95
C ASN A 129 -15.02 -14.65 15.09
N ALA A 130 -14.37 -14.29 13.99
CA ALA A 130 -12.93 -14.09 14.02
C ALA A 130 -12.52 -13.00 15.03
N LEU A 131 -13.26 -11.89 15.01
CA LEU A 131 -13.00 -10.81 15.94
C LEU A 131 -13.18 -11.30 17.35
N ASP A 132 -14.23 -12.10 17.58
CA ASP A 132 -14.50 -12.66 18.92
C ASP A 132 -13.39 -13.53 19.40
N LEU A 133 -12.68 -14.22 18.50
CA LEU A 133 -11.53 -15.02 18.93
C LEU A 133 -10.35 -14.17 19.29
N LEU A 134 -10.19 -13.05 18.56
CA LEU A 134 -9.08 -12.19 18.84
C LEU A 134 -9.17 -11.46 20.17
N LEU A 135 -10.38 -11.05 20.55
CA LEU A 135 -10.53 -10.13 21.68
C LEU A 135 -9.95 -10.63 22.99
N PRO A 136 -10.29 -11.87 23.38
CA PRO A 136 -9.78 -12.36 24.65
C PRO A 136 -8.31 -12.59 24.59
N LYS A 137 -7.78 -12.87 23.41
CA LYS A 137 -6.35 -13.07 23.32
C LYS A 137 -5.59 -11.79 23.58
N LEU A 138 -6.11 -10.68 23.00
CA LEU A 138 -5.54 -9.38 23.21
C LEU A 138 -5.73 -8.92 24.68
N ALA A 139 -6.91 -9.15 25.24
CA ALA A 139 -7.15 -8.85 26.64
C ALA A 139 -6.17 -9.55 27.53
N ARG A 140 -5.87 -10.83 27.24
CA ARG A 140 -4.89 -11.57 28.04
C ARG A 140 -3.47 -10.98 27.92
N VAL A 141 -3.07 -10.60 26.70
CA VAL A 141 -1.79 -9.93 26.56
C VAL A 141 -1.71 -8.68 27.42
N ILE A 142 -2.76 -7.89 27.37
CA ILE A 142 -2.74 -6.62 28.05
C ILE A 142 -2.63 -6.89 29.58
N SER A 143 -3.35 -7.89 30.04
CA SER A 143 -3.37 -8.24 31.48
C SER A 143 -2.02 -8.73 31.95
N ARG A 144 -1.34 -9.54 31.12
CA ARG A 144 -0.01 -10.02 31.50
C ARG A 144 1.02 -8.90 31.55
N LEU A 145 1.02 -8.03 30.53
CA LEU A 145 1.82 -6.85 30.56
C LEU A 145 1.47 -5.90 31.71
N ALA A 146 0.18 -5.76 32.02
CA ALA A 146 -0.22 -4.95 33.18
C ALA A 146 0.35 -5.50 34.50
N ASP A 147 0.40 -6.83 34.62
CA ASP A 147 1.04 -7.48 35.77
C ASP A 147 2.49 -7.08 35.87
N PHE A 148 3.17 -7.10 34.72
CA PHE A 148 4.57 -6.81 34.64
C PHE A 148 4.83 -5.33 34.95
N ALA A 149 4.04 -4.45 34.37
CA ALA A 149 4.12 -3.02 34.61
C ALA A 149 4.02 -2.66 36.10
N LYS A 150 3.03 -3.25 36.75
CA LYS A 150 2.83 -3.08 38.16
C LYS A 150 4.04 -3.59 38.98
N GLU A 151 4.57 -4.76 38.68
CA GLU A 151 5.70 -5.26 39.44
C GLU A 151 6.97 -4.50 39.22
N ARG A 152 7.10 -3.83 38.06
CA ARG A 152 8.29 -3.07 37.76
C ARG A 152 8.03 -1.55 37.71
N ALA A 153 6.96 -1.10 38.35
CA ALA A 153 6.54 0.32 38.30
C ALA A 153 7.61 1.29 38.77
N SER A 154 8.45 0.85 39.70
CA SER A 154 9.44 1.70 40.34
C SER A 154 10.82 1.41 39.93
N LEU A 155 11.04 0.41 39.06
CA LEU A 155 12.40 0.00 38.73
C LEU A 155 12.98 1.00 37.72
N PRO A 156 13.92 1.87 38.14
CA PRO A 156 14.44 2.86 37.20
C PRO A 156 15.13 2.21 36.01
N THR A 157 15.05 2.88 34.87
CA THR A 157 15.73 2.44 33.64
C THR A 157 16.01 3.67 32.75
N LEU A 158 17.12 3.60 32.01
CA LEU A 158 17.54 4.68 31.17
C LEU A 158 16.43 4.94 30.13
N GLY A 159 15.98 6.19 30.07
CA GLY A 159 15.00 6.60 29.08
C GLY A 159 15.71 6.82 27.79
N PHE A 160 15.01 6.72 26.68
CA PHE A 160 15.67 6.87 25.39
C PHE A 160 14.84 7.76 24.48
N THR A 161 15.42 8.88 24.08
CA THR A 161 14.88 9.64 22.95
C THR A 161 15.99 9.71 21.89
N HIS A 162 15.61 9.54 20.63
CA HIS A 162 16.59 9.32 19.53
C HIS A 162 17.46 8.07 19.75
N PHE A 163 16.98 7.15 20.60
CA PHE A 163 17.78 6.05 21.16
C PHE A 163 19.10 6.55 21.73
N GLN A 164 19.02 7.74 22.34
CA GLN A 164 20.10 8.30 23.12
C GLN A 164 19.63 8.50 24.54
N PRO A 165 20.57 8.45 25.52
CA PRO A 165 20.24 8.59 26.94
C PRO A 165 19.38 9.82 27.22
N ALA A 166 18.27 9.62 27.92
CA ALA A 166 17.33 10.69 28.22
C ALA A 166 16.81 10.49 29.65
N GLN A 167 15.98 11.43 30.11
CA GLN A 167 15.46 11.42 31.51
C GLN A 167 14.93 10.03 31.93
N LEU A 168 15.53 9.47 33.01
CA LEU A 168 15.15 8.14 33.49
C LEU A 168 13.67 7.94 33.48
N THR A 169 13.27 6.75 33.05
CA THR A 169 11.92 6.32 33.20
C THR A 169 11.93 5.07 34.12
N THR A 170 10.88 4.27 34.07
CA THR A 170 10.88 2.98 34.74
C THR A 170 10.46 1.90 33.81
N VAL A 171 10.90 0.68 34.11
CA VAL A 171 10.60 -0.45 33.29
C VAL A 171 9.10 -0.59 33.16
N GLY A 172 8.37 -0.40 34.27
CA GLY A 172 6.93 -0.41 34.23
C GLY A 172 6.22 0.68 33.46
N LYS A 173 6.72 1.90 33.59
CA LYS A 173 6.18 3.02 32.86
C LYS A 173 6.37 2.77 31.35
N ARG A 174 7.55 2.34 30.96
CA ARG A 174 7.78 2.01 29.57
C ARG A 174 6.82 0.94 29.06
N CYS A 175 6.58 -0.09 29.87
CA CYS A 175 5.63 -1.09 29.51
C CYS A 175 4.23 -0.49 29.33
N CYS A 176 3.90 0.55 30.09
CA CYS A 176 2.63 1.26 29.91
C CYS A 176 2.44 1.89 28.48
N LEU A 177 3.52 2.31 27.86
CA LEU A 177 3.45 2.77 26.44
C LEU A 177 2.92 1.66 25.56
N TRP A 178 3.45 0.44 25.76
CA TRP A 178 3.01 -0.75 25.03
C TRP A 178 1.57 -1.07 25.34
N ILE A 179 1.25 -1.09 26.63
CA ILE A 179 -0.12 -1.44 27.06
C ILE A 179 -1.15 -0.48 26.49
N GLN A 180 -0.84 0.80 26.49
CA GLN A 180 -1.82 1.76 26.05
C GLN A 180 -2.18 1.59 24.60
N ASP A 181 -1.19 1.41 23.74
CA ASP A 181 -1.50 1.10 22.36
C ASP A 181 -2.39 -0.10 22.23
N LEU A 182 -2.08 -1.18 22.94
CA LEU A 182 -2.92 -2.37 22.86
C LEU A 182 -4.35 -2.18 23.38
N CYS A 183 -4.52 -1.36 24.43
CA CYS A 183 -5.88 -0.99 24.90
C CYS A 183 -6.67 -0.29 23.82
N MET A 184 -6.02 0.61 23.09
CA MET A 184 -6.67 1.25 21.94
C MET A 184 -7.10 0.22 20.89
N ASP A 185 -6.25 -0.77 20.64
CA ASP A 185 -6.62 -1.86 19.73
C ASP A 185 -7.78 -2.64 20.23
N LEU A 186 -7.81 -2.94 21.53
CA LEU A 186 -8.89 -3.76 22.06
C LEU A 186 -10.21 -2.99 21.94
N GLN A 187 -10.16 -1.66 22.15
CA GLN A 187 -11.42 -0.88 22.03
C GLN A 187 -11.87 -0.82 20.58
N ASN A 188 -10.91 -0.69 19.67
CA ASN A 188 -11.21 -0.66 18.21
C ASN A 188 -11.82 -1.97 17.72
N LEU A 189 -11.20 -3.07 18.09
CA LEU A 189 -11.71 -4.41 17.73
C LEU A 189 -13.10 -4.62 18.24
N LYS A 190 -13.36 -4.24 19.51
CA LYS A 190 -14.69 -4.36 20.11
C LYS A 190 -15.71 -3.51 19.40
N ARG A 191 -15.34 -2.27 19.08
CA ARG A 191 -16.26 -1.38 18.36
C ARG A 191 -16.62 -1.99 16.98
N VAL A 192 -15.64 -2.40 16.22
CA VAL A 192 -15.90 -2.95 14.88
C VAL A 192 -16.80 -4.17 15.01
N ARG A 193 -16.54 -5.02 16.00
CA ARG A 193 -17.35 -6.25 16.16
C ARG A 193 -18.79 -5.86 16.46
N ASP A 194 -18.96 -4.95 17.42
CA ASP A 194 -20.30 -4.53 17.83
C ASP A 194 -21.08 -3.84 16.76
N ASP A 195 -20.41 -3.14 15.84
CA ASP A 195 -21.08 -2.36 14.83
C ASP A 195 -21.37 -3.15 13.55
N LEU A 196 -20.88 -4.38 13.44
CA LEU A 196 -21.15 -5.16 12.23
C LEU A 196 -22.65 -5.38 12.08
N ARG A 197 -23.22 -4.99 10.97
CA ARG A 197 -24.58 -5.27 10.61
C ARG A 197 -24.73 -6.48 9.67
N PHE A 198 -25.87 -7.13 9.77
CA PHE A 198 -26.21 -8.24 8.92
C PHE A 198 -26.67 -7.77 7.54
N ARG A 199 -26.34 -8.50 6.46
CA ARG A 199 -26.92 -8.19 5.17
C ARG A 199 -28.35 -8.59 5.14
N GLY A 200 -28.67 -9.76 5.69
CA GLY A 200 -30.05 -10.27 5.53
C GLY A 200 -30.50 -10.75 4.15
N VAL A 201 -31.75 -10.54 3.87
CA VAL A 201 -32.36 -10.83 2.58
C VAL A 201 -32.50 -9.54 1.78
N LYS A 202 -31.78 -9.47 0.66
CA LYS A 202 -31.70 -8.26 -0.12
C LYS A 202 -31.84 -8.48 -1.61
N GLY A 203 -31.80 -9.71 -2.12
CA GLY A 203 -31.90 -9.88 -3.55
C GLY A 203 -30.57 -9.65 -4.27
N THR A 204 -30.58 -9.78 -5.58
N THR A 204 -30.60 -9.82 -5.59
CA THR A 204 -29.36 -9.76 -6.35
CA THR A 204 -29.44 -9.73 -6.47
C THR A 204 -28.84 -8.33 -6.63
C THR A 204 -28.83 -8.33 -6.51
N THR A 205 -29.69 -7.30 -6.50
CA THR A 205 -29.22 -5.90 -6.56
C THR A 205 -29.60 -5.07 -5.36
N GLY A 206 -30.09 -5.72 -4.29
CA GLY A 206 -30.39 -5.06 -3.05
C GLY A 206 -31.82 -4.60 -2.85
N THR A 207 -32.68 -4.80 -3.84
CA THR A 207 -34.04 -4.29 -3.84
C THR A 207 -35.06 -5.30 -3.31
N GLN A 208 -34.59 -6.50 -2.93
CA GLN A 208 -35.43 -7.55 -2.35
C GLN A 208 -36.53 -7.99 -3.32
N ALA A 209 -36.32 -7.81 -4.63
CA ALA A 209 -37.37 -8.09 -5.64
C ALA A 209 -37.86 -9.55 -5.59
N SER A 210 -36.94 -10.48 -5.48
CA SER A 210 -37.31 -11.89 -5.49
C SER A 210 -38.22 -12.20 -4.29
N PHE A 211 -37.89 -11.62 -3.14
CA PHE A 211 -38.71 -11.87 -1.92
C PHE A 211 -40.05 -11.17 -2.02
N LEU A 212 -40.07 -9.99 -2.65
CA LEU A 212 -41.31 -9.25 -2.78
C LEU A 212 -42.25 -10.10 -3.68
N GLN A 213 -41.69 -10.71 -4.71
CA GLN A 213 -42.48 -11.63 -5.54
C GLN A 213 -42.93 -12.88 -4.78
N LEU A 214 -42.04 -13.48 -4.00
CA LEU A 214 -42.38 -14.69 -3.26
C LEU A 214 -43.61 -14.42 -2.38
N PHE A 215 -43.59 -13.26 -1.76
CA PHE A 215 -44.67 -12.80 -0.89
C PHE A 215 -45.80 -12.03 -1.61
N GLU A 216 -45.84 -12.10 -2.94
CA GLU A 216 -46.94 -11.57 -3.73
C GLU A 216 -47.21 -10.11 -3.43
N GLY A 217 -46.12 -9.34 -3.28
CA GLY A 217 -46.18 -7.89 -3.20
C GLY A 217 -46.41 -7.38 -1.81
N ASP A 218 -46.31 -8.27 -0.82
CA ASP A 218 -46.46 -7.85 0.55
C ASP A 218 -45.16 -7.33 1.18
N ASP A 219 -45.00 -6.00 1.21
CA ASP A 219 -43.81 -5.41 1.80
C ASP A 219 -43.53 -5.78 3.25
N HIS A 220 -44.57 -5.82 4.09
N HIS A 220 -44.57 -5.84 4.05
CA HIS A 220 -44.35 -6.10 5.50
CA HIS A 220 -44.43 -6.09 5.45
C HIS A 220 -43.75 -7.47 5.72
C HIS A 220 -43.80 -7.46 5.73
N LYS A 221 -44.16 -8.44 4.92
CA LYS A 221 -43.62 -9.78 5.03
C LYS A 221 -42.15 -9.81 4.65
N VAL A 222 -41.77 -9.07 3.62
CA VAL A 222 -40.33 -8.99 3.29
C VAL A 222 -39.60 -8.38 4.47
N GLU A 223 -40.12 -7.29 5.04
CA GLU A 223 -39.44 -6.62 6.17
C GLU A 223 -39.37 -7.55 7.35
N GLN A 224 -40.45 -8.31 7.57
CA GLN A 224 -40.44 -9.26 8.69
C GLN A 224 -39.37 -10.32 8.46
N LEU A 225 -39.22 -10.83 7.24
CA LEU A 225 -38.22 -11.91 6.99
C LEU A 225 -36.80 -11.40 7.27
N ASP A 226 -36.53 -10.14 6.87
CA ASP A 226 -35.20 -9.53 7.11
C ASP A 226 -34.94 -9.43 8.59
N LYS A 227 -35.94 -8.97 9.35
CA LYS A 227 -35.81 -8.85 10.78
C LYS A 227 -35.57 -10.20 11.45
N MET A 228 -36.27 -11.20 10.98
CA MET A 228 -36.19 -12.58 11.57
C MET A 228 -34.89 -13.29 11.31
N VAL A 229 -34.37 -13.23 10.11
CA VAL A 229 -33.08 -13.89 9.85
C VAL A 229 -31.97 -13.16 10.56
N THR A 230 -32.11 -11.85 10.73
CA THR A 230 -31.09 -11.06 11.40
C THR A 230 -31.03 -11.45 12.87
N GLU A 231 -32.22 -11.55 13.47
CA GLU A 231 -32.33 -11.98 14.84
C GLU A 231 -31.80 -13.41 15.04
N LYS A 232 -32.14 -14.32 14.13
CA LYS A 232 -31.74 -15.72 14.34
C LYS A 232 -30.22 -15.83 14.24
N ALA A 233 -29.62 -14.98 13.38
CA ALA A 233 -28.16 -14.96 13.27
C ALA A 233 -27.45 -14.22 14.41
N GLY A 234 -28.19 -13.68 15.37
CA GLY A 234 -27.57 -13.03 16.55
C GLY A 234 -27.04 -11.62 16.32
N PHE A 235 -27.52 -10.98 15.25
CA PHE A 235 -27.15 -9.62 14.97
C PHE A 235 -28.25 -8.68 15.49
N LYS A 236 -27.84 -7.58 16.11
CA LYS A 236 -28.78 -6.54 16.57
C LYS A 236 -29.36 -5.72 15.45
N ARG A 237 -28.62 -5.57 14.36
CA ARG A 237 -29.04 -4.72 13.29
C ARG A 237 -28.72 -5.28 11.89
N ALA A 238 -29.62 -5.08 10.92
CA ALA A 238 -29.40 -5.36 9.53
C ALA A 238 -29.21 -4.01 8.81
N PHE A 239 -28.57 -4.04 7.65
CA PHE A 239 -28.59 -2.91 6.76
C PHE A 239 -29.97 -2.74 6.25
N ILE A 240 -30.37 -1.50 6.06
CA ILE A 240 -31.50 -1.19 5.23
C ILE A 240 -31.04 -1.15 3.76
N ILE A 241 -29.92 -0.47 3.54
CA ILE A 241 -29.34 -0.23 2.24
C ILE A 241 -28.15 -1.15 1.95
N THR A 242 -28.29 -1.92 0.86
CA THR A 242 -27.21 -2.66 0.23
C THR A 242 -27.38 -2.63 -1.27
N GLY A 243 -26.30 -2.89 -2.00
CA GLY A 243 -26.43 -3.47 -3.35
C GLY A 243 -26.60 -4.97 -3.23
N GLN A 244 -25.88 -5.74 -4.01
CA GLN A 244 -25.90 -7.20 -3.84
C GLN A 244 -25.38 -7.65 -2.46
N THR A 245 -24.34 -6.98 -1.97
CA THR A 245 -23.69 -7.35 -0.73
C THR A 245 -23.58 -6.19 0.27
N TYR A 246 -23.02 -6.47 1.45
CA TYR A 246 -22.76 -5.40 2.39
C TYR A 246 -21.69 -4.50 1.78
N THR A 247 -21.77 -3.18 2.02
CA THR A 247 -20.71 -2.33 1.49
C THR A 247 -19.28 -2.76 1.86
N ARG A 248 -18.42 -2.80 0.84
CA ARG A 248 -17.04 -3.21 1.07
C ARG A 248 -16.21 -2.24 1.91
N LYS A 249 -16.81 -1.09 2.25
CA LYS A 249 -16.27 -0.22 3.27
C LYS A 249 -16.11 -0.95 4.56
N VAL A 250 -16.99 -1.92 4.84
CA VAL A 250 -16.86 -2.73 6.10
C VAL A 250 -15.51 -3.46 6.16
N ASP A 251 -15.07 -4.02 5.03
CA ASP A 251 -13.77 -4.68 5.01
C ASP A 251 -12.59 -3.75 5.28
N ILE A 252 -12.70 -2.51 4.83
CA ILE A 252 -11.72 -1.48 5.20
C ILE A 252 -11.73 -1.29 6.68
N GLU A 253 -12.91 -1.12 7.25
CA GLU A 253 -13.02 -0.84 8.70
C GLU A 253 -12.36 -1.94 9.52
N VAL A 254 -12.60 -3.19 9.15
CA VAL A 254 -12.05 -4.32 9.88
C VAL A 254 -10.55 -4.47 9.67
N LEU A 255 -10.07 -4.48 8.42
CA LEU A 255 -8.62 -4.60 8.20
C LEU A 255 -7.81 -3.41 8.64
N SER A 256 -8.41 -2.20 8.72
CA SER A 256 -7.66 -1.02 9.21
C SER A 256 -7.35 -1.14 10.69
N VAL A 257 -8.32 -1.63 11.46
N VAL A 257 -8.33 -1.62 11.44
CA VAL A 257 -8.06 -1.91 12.90
CA VAL A 257 -8.12 -1.92 12.85
C VAL A 257 -7.01 -2.99 13.11
C VAL A 257 -7.02 -2.97 13.08
N LEU A 258 -7.04 -4.05 12.30
CA LEU A 258 -5.93 -5.05 12.34
C LEU A 258 -4.56 -4.48 11.94
N ALA A 259 -4.54 -3.64 10.89
CA ALA A 259 -3.32 -2.94 10.49
C ALA A 259 -2.72 -2.11 11.63
N SER A 260 -3.57 -1.35 12.32
CA SER A 260 -3.14 -0.51 13.42
C SER A 260 -2.61 -1.34 14.60
N LEU A 261 -3.29 -2.45 14.88
CA LEU A 261 -2.75 -3.45 15.78
C LEU A 261 -1.39 -3.94 15.36
N GLY A 262 -1.23 -4.21 14.08
CA GLY A 262 0.07 -4.59 13.58
C GLY A 262 1.14 -3.55 13.90
N ALA A 263 0.83 -2.28 13.66
CA ALA A 263 1.77 -1.19 13.97
C ALA A 263 2.19 -1.17 15.44
N SER A 264 1.22 -1.33 16.35
CA SER A 264 1.45 -1.37 17.80
C SER A 264 2.40 -2.52 18.16
N VAL A 265 2.10 -3.71 17.68
CA VAL A 265 2.87 -4.89 18.00
C VAL A 265 4.30 -4.79 17.44
N HIS A 266 4.45 -4.23 16.24
CA HIS A 266 5.76 -3.98 15.67
C HIS A 266 6.62 -3.06 16.55
N LYS A 267 6.05 -1.97 17.02
CA LYS A 267 6.76 -1.04 17.87
C LYS A 267 7.19 -1.76 19.21
N ILE A 268 6.24 -2.42 19.84
CA ILE A 268 6.48 -3.12 21.11
C ILE A 268 7.64 -4.14 20.93
N CYS A 269 7.52 -4.97 19.91
CA CYS A 269 8.50 -6.03 19.65
C CYS A 269 9.85 -5.47 19.14
N THR A 270 9.85 -4.29 18.51
CA THR A 270 11.11 -3.61 18.19
C THR A 270 11.78 -3.13 19.48
N ASP A 271 11.02 -2.55 20.40
CA ASP A 271 11.57 -2.14 21.69
C ASP A 271 12.20 -3.36 22.47
N ILE A 272 11.46 -4.45 22.55
CA ILE A 272 11.98 -5.67 23.18
C ILE A 272 13.29 -6.17 22.50
N ARG A 273 13.35 -6.16 21.17
CA ARG A 273 14.57 -6.54 20.51
C ARG A 273 15.78 -5.65 20.86
N LEU A 274 15.54 -4.36 21.01
CA LEU A 274 16.57 -3.39 21.37
C LEU A 274 16.99 -3.62 22.84
N LEU A 275 16.01 -3.84 23.72
CA LEU A 275 16.31 -4.14 25.11
C LEU A 275 17.15 -5.41 25.23
N ALA A 276 16.86 -6.37 24.36
CA ALA A 276 17.59 -7.63 24.33
C ALA A 276 19.02 -7.44 23.90
N ASN A 277 19.27 -6.57 22.93
CA ASN A 277 20.62 -6.20 22.61
C ASN A 277 21.34 -5.59 23.81
N LEU A 278 20.68 -4.68 24.53
CA LEU A 278 21.25 -4.02 25.69
C LEU A 278 21.39 -4.98 26.91
N LYS A 279 20.83 -6.18 26.82
CA LYS A 279 20.80 -7.17 27.91
C LYS A 279 20.00 -6.71 29.15
N GLU A 280 19.05 -5.81 28.96
CA GLU A 280 18.22 -5.33 30.04
C GLU A 280 16.99 -6.14 30.19
N MET A 281 16.47 -6.64 29.08
CA MET A 281 15.28 -7.42 29.09
C MET A 281 15.42 -8.49 28.01
N GLU A 282 14.93 -9.70 28.28
CA GLU A 282 14.91 -10.82 27.31
C GLU A 282 13.56 -11.51 27.25
N GLU A 283 13.31 -12.22 26.15
CA GLU A 283 12.10 -13.01 26.01
C GLU A 283 12.10 -14.15 27.04
N PRO A 284 10.91 -14.64 27.42
CA PRO A 284 10.88 -15.62 28.51
C PRO A 284 11.65 -16.84 28.14
N PHE A 285 12.25 -17.49 29.15
CA PHE A 285 12.88 -18.80 28.92
C PHE A 285 11.82 -19.79 28.37
N GLU A 286 12.13 -20.41 27.27
CA GLU A 286 11.31 -21.49 26.76
C GLU A 286 11.33 -22.72 27.73
N LYS A 287 10.26 -23.52 27.67
CA LYS A 287 10.00 -24.62 28.59
C LYS A 287 11.23 -25.52 28.71
N GLN A 288 11.75 -25.96 27.56
CA GLN A 288 12.97 -26.78 27.50
C GLN A 288 14.20 -26.14 28.14
N GLN A 289 14.27 -24.80 28.26
CA GLN A 289 15.47 -24.15 28.83
C GLN A 289 15.38 -23.95 30.36
N ILE A 290 14.15 -23.94 30.89
CA ILE A 290 13.91 -23.52 32.25
C ILE A 290 14.74 -24.42 33.16
N GLY A 291 15.56 -23.76 34.00
CA GLY A 291 16.46 -24.43 34.94
C GLY A 291 17.62 -25.18 34.32
N SER A 292 17.71 -25.19 32.99
CA SER A 292 18.73 -25.92 32.25
C SER A 292 20.09 -25.43 32.72
N SER A 293 21.00 -26.37 32.93
CA SER A 293 22.38 -26.05 33.18
C SER A 293 23.12 -25.80 31.84
N ALA A 294 22.39 -25.91 30.72
CA ALA A 294 22.92 -25.60 29.39
C ALA A 294 22.40 -24.25 28.82
N MET A 295 22.10 -23.28 29.69
CA MET A 295 21.47 -22.03 29.22
C MET A 295 22.44 -21.22 28.32
N PRO A 296 22.01 -20.91 27.08
CA PRO A 296 22.91 -20.12 26.20
C PRO A 296 23.14 -18.66 26.69
N TYR A 297 24.37 -18.19 26.53
CA TYR A 297 24.69 -16.80 26.78
C TYR A 297 24.00 -15.89 25.77
N LYS A 298 24.13 -16.22 24.49
CA LYS A 298 23.49 -15.47 23.40
C LYS A 298 22.07 -15.99 23.17
N ARG A 299 21.09 -15.17 23.52
CA ARG A 299 19.73 -15.49 23.18
C ARG A 299 19.20 -14.43 22.20
N ASN A 300 18.52 -14.93 21.18
CA ASN A 300 17.99 -14.09 20.16
C ASN A 300 16.53 -13.90 20.42
N PRO A 301 16.00 -12.66 20.19
CA PRO A 301 14.62 -12.37 20.51
C PRO A 301 13.69 -12.80 19.35
N MET A 302 13.63 -14.11 19.13
CA MET A 302 13.02 -14.71 17.91
C MET A 302 11.53 -14.56 17.85
N ARG A 303 10.87 -14.61 19.00
CA ARG A 303 9.44 -14.47 19.00
C ARG A 303 9.07 -13.03 18.62
N SER A 304 9.80 -12.06 19.19
CA SER A 304 9.69 -10.64 18.83
C SER A 304 9.94 -10.38 17.34
N GLU A 305 10.98 -11.01 16.79
CA GLU A 305 11.26 -10.93 15.37
C GLU A 305 10.11 -11.45 14.56
N ARG A 306 9.54 -12.58 14.99
CA ARG A 306 8.40 -13.16 14.28
C ARG A 306 7.17 -12.21 14.29
N CYS A 307 6.86 -11.69 15.46
CA CYS A 307 5.76 -10.75 15.62
C CYS A 307 5.93 -9.52 14.71
N CYS A 308 7.14 -8.98 14.63
CA CYS A 308 7.39 -7.87 13.72
C CYS A 308 7.11 -8.29 12.29
N SER A 309 7.65 -9.43 11.88
CA SER A 309 7.57 -9.88 10.51
C SER A 309 6.12 -10.04 10.08
N LEU A 310 5.34 -10.65 10.96
CA LEU A 310 3.89 -10.84 10.72
C LEU A 310 3.08 -9.53 10.79
N ALA A 311 3.37 -8.71 11.79
CA ALA A 311 2.70 -7.42 12.00
C ALA A 311 2.91 -6.54 10.78
N ARG A 312 4.09 -6.66 10.16
CA ARG A 312 4.32 -6.00 8.90
C ARG A 312 3.34 -6.38 7.77
N HIS A 313 3.07 -7.68 7.62
CA HIS A 313 2.12 -8.13 6.63
C HIS A 313 0.68 -7.58 6.89
N LEU A 314 0.31 -7.57 8.15
CA LEU A 314 -0.95 -6.98 8.59
C LEU A 314 -1.12 -5.56 8.12
N MET A 315 -0.07 -4.76 8.27
CA MET A 315 -0.06 -3.39 7.81
C MET A 315 -0.16 -3.30 6.27
N THR A 316 0.66 -4.09 5.56
CA THR A 316 0.60 -4.20 4.09
C THR A 316 -0.83 -4.53 3.54
N LEU A 317 -1.53 -5.45 4.20
CA LEU A 317 -2.84 -5.92 3.74
C LEU A 317 -3.94 -4.86 3.72
N VAL A 318 -3.76 -3.78 4.45
CA VAL A 318 -4.77 -2.71 4.46
C VAL A 318 -5.07 -2.13 3.07
N MET A 319 -4.08 -2.16 2.17
CA MET A 319 -4.23 -1.66 0.83
C MET A 319 -5.17 -2.46 -0.06
N ASP A 320 -5.40 -3.75 0.25
CA ASP A 320 -6.32 -4.63 -0.50
C ASP A 320 -7.80 -4.14 -0.39
N PRO A 321 -8.36 -4.02 0.85
CA PRO A 321 -9.75 -3.52 0.91
C PRO A 321 -9.95 -2.05 0.52
N LEU A 322 -8.92 -1.23 0.72
CA LEU A 322 -8.94 0.15 0.23
C LEU A 322 -9.18 0.14 -1.26
N GLN A 323 -8.32 -0.58 -1.99
CA GLN A 323 -8.44 -0.64 -3.43
C GLN A 323 -9.72 -1.29 -3.88
N THR A 324 -10.07 -2.40 -3.25
CA THR A 324 -11.30 -3.13 -3.66
C THR A 324 -12.52 -2.20 -3.58
N ALA A 325 -12.68 -1.50 -2.47
CA ALA A 325 -13.93 -0.74 -2.26
C ALA A 325 -13.97 0.39 -3.29
N SER A 326 -12.79 0.94 -3.59
CA SER A 326 -12.68 2.11 -4.46
CA SER A 326 -12.67 2.10 -4.47
C SER A 326 -13.17 1.87 -5.88
N VAL A 327 -13.13 0.61 -6.35
CA VAL A 327 -13.40 0.27 -7.74
C VAL A 327 -14.57 -0.67 -7.91
N GLN A 328 -15.43 -0.78 -6.89
CA GLN A 328 -16.65 -1.53 -7.00
C GLN A 328 -17.56 -0.73 -7.90
N TRP A 329 -18.13 -1.33 -8.92
CA TRP A 329 -19.03 -0.56 -9.77
C TRP A 329 -20.47 -0.88 -9.42
N PHE A 330 -21.26 0.16 -9.16
CA PHE A 330 -22.72 0.03 -8.95
C PHE A 330 -23.08 -0.96 -7.85
N GLU A 331 -23.94 -1.91 -8.14
CA GLU A 331 -24.55 -2.77 -7.09
C GLU A 331 -23.69 -3.94 -6.79
N ARG A 332 -22.59 -4.13 -7.56
CA ARG A 332 -21.47 -4.97 -7.16
C ARG A 332 -20.73 -5.46 -8.40
N THR A 333 -19.42 -5.48 -8.34
CA THR A 333 -18.61 -6.22 -9.33
C THR A 333 -17.88 -7.32 -8.65
N LEU A 334 -17.66 -8.43 -9.36
CA LEU A 334 -17.11 -9.63 -8.73
C LEU A 334 -15.58 -9.72 -8.69
N ASP A 335 -14.92 -8.58 -8.94
CA ASP A 335 -13.50 -8.42 -8.68
C ASP A 335 -13.17 -8.23 -7.20
N ASP A 336 -14.18 -8.26 -6.31
CA ASP A 336 -13.91 -8.34 -4.89
C ASP A 336 -13.59 -9.72 -4.41
N SER A 337 -14.02 -10.73 -5.13
CA SER A 337 -14.21 -12.04 -4.54
C SER A 337 -12.92 -12.78 -4.21
N ALA A 338 -12.04 -12.93 -5.19
CA ALA A 338 -10.78 -13.64 -4.95
C ALA A 338 -9.88 -12.91 -3.96
N ASN A 339 -9.85 -11.57 -4.08
CA ASN A 339 -9.07 -10.76 -3.23
C ASN A 339 -9.47 -10.94 -1.77
N ARG A 340 -10.78 -10.98 -1.52
CA ARG A 340 -11.28 -11.06 -0.12
C ARG A 340 -11.03 -12.45 0.47
N ARG A 341 -11.12 -13.45 -0.39
CA ARG A 341 -10.78 -14.83 0.00
C ARG A 341 -9.39 -14.92 0.57
N ILE A 342 -8.48 -14.10 0.05
CA ILE A 342 -7.12 -14.06 0.48
C ILE A 342 -6.99 -13.15 1.66
N CYS A 343 -7.33 -11.87 1.47
CA CYS A 343 -6.93 -10.89 2.48
C CYS A 343 -7.66 -11.00 3.82
N LEU A 344 -8.93 -11.33 3.82
CA LEU A 344 -9.68 -11.30 5.07
C LEU A 344 -9.22 -12.47 5.97
N ALA A 345 -9.13 -13.64 5.38
CA ALA A 345 -8.59 -14.79 6.11
C ALA A 345 -7.11 -14.60 6.56
N GLU A 346 -6.24 -14.16 5.65
CA GLU A 346 -4.85 -13.91 6.01
C GLU A 346 -4.68 -12.90 7.10
N ALA A 347 -5.44 -11.82 7.03
CA ALA A 347 -5.32 -10.79 8.06
C ALA A 347 -5.66 -11.37 9.45
N PHE A 348 -6.78 -12.08 9.53
CA PHE A 348 -7.13 -12.71 10.80
C PHE A 348 -6.23 -13.86 11.27
N LEU A 349 -5.74 -14.70 10.36
CA LEU A 349 -4.75 -15.75 10.74
C LEU A 349 -3.43 -15.13 11.22
N THR A 350 -3.00 -14.06 10.56
CA THR A 350 -1.78 -13.37 10.95
C THR A 350 -1.95 -12.72 12.32
N ALA A 351 -3.10 -12.07 12.55
CA ALA A 351 -3.36 -11.41 13.83
C ALA A 351 -3.43 -12.42 14.94
N ASP A 352 -4.08 -13.54 14.67
CA ASP A 352 -4.22 -14.63 15.66
C ASP A 352 -2.86 -15.20 16.07
N THR A 353 -1.99 -15.36 15.06
CA THR A 353 -0.64 -15.80 15.30
C THR A 353 0.14 -14.84 16.15
N ILE A 354 0.04 -13.54 15.80
CA ILE A 354 0.73 -12.53 16.54
C ILE A 354 0.27 -12.55 18.01
N LEU A 355 -1.04 -12.62 18.23
CA LEU A 355 -1.54 -12.59 19.61
C LEU A 355 -1.14 -13.85 20.41
N ASN A 356 -1.15 -15.00 19.79
CA ASN A 356 -0.67 -16.24 20.48
C ASN A 356 0.79 -16.07 20.96
N THR A 357 1.64 -15.63 20.02
CA THR A 357 3.06 -15.42 20.30
C THR A 357 3.28 -14.32 21.32
N LEU A 358 2.54 -13.23 21.21
CA LEU A 358 2.76 -12.12 22.10
C LEU A 358 2.35 -12.48 23.51
N GLN A 359 1.31 -13.30 23.66
CA GLN A 359 0.94 -13.81 25.00
C GLN A 359 2.08 -14.61 25.63
N ASN A 360 2.73 -15.43 24.82
CA ASN A 360 3.89 -16.18 25.24
C ASN A 360 5.03 -15.26 25.66
N ILE A 361 5.32 -14.21 24.86
CA ILE A 361 6.35 -13.24 25.22
C ILE A 361 6.05 -12.57 26.56
N SER A 362 4.80 -12.25 26.80
CA SER A 362 4.42 -11.44 27.96
C SER A 362 4.48 -12.24 29.26
N GLU A 363 4.54 -13.57 29.17
CA GLU A 363 4.47 -14.44 30.36
C GLU A 363 5.92 -14.78 30.80
N GLY A 364 6.44 -13.98 31.70
CA GLY A 364 7.78 -14.17 32.24
C GLY A 364 8.93 -13.53 31.50
N LEU A 365 8.72 -12.29 31.05
CA LEU A 365 9.79 -11.45 30.55
C LEU A 365 10.90 -11.43 31.58
N VAL A 366 12.12 -11.53 31.08
CA VAL A 366 13.32 -11.62 31.90
C VAL A 366 13.94 -10.21 31.98
N VAL A 367 14.30 -9.80 33.18
CA VAL A 367 14.82 -8.47 33.44
C VAL A 367 16.14 -8.67 34.16
N TYR A 368 17.14 -7.87 33.78
CA TYR A 368 18.41 -7.84 34.48
C TYR A 368 18.69 -6.50 35.12
N PRO A 369 18.26 -6.32 36.38
CA PRO A 369 18.43 -5.02 37.00
C PRO A 369 19.88 -4.56 37.17
N LYS A 370 20.84 -5.48 37.24
CA LYS A 370 22.21 -5.06 37.44
C LYS A 370 22.81 -4.51 36.17
N VAL A 371 22.31 -4.98 35.02
CA VAL A 371 22.73 -4.44 33.73
C VAL A 371 22.14 -3.02 33.59
N ILE A 372 20.82 -2.93 33.86
CA ILE A 372 20.07 -1.67 33.85
C ILE A 372 20.80 -0.66 34.73
N GLU A 373 21.18 -1.12 35.91
CA GLU A 373 21.82 -0.25 36.91
C GLU A 373 23.15 0.30 36.46
N ARG A 374 23.99 -0.58 35.93
CA ARG A 374 25.26 -0.14 35.39
C ARG A 374 25.13 0.88 34.27
N ARG A 375 24.15 0.70 33.38
CA ARG A 375 23.93 1.69 32.30
C ARG A 375 23.48 3.05 32.85
N ILE A 376 22.60 3.02 33.82
CA ILE A 376 22.24 4.26 34.51
C ILE A 376 23.47 4.95 35.14
N ARG A 377 24.31 4.21 35.87
CA ARG A 377 25.53 4.85 36.48
C ARG A 377 26.45 5.49 35.46
N GLN A 378 26.49 4.95 34.25
CA GLN A 378 27.27 5.54 33.17
C GLN A 378 26.76 6.89 32.70
N GLU A 379 25.44 7.03 32.65
CA GLU A 379 24.81 8.19 32.02
C GLU A 379 24.37 9.24 33.02
N LEU A 380 24.14 8.84 34.27
CA LEU A 380 23.46 9.72 35.23
C LEU A 380 24.27 10.92 35.71
N PRO A 381 25.59 10.77 35.91
CA PRO A 381 26.40 11.93 36.30
C PRO A 381 26.27 13.13 35.35
N PHE A 382 26.11 12.86 34.06
CA PHE A 382 25.87 13.93 33.05
C PHE A 382 24.48 14.53 33.13
N MET A 383 23.52 13.81 33.69
CA MET A 383 22.14 14.30 33.80
C MET A 383 21.83 14.93 35.16
N ALA A 384 22.81 14.90 36.07
CA ALA A 384 22.61 15.38 37.43
C ALA A 384 23.30 16.71 37.68
N THR A 385 23.97 17.27 36.66
CA THR A 385 24.80 18.46 36.87
C THR A 385 23.92 19.62 37.36
N GLU A 386 22.71 19.75 36.82
CA GLU A 386 21.77 20.75 37.34
C GLU A 386 21.61 20.64 38.87
N ASN A 387 21.32 19.43 39.35
CA ASN A 387 21.14 19.22 40.78
C ASN A 387 22.41 19.44 41.60
N ILE A 388 23.58 19.19 41.01
CA ILE A 388 24.84 19.41 41.73
C ILE A 388 25.13 20.91 41.97
N ILE A 389 24.70 21.78 41.06
CA ILE A 389 24.91 23.21 41.28
C ILE A 389 23.78 23.64 42.21
N MET A 390 23.87 23.25 43.48
CA MET A 390 22.82 23.56 44.45
C MET A 390 23.22 23.00 45.80
N GLN A 412 35.04 16.78 29.79
CA GLN A 412 36.20 15.97 30.17
C GLN A 412 35.92 14.48 30.37
N ALA A 413 35.07 14.16 31.34
CA ALA A 413 34.64 12.78 31.55
C ALA A 413 33.97 12.26 30.28
N ALA A 414 33.17 13.14 29.65
CA ALA A 414 32.56 12.85 28.34
C ALA A 414 33.59 12.49 27.26
N SER A 415 34.72 13.21 27.26
CA SER A 415 35.81 12.99 26.31
C SER A 415 36.55 11.69 26.54
N VAL A 416 36.82 11.36 27.80
CA VAL A 416 37.31 10.04 28.18
C VAL A 416 36.38 8.93 27.64
N VAL A 417 35.10 8.98 28.02
CA VAL A 417 34.09 7.99 27.59
C VAL A 417 34.06 7.82 26.06
N LYS A 418 33.99 8.93 25.36
CA LYS A 418 33.91 8.91 23.92
C LYS A 418 35.16 8.47 23.20
N GLN A 419 36.30 8.92 23.64
CA GLN A 419 37.55 8.59 23.02
C GLN A 419 38.17 7.29 23.53
N GLU A 420 37.84 6.89 24.76
CA GLU A 420 38.46 5.68 25.38
C GLU A 420 37.49 4.53 25.65
N GLY A 421 36.20 4.74 25.40
CA GLY A 421 35.18 3.84 25.93
C GLY A 421 35.51 3.47 27.36
N GLY A 422 35.85 4.48 28.18
CA GLY A 422 36.09 4.30 29.59
C GLY A 422 34.79 4.36 30.36
N ASP A 423 34.81 3.92 31.60
CA ASP A 423 33.76 4.25 32.57
C ASP A 423 33.76 5.74 32.80
N ASN A 424 32.58 6.24 33.12
CA ASN A 424 32.36 7.62 33.44
C ASN A 424 33.08 7.90 34.77
N ASP A 425 33.87 8.96 34.80
CA ASP A 425 34.67 9.32 36.00
C ASP A 425 34.29 10.69 36.57
N LEU A 426 33.14 11.22 36.14
CA LEU A 426 32.75 12.57 36.49
C LEU A 426 32.57 12.75 37.98
N ILE A 427 31.91 11.79 38.62
CA ILE A 427 31.68 11.86 40.05
C ILE A 427 33.01 11.66 40.76
N GLU A 428 33.80 10.71 40.29
CA GLU A 428 35.08 10.43 40.90
C GLU A 428 36.02 11.64 40.80
N ARG A 429 35.96 12.37 39.69
CA ARG A 429 36.67 13.66 39.57
C ARG A 429 36.16 14.68 40.59
N ILE A 430 34.84 14.75 40.77
CA ILE A 430 34.22 15.74 41.66
C ILE A 430 34.61 15.53 43.15
N GLN A 431 34.51 14.29 43.63
CA GLN A 431 34.93 13.94 45.02
C GLN A 431 36.41 14.19 45.32
N ALA A 432 37.23 14.15 44.27
CA ALA A 432 38.66 14.37 44.38
C ALA A 432 39.08 15.82 44.05
N ASP A 433 38.12 16.75 43.93
CA ASP A 433 38.43 18.19 43.72
C ASP A 433 38.04 19.00 44.97
N ALA A 434 38.85 20.02 45.30
CA ALA A 434 38.64 20.87 46.49
C ALA A 434 37.36 21.68 46.37
N TYR A 435 37.23 22.40 45.24
CA TYR A 435 36.10 23.29 44.96
C TYR A 435 34.72 22.76 45.43
N PHE A 436 34.47 21.45 45.28
CA PHE A 436 33.14 20.86 45.55
C PHE A 436 32.96 20.34 46.99
N SER A 437 33.84 20.74 47.92
CA SER A 437 33.72 20.40 49.35
C SER A 437 32.34 20.66 50.01
N PRO A 438 31.72 21.85 49.77
CA PRO A 438 30.35 22.04 50.32
C PRO A 438 29.34 20.93 49.93
N ILE A 439 29.46 20.43 48.68
CA ILE A 439 28.52 19.47 48.07
C ILE A 439 28.89 17.97 48.32
N HIS A 440 30.17 17.67 48.54
CA HIS A 440 30.69 16.28 48.62
C HIS A 440 29.85 15.26 49.36
N SER A 441 29.30 15.63 50.51
CA SER A 441 28.66 14.65 51.38
C SER A 441 27.26 14.29 50.90
N GLN A 442 26.69 15.15 50.05
CA GLN A 442 25.38 14.87 49.43
C GLN A 442 25.43 13.94 48.20
N LEU A 443 26.63 13.67 47.66
CA LEU A 443 26.78 13.14 46.30
C LEU A 443 26.13 11.80 46.09
N ASP A 444 26.07 10.97 47.12
CA ASP A 444 25.27 9.75 47.06
C ASP A 444 23.81 10.11 46.89
N HIS A 445 23.23 10.76 47.88
CA HIS A 445 21.85 11.22 47.76
C HIS A 445 21.59 11.94 46.41
N LEU A 446 22.51 12.80 45.96
CA LEU A 446 22.29 13.59 44.74
C LEU A 446 22.25 12.74 43.45
N LEU A 447 22.88 11.57 43.48
CA LEU A 447 22.90 10.65 42.34
C LEU A 447 21.91 9.50 42.47
N ASP A 448 20.92 9.62 43.36
CA ASP A 448 20.00 8.53 43.61
C ASP A 448 19.12 8.40 42.34
N PRO A 449 19.16 7.25 41.65
CA PRO A 449 18.37 7.09 40.40
C PRO A 449 16.89 7.29 40.57
N SER A 450 16.35 6.82 41.70
CA SER A 450 14.92 6.96 42.01
C SER A 450 14.43 8.40 41.95
N SER A 451 15.28 9.32 42.40
CA SER A 451 15.04 10.79 42.31
C SER A 451 15.02 11.39 40.90
N PHE A 452 15.46 10.63 39.89
CA PHE A 452 15.44 11.09 38.49
C PHE A 452 14.30 10.54 37.60
N THR A 453 13.44 9.69 38.15
CA THR A 453 12.43 9.01 37.37
C THR A 453 11.12 9.85 37.29
N GLY A 454 11.11 11.07 37.84
CA GLY A 454 9.90 11.88 37.79
C GLY A 454 8.71 11.21 38.42
N ARG A 455 7.57 11.26 37.74
CA ARG A 455 6.34 10.66 38.23
C ARG A 455 6.02 9.26 37.66
N ALA A 456 7.03 8.60 37.08
CA ALA A 456 6.80 7.32 36.38
C ALA A 456 6.00 6.31 37.20
N SER A 457 6.34 6.12 38.47
CA SER A 457 5.66 5.05 39.23
C SER A 457 4.22 5.37 39.57
N GLN A 458 3.93 6.62 39.88
CA GLN A 458 2.55 7.05 40.11
C GLN A 458 1.73 7.05 38.80
N GLN A 459 2.39 7.45 37.71
CA GLN A 459 1.71 7.37 36.42
C GLN A 459 1.24 5.95 36.10
N VAL A 460 2.11 4.94 36.37
CA VAL A 460 1.75 3.54 36.17
C VAL A 460 0.51 3.18 36.97
N GLN A 461 0.49 3.53 38.24
CA GLN A 461 -0.65 3.11 39.06
C GLN A 461 -1.95 3.79 38.64
N ARG A 462 -1.90 5.08 38.35
CA ARG A 462 -3.13 5.78 37.94
C ARG A 462 -3.62 5.21 36.61
N PHE A 463 -2.71 5.04 35.65
CA PHE A 463 -3.07 4.40 34.36
C PHE A 463 -3.77 3.02 34.53
N LEU A 464 -3.20 2.14 35.36
CA LEU A 464 -3.73 0.78 35.50
C LEU A 464 -5.10 0.82 36.09
N GLU A 465 -5.30 1.63 37.14
CA GLU A 465 -6.62 1.69 37.80
C GLU A 465 -7.70 2.36 36.96
N GLU A 466 -7.36 3.47 36.33
CA GLU A 466 -8.36 4.27 35.65
C GLU A 466 -8.69 3.72 34.28
N GLU A 467 -7.67 3.21 33.58
CA GLU A 467 -7.82 2.93 32.15
C GLU A 467 -7.70 1.46 31.79
N VAL A 468 -6.81 0.71 32.43
CA VAL A 468 -6.55 -0.68 32.02
C VAL A 468 -7.49 -1.67 32.72
N TYR A 469 -7.49 -1.67 34.04
CA TYR A 469 -8.37 -2.61 34.77
C TYR A 469 -9.82 -2.62 34.29
N PRO A 470 -10.46 -1.44 34.14
CA PRO A 470 -11.85 -1.41 33.71
C PRO A 470 -12.08 -2.08 32.37
N LEU A 471 -11.10 -1.99 31.46
CA LEU A 471 -11.22 -2.65 30.17
C LEU A 471 -11.13 -4.17 30.25
N LEU A 472 -10.29 -4.68 31.18
CA LEU A 472 -10.07 -6.12 31.32
C LEU A 472 -11.20 -6.86 32.05
N LYS A 473 -11.99 -6.11 32.81
CA LYS A 473 -12.98 -6.71 33.73
C LYS A 473 -13.99 -7.65 33.04
N PRO A 474 -14.53 -7.25 31.87
CA PRO A 474 -15.35 -8.21 31.08
C PRO A 474 -14.66 -9.57 30.74
N TYR A 475 -13.33 -9.61 30.75
CA TYR A 475 -12.57 -10.80 30.36
C TYR A 475 -12.06 -11.62 31.57
N GLU A 476 -12.51 -11.31 32.80
CA GLU A 476 -11.95 -11.98 34.03
C GLU A 476 -11.96 -13.51 33.91
N SER A 477 -13.06 -14.05 33.38
CA SER A 477 -13.29 -15.52 33.35
C SER A 477 -12.40 -16.28 32.39
N VAL A 478 -11.79 -15.59 31.42
CA VAL A 478 -10.86 -16.24 30.46
C VAL A 478 -9.41 -15.76 30.61
N MET A 479 -9.09 -15.10 31.73
CA MET A 479 -7.71 -14.61 31.97
C MET A 479 -6.69 -15.72 32.10
N LYS A 480 -7.12 -16.86 32.64
CA LYS A 480 -6.22 -17.93 33.06
C LYS A 480 -5.84 -18.89 31.93
N VAL A 481 -6.49 -18.75 30.77
CA VAL A 481 -6.18 -19.61 29.62
C VAL A 481 -4.72 -19.42 29.17
N LYS A 482 -4.07 -20.53 28.86
CA LYS A 482 -2.61 -20.55 28.63
C LYS A 482 -2.25 -20.10 27.22
N ALA A 483 -1.01 -19.62 27.08
CA ALA A 483 -0.35 -19.47 25.76
C ALA A 483 -0.22 -20.83 25.04
N GLU A 484 -0.31 -20.80 23.71
CA GLU A 484 -0.47 -22.02 22.88
C GLU A 484 0.82 -22.68 22.36
N GLY B 11 3.48 31.65 -3.77
CA GLY B 11 4.69 32.51 -4.04
C GLY B 11 5.10 32.63 -5.50
N SER B 12 6.39 32.37 -5.77
CA SER B 12 7.02 32.59 -7.09
C SER B 12 6.82 31.41 -8.08
N PRO B 13 6.52 31.70 -9.37
CA PRO B 13 6.51 30.60 -10.34
C PRO B 13 7.88 29.99 -10.64
N ASP B 14 8.97 30.58 -10.12
CA ASP B 14 10.31 30.01 -10.27
C ASP B 14 10.65 28.89 -9.31
N SER B 15 9.77 28.56 -8.37
CA SER B 15 9.95 27.32 -7.57
C SER B 15 8.68 26.51 -7.41
N TYR B 16 8.83 25.22 -7.14
CA TYR B 16 7.71 24.33 -6.79
C TYR B 16 6.78 25.00 -5.77
N ARG B 17 5.49 24.92 -6.03
CA ARG B 17 4.47 25.30 -5.06
C ARG B 17 3.56 24.09 -4.99
N SER B 18 3.33 23.53 -3.79
CA SER B 18 2.42 22.36 -3.71
C SER B 18 1.11 22.74 -4.37
N PRO B 19 0.60 21.88 -5.27
CA PRO B 19 -0.73 22.20 -5.80
C PRO B 19 -1.86 22.00 -4.74
N LEU B 20 -1.62 21.26 -3.66
CA LEU B 20 -2.61 21.20 -2.56
C LEU B 20 -2.83 22.57 -1.88
N ALA B 21 -1.76 23.35 -1.74
CA ALA B 21 -1.85 24.68 -1.15
C ALA B 21 -2.30 25.71 -2.18
N SER B 22 -1.78 25.61 -3.39
CA SER B 22 -1.89 26.70 -4.37
C SER B 22 -3.07 26.54 -5.35
N ARG B 23 -3.46 25.29 -5.66
CA ARG B 23 -4.50 25.00 -6.66
C ARG B 23 -5.81 24.37 -6.08
N TYR B 24 -5.70 23.58 -5.01
CA TYR B 24 -6.77 22.63 -4.62
C TYR B 24 -7.53 23.03 -3.32
N ALA B 25 -6.85 23.05 -2.18
CA ALA B 25 -7.55 23.16 -0.88
C ALA B 25 -8.13 24.56 -0.59
N SER B 26 -9.10 24.61 0.30
CA SER B 26 -9.69 25.88 0.74
C SER B 26 -8.69 26.75 1.55
N PRO B 27 -8.89 28.08 1.51
CA PRO B 27 -8.07 28.99 2.36
C PRO B 27 -8.12 28.62 3.82
N GLU B 28 -9.28 28.16 4.31
CA GLU B 28 -9.46 27.85 5.73
C GLU B 28 -8.61 26.64 6.18
N MET B 29 -8.58 25.59 5.36
CA MET B 29 -7.74 24.44 5.65
C MET B 29 -6.26 24.80 5.48
N CYS B 30 -5.95 25.57 4.44
CA CYS B 30 -4.58 25.99 4.26
C CYS B 30 -4.09 26.76 5.49
N PHE B 31 -4.96 27.57 6.09
CA PHE B 31 -4.54 28.36 7.23
C PHE B 31 -4.27 27.49 8.47
N VAL B 32 -5.09 26.47 8.70
CA VAL B 32 -4.88 25.57 9.85
C VAL B 32 -3.49 24.94 9.82
N PHE B 33 -2.96 24.72 8.64
CA PHE B 33 -1.61 24.15 8.48
C PHE B 33 -0.55 25.18 8.21
N SER B 34 -0.86 26.48 8.39
CA SER B 34 0.14 27.57 8.18
C SER B 34 1.06 27.79 9.37
N ASP B 35 2.19 28.40 9.11
CA ASP B 35 3.11 28.84 10.19
C ASP B 35 2.51 29.89 11.10
N ARG B 36 1.64 30.73 10.55
CA ARG B 36 0.99 31.71 11.39
C ARG B 36 0.14 31.05 12.45
N TYR B 37 -0.72 30.13 12.02
CA TYR B 37 -1.55 29.37 12.94
C TYR B 37 -0.68 28.61 13.95
N LYS B 38 0.40 28.00 13.47
CA LYS B 38 1.23 27.14 14.31
C LYS B 38 1.85 27.98 15.42
N PHE B 39 2.47 29.10 15.05
CA PHE B 39 3.19 29.91 16.04
C PHE B 39 2.27 30.76 16.92
N ARG B 40 1.08 31.11 16.44
CA ARG B 40 0.05 31.72 17.29
C ARG B 40 -0.38 30.72 18.32
N THR B 41 -0.52 29.45 17.92
CA THR B 41 -0.95 28.42 18.85
C THR B 41 0.15 28.12 19.89
N TRP B 42 1.42 28.12 19.48
CA TRP B 42 2.53 28.04 20.45
C TRP B 42 2.34 29.14 21.53
N ARG B 43 2.04 30.35 21.10
CA ARG B 43 1.94 31.47 22.06
C ARG B 43 0.73 31.29 22.96
N GLN B 44 -0.39 30.89 22.37
CA GLN B 44 -1.52 30.53 23.13
C GLN B 44 -1.21 29.49 24.21
N LEU B 45 -0.45 28.45 23.85
CA LEU B 45 -0.12 27.40 24.81
C LEU B 45 0.80 27.94 25.92
N TRP B 46 1.74 28.81 25.55
CA TRP B 46 2.51 29.55 26.56
C TRP B 46 1.64 30.39 27.50
N LEU B 47 0.65 31.09 26.96
CA LEU B 47 -0.25 31.89 27.79
C LEU B 47 -0.99 31.01 28.80
N TRP B 48 -1.58 29.92 28.33
CA TRP B 48 -2.32 29.01 29.19
C TRP B 48 -1.44 28.39 30.28
N LEU B 49 -0.20 28.08 29.92
CA LEU B 49 0.74 27.53 30.87
C LEU B 49 0.97 28.53 32.02
N ALA B 50 1.30 29.77 31.64
CA ALA B 50 1.49 30.90 32.58
C ALA B 50 0.28 31.13 33.46
N GLU B 51 -0.92 31.09 32.87
CA GLU B 51 -2.16 31.25 33.64
C GLU B 51 -2.31 30.17 34.70
N ALA B 52 -2.14 28.92 34.28
CA ALA B 52 -2.28 27.79 35.19
C ALA B 52 -1.15 27.79 36.20
N GLU B 53 0.04 28.23 35.78
CA GLU B 53 1.19 28.24 36.65
C GLU B 53 1.00 29.26 37.80
N GLN B 54 0.39 30.41 37.47
CA GLN B 54 0.07 31.46 38.47
C GLN B 54 -0.92 30.95 39.53
N THR B 55 -2.01 30.36 39.06
CA THR B 55 -3.03 29.74 39.91
C THR B 55 -2.49 28.73 40.97
N LEU B 56 -1.46 27.99 40.59
CA LEU B 56 -0.85 27.01 41.51
C LEU B 56 0.34 27.63 42.27
N GLY B 57 0.44 28.97 42.25
CA GLY B 57 1.28 29.70 43.17
C GLY B 57 2.70 29.95 42.72
N LEU B 58 2.97 29.92 41.41
CA LEU B 58 4.31 30.25 40.91
C LEU B 58 4.45 31.77 40.74
N PRO B 59 5.68 32.31 40.80
CA PRO B 59 5.91 33.77 40.73
C PRO B 59 5.69 34.35 39.31
N ILE B 60 4.41 34.53 38.98
CA ILE B 60 3.97 35.03 37.68
C ILE B 60 2.89 36.08 37.96
N THR B 61 3.07 37.29 37.43
CA THR B 61 2.13 38.42 37.70
C THR B 61 1.11 38.62 36.59
N ASP B 62 0.02 39.29 36.95
CA ASP B 62 -1.04 39.66 35.99
C ASP B 62 -0.50 40.52 34.86
N GLU B 63 0.51 41.34 35.15
CA GLU B 63 1.08 42.19 34.11
C GLU B 63 1.76 41.33 33.04
N GLN B 64 2.64 40.44 33.49
CA GLN B 64 3.31 39.49 32.62
C GLN B 64 2.30 38.72 31.75
N ILE B 65 1.27 38.17 32.39
CA ILE B 65 0.19 37.45 31.69
C ILE B 65 -0.53 38.32 30.66
N GLN B 66 -0.99 39.50 31.09
CA GLN B 66 -1.71 40.42 30.21
C GLN B 66 -0.89 40.81 28.97
N GLU B 67 0.42 40.86 29.12
CA GLU B 67 1.26 41.26 28.00
C GLU B 67 1.47 40.08 27.01
N MET B 68 1.44 38.85 27.49
CA MET B 68 1.45 37.73 26.56
C MET B 68 0.14 37.69 25.79
N LYS B 69 -0.97 37.93 26.49
CA LYS B 69 -2.29 37.92 25.85
C LYS B 69 -2.43 39.00 24.76
N SER B 70 -1.75 40.12 24.98
CA SER B 70 -1.72 41.22 24.02
C SER B 70 -0.93 40.90 22.76
N ASN B 71 0.03 39.98 22.84
CA ASN B 71 1.01 39.77 21.79
C ASN B 71 0.99 38.33 21.22
N LEU B 72 -0.17 37.68 21.32
CA LEU B 72 -0.40 36.38 20.70
C LEU B 72 -0.21 36.42 19.18
N GLU B 73 -0.62 37.50 18.53
CA GLU B 73 -0.62 37.56 17.07
C GLU B 73 0.54 38.40 16.59
N ASN B 74 1.19 39.10 17.50
CA ASN B 74 2.23 40.04 17.10
C ASN B 74 3.57 39.31 16.86
N ILE B 75 3.63 38.55 15.77
CA ILE B 75 4.68 37.54 15.60
C ILE B 75 5.68 38.01 14.57
N ASP B 76 6.91 38.24 15.01
CA ASP B 76 7.98 38.68 14.09
C ASP B 76 8.75 37.46 13.51
N PHE B 77 8.35 37.06 12.30
CA PHE B 77 8.83 35.84 11.63
C PHE B 77 10.27 35.94 11.20
N LYS B 78 10.68 37.15 10.85
CA LYS B 78 12.06 37.42 10.51
C LYS B 78 12.98 37.20 11.72
N MET B 79 12.63 37.78 12.85
CA MET B 79 13.39 37.54 14.08
C MET B 79 13.36 36.07 14.49
N ALA B 80 12.21 35.42 14.38
CA ALA B 80 12.14 33.99 14.71
C ALA B 80 13.10 33.18 13.83
N ALA B 81 13.10 33.49 12.52
CA ALA B 81 13.94 32.77 11.52
C ALA B 81 15.44 32.95 11.72
N GLU B 82 15.87 34.19 11.95
CA GLU B 82 17.28 34.49 12.26
C GLU B 82 17.73 33.89 13.60
N GLU B 83 16.87 33.96 14.63
CA GLU B 83 17.20 33.34 15.92
C GLU B 83 17.29 31.81 15.80
N GLU B 84 16.41 31.20 15.00
CA GLU B 84 16.56 29.77 14.70
C GLU B 84 17.84 29.45 13.90
N LYS B 85 18.22 30.29 12.94
CA LYS B 85 19.46 30.07 12.22
C LYS B 85 20.67 30.11 13.17
N ARG B 86 20.66 31.06 14.12
CA ARG B 86 21.72 31.18 15.12
C ARG B 86 21.66 29.99 16.09
N LEU B 87 20.50 29.79 16.71
CA LEU B 87 20.31 28.77 17.77
C LEU B 87 20.10 27.33 17.25
N ARG B 88 19.63 27.18 16.03
CA ARG B 88 19.18 25.88 15.52
C ARG B 88 18.24 25.13 16.48
N HIS B 89 17.34 25.86 17.12
CA HIS B 89 16.24 25.26 17.86
C HIS B 89 15.02 26.14 17.61
N ASP B 90 13.98 25.59 16.97
CA ASP B 90 12.77 26.35 16.69
C ASP B 90 12.07 26.87 17.98
N VAL B 91 11.97 26.05 19.03
CA VAL B 91 11.20 26.49 20.18
C VAL B 91 11.91 27.60 20.93
N MET B 92 13.21 27.44 21.13
CA MET B 92 13.98 28.47 21.81
C MET B 92 14.01 29.76 21.02
N ALA B 93 14.10 29.66 19.68
CA ALA B 93 13.98 30.85 18.80
C ALA B 93 12.65 31.61 19.03
N HIS B 94 11.58 30.85 19.19
CA HIS B 94 10.29 31.41 19.44
C HIS B 94 10.10 31.89 20.87
N VAL B 95 10.73 31.24 21.84
CA VAL B 95 10.76 31.77 23.22
C VAL B 95 11.45 33.15 23.24
N HIS B 96 12.60 33.23 22.58
CA HIS B 96 13.35 34.47 22.52
C HIS B 96 12.57 35.56 21.80
N THR B 97 11.95 35.22 20.64
CA THR B 97 11.16 36.19 19.88
C THR B 97 9.90 36.65 20.63
N PHE B 98 9.28 35.76 21.37
CA PHE B 98 8.10 36.14 22.17
C PHE B 98 8.52 37.01 23.36
N GLY B 99 9.70 36.71 23.91
CA GLY B 99 10.26 37.48 25.03
C GLY B 99 10.67 38.88 24.62
N HIS B 100 11.11 39.04 23.38
CA HIS B 100 11.49 40.34 22.86
C HIS B 100 10.30 41.29 22.90
N CYS B 101 9.13 40.86 22.40
CA CYS B 101 7.96 41.75 22.41
C CYS B 101 7.17 41.66 23.72
N CYS B 102 7.54 40.77 24.62
CA CYS B 102 6.96 40.72 25.97
C CYS B 102 8.09 40.78 27.00
N PRO B 103 8.72 41.97 27.14
CA PRO B 103 9.95 42.09 27.94
C PRO B 103 9.72 41.78 29.42
N LYS B 104 8.53 42.08 29.91
CA LYS B 104 8.16 41.83 31.32
C LYS B 104 7.88 40.36 31.59
N ALA B 105 7.40 39.63 30.58
CA ALA B 105 7.08 38.20 30.72
C ALA B 105 8.21 37.28 30.29
N ALA B 106 9.20 37.81 29.57
CA ALA B 106 10.27 37.01 28.96
C ALA B 106 10.77 35.87 29.85
N GLY B 107 11.00 36.17 31.13
CA GLY B 107 11.61 35.22 32.04
C GLY B 107 10.70 34.07 32.44
N ILE B 108 9.39 34.30 32.43
CA ILE B 108 8.45 33.24 32.78
C ILE B 108 7.87 32.42 31.58
N ILE B 109 8.15 32.84 30.36
CA ILE B 109 7.62 32.12 29.18
C ILE B 109 8.27 30.72 29.13
N HIS B 110 7.45 29.65 28.99
CA HIS B 110 7.92 28.27 28.78
C HIS B 110 8.46 27.61 30.08
N LEU B 111 8.05 28.17 31.22
CA LEU B 111 8.65 27.83 32.51
C LEU B 111 8.35 26.40 32.90
N GLY B 112 9.40 25.59 33.06
CA GLY B 112 9.23 24.21 33.45
C GLY B 112 8.80 23.27 32.34
N ALA B 113 8.49 23.81 31.16
CA ALA B 113 8.08 23.00 29.97
C ALA B 113 9.24 22.52 29.08
N THR B 114 8.95 21.54 28.21
CA THR B 114 9.90 21.03 27.22
C THR B 114 9.33 21.28 25.82
N SER B 115 10.11 21.05 24.78
CA SER B 115 9.73 21.51 23.43
C SER B 115 8.35 21.05 23.02
N CYS B 116 8.05 19.78 23.31
CA CYS B 116 6.79 19.19 22.85
C CYS B 116 5.56 19.73 23.53
N TYR B 117 5.70 20.45 24.65
CA TYR B 117 4.51 21.12 25.24
C TYR B 117 3.82 21.99 24.16
N VAL B 118 4.62 22.74 23.40
CA VAL B 118 4.08 23.54 22.32
C VAL B 118 4.01 22.77 20.99
N GLY B 119 5.09 22.10 20.60
CA GLY B 119 5.13 21.35 19.31
C GLY B 119 4.00 20.34 19.13
N ASP B 120 3.84 19.47 20.11
CA ASP B 120 2.95 18.31 20.00
C ASP B 120 1.50 18.63 20.38
N ASN B 121 1.30 19.49 21.39
CA ASN B 121 -0.06 19.95 21.70
C ASN B 121 -0.65 20.78 20.55
N THR B 122 0.20 21.53 19.87
CA THR B 122 -0.23 22.26 18.68
C THR B 122 -0.64 21.34 17.55
N ASP B 123 0.17 20.31 17.31
CA ASP B 123 -0.29 19.26 16.38
C ASP B 123 -1.70 18.68 16.68
N LEU B 124 -1.99 18.35 17.94
CA LEU B 124 -3.32 17.90 18.30
C LEU B 124 -4.40 18.95 18.06
N ILE B 125 -4.14 20.19 18.45
CA ILE B 125 -5.09 21.28 18.24
C ILE B 125 -5.37 21.43 16.72
N ILE B 126 -4.32 21.32 15.90
CA ILE B 126 -4.45 21.39 14.43
C ILE B 126 -5.31 20.25 13.89
N LEU B 127 -5.01 19.00 14.30
CA LEU B 127 -5.75 17.85 13.82
C LEU B 127 -7.20 18.00 14.17
N ARG B 128 -7.46 18.36 15.41
CA ARG B 128 -8.83 18.57 15.78
C ARG B 128 -9.56 19.67 15.00
N ASN B 129 -8.91 20.83 14.81
CA ASN B 129 -9.50 21.93 14.04
C ASN B 129 -9.75 21.49 12.61
N ALA B 130 -8.83 20.69 12.06
CA ALA B 130 -8.93 20.21 10.66
C ALA B 130 -10.11 19.25 10.52
N LEU B 131 -10.30 18.36 11.49
CA LEU B 131 -11.45 17.48 11.47
C LEU B 131 -12.77 18.30 11.54
N ASP B 132 -12.76 19.32 12.39
CA ASP B 132 -13.89 20.26 12.50
C ASP B 132 -14.19 21.01 11.19
N LEU B 133 -13.21 21.28 10.34
CA LEU B 133 -13.53 21.88 9.05
C LEU B 133 -14.16 20.90 8.05
N LEU B 134 -13.71 19.64 8.11
CA LEU B 134 -14.22 18.61 7.19
C LEU B 134 -15.66 18.24 7.50
N LEU B 135 -15.98 18.14 8.79
CA LEU B 135 -17.25 17.61 9.19
C LEU B 135 -18.49 18.28 8.51
N PRO B 136 -18.58 19.62 8.56
CA PRO B 136 -19.78 20.26 7.96
C PRO B 136 -19.77 20.16 6.43
N LYS B 137 -18.61 20.03 5.85
CA LYS B 137 -18.54 19.86 4.41
C LYS B 137 -19.10 18.52 4.02
N LEU B 138 -18.71 17.50 4.77
CA LEU B 138 -19.23 16.15 4.53
C LEU B 138 -20.74 16.08 4.78
N ALA B 139 -21.21 16.73 5.83
CA ALA B 139 -22.64 16.83 6.10
C ALA B 139 -23.42 17.49 4.96
N ARG B 140 -22.89 18.57 4.37
CA ARG B 140 -23.56 19.19 3.25
C ARG B 140 -23.63 18.27 2.04
N VAL B 141 -22.56 17.57 1.75
CA VAL B 141 -22.61 16.64 0.64
C VAL B 141 -23.72 15.59 0.89
N ILE B 142 -23.73 15.02 2.08
CA ILE B 142 -24.78 14.02 2.43
C ILE B 142 -26.20 14.63 2.26
N SER B 143 -26.37 15.86 2.72
CA SER B 143 -27.71 16.49 2.66
C SER B 143 -28.17 16.70 1.22
N ARG B 144 -27.26 17.17 0.35
CA ARG B 144 -27.59 17.34 -1.09
C ARG B 144 -27.91 16.04 -1.77
N LEU B 145 -27.14 15.03 -1.46
CA LEU B 145 -27.39 13.71 -2.00
C LEU B 145 -28.68 13.09 -1.43
N ALA B 146 -28.99 13.33 -0.15
CA ALA B 146 -30.29 12.89 0.39
C ALA B 146 -31.44 13.50 -0.36
N ASP B 147 -31.36 14.80 -0.61
CA ASP B 147 -32.39 15.49 -1.41
C ASP B 147 -32.55 14.87 -2.77
N PHE B 148 -31.45 14.60 -3.44
CA PHE B 148 -31.44 13.89 -4.70
C PHE B 148 -32.08 12.51 -4.64
N ALA B 149 -31.77 11.76 -3.58
CA ALA B 149 -32.26 10.38 -3.42
C ALA B 149 -33.79 10.42 -3.20
N LYS B 150 -34.24 11.38 -2.41
CA LYS B 150 -35.69 11.59 -2.21
C LYS B 150 -36.41 11.97 -3.51
N GLU B 151 -35.85 12.97 -4.24
CA GLU B 151 -36.36 13.35 -5.53
C GLU B 151 -36.47 12.17 -6.49
N ARG B 152 -35.43 11.35 -6.51
CA ARG B 152 -35.32 10.27 -7.50
C ARG B 152 -35.64 8.86 -6.97
N ALA B 153 -36.30 8.80 -5.80
CA ALA B 153 -36.57 7.53 -5.09
C ALA B 153 -37.28 6.50 -5.94
N SER B 154 -38.19 6.93 -6.79
CA SER B 154 -39.06 6.08 -7.55
C SER B 154 -38.69 5.97 -9.02
N LEU B 155 -37.60 6.59 -9.43
CA LEU B 155 -37.24 6.62 -10.86
C LEU B 155 -36.52 5.31 -11.25
N PRO B 156 -37.19 4.41 -12.00
CA PRO B 156 -36.47 3.17 -12.32
C PRO B 156 -35.20 3.38 -13.14
N THR B 157 -34.20 2.57 -12.84
CA THR B 157 -32.99 2.57 -13.65
C THR B 157 -32.43 1.17 -13.75
N LEU B 158 -31.69 0.87 -14.80
CA LEU B 158 -31.10 -0.49 -14.91
C LEU B 158 -30.13 -0.76 -13.75
N GLY B 159 -30.32 -1.86 -13.02
CA GLY B 159 -29.38 -2.34 -12.03
C GLY B 159 -28.19 -2.95 -12.73
N PHE B 160 -27.06 -2.93 -12.06
CA PHE B 160 -25.81 -3.47 -12.65
C PHE B 160 -25.07 -4.34 -11.67
N THR B 161 -24.87 -5.60 -12.01
CA THR B 161 -23.94 -6.43 -11.29
C THR B 161 -22.97 -6.98 -12.35
N HIS B 162 -21.70 -6.95 -12.01
CA HIS B 162 -20.62 -7.20 -13.00
C HIS B 162 -20.60 -6.15 -14.12
N PHE B 163 -21.28 -5.01 -13.90
CA PHE B 163 -21.62 -4.05 -14.94
C PHE B 163 -22.32 -4.66 -16.12
N GLN B 164 -23.22 -5.58 -15.80
CA GLN B 164 -24.17 -6.15 -16.74
C GLN B 164 -25.58 -5.99 -16.20
N PRO B 165 -26.59 -5.98 -17.10
CA PRO B 165 -27.97 -5.71 -16.71
C PRO B 165 -28.46 -6.60 -15.64
N ALA B 166 -29.09 -5.99 -14.64
CA ALA B 166 -29.58 -6.75 -13.50
C ALA B 166 -30.86 -6.11 -13.01
N GLN B 167 -31.45 -6.74 -12.02
CA GLN B 167 -32.78 -6.36 -11.48
C GLN B 167 -32.85 -4.84 -11.24
N LEU B 168 -33.84 -4.19 -11.84
CA LEU B 168 -33.91 -2.72 -11.78
C LEU B 168 -33.76 -2.21 -10.37
N THR B 169 -33.11 -1.05 -10.27
CA THR B 169 -33.12 -0.30 -9.02
C THR B 169 -33.79 1.03 -9.34
N THR B 170 -33.63 2.02 -8.48
CA THR B 170 -34.02 3.38 -8.79
C THR B 170 -32.80 4.31 -8.69
N VAL B 171 -32.84 5.43 -9.36
CA VAL B 171 -31.72 6.39 -9.29
C VAL B 171 -31.51 6.79 -7.82
N GLY B 172 -32.58 7.02 -7.08
CA GLY B 172 -32.45 7.32 -5.66
C GLY B 172 -31.94 6.23 -4.76
N LYS B 173 -32.37 5.00 -4.97
CA LYS B 173 -31.79 3.87 -4.23
C LYS B 173 -30.31 3.74 -4.44
N ARG B 174 -29.86 3.90 -5.68
CA ARG B 174 -28.42 3.80 -5.92
C ARG B 174 -27.72 4.93 -5.22
N CYS B 175 -28.33 6.13 -5.21
CA CYS B 175 -27.74 7.25 -4.47
C CYS B 175 -27.56 6.96 -2.98
N CYS B 176 -28.50 6.19 -2.42
CA CYS B 176 -28.35 5.71 -0.99
C CYS B 176 -27.15 4.83 -0.74
N LEU B 177 -26.68 4.07 -1.75
CA LEU B 177 -25.40 3.37 -1.58
C LEU B 177 -24.26 4.32 -1.30
N TRP B 178 -24.21 5.40 -2.08
CA TRP B 178 -23.22 6.45 -1.89
C TRP B 178 -23.40 7.18 -0.55
N ILE B 179 -24.65 7.53 -0.25
CA ILE B 179 -24.94 8.28 0.97
C ILE B 179 -24.52 7.47 2.20
N GLN B 180 -24.82 6.17 2.20
CA GLN B 180 -24.48 5.33 3.39
C GLN B 180 -23.04 5.32 3.69
N ASP B 181 -22.21 5.12 2.68
CA ASP B 181 -20.79 5.12 2.94
C ASP B 181 -20.33 6.46 3.50
N LEU B 182 -20.82 7.56 2.92
CA LEU B 182 -20.46 8.91 3.45
C LEU B 182 -20.96 9.13 4.90
N CYS B 183 -22.12 8.58 5.26
CA CYS B 183 -22.61 8.66 6.64
C CYS B 183 -21.72 7.89 7.56
N MET B 184 -21.16 6.76 7.09
CA MET B 184 -20.21 6.04 7.92
C MET B 184 -18.91 6.83 8.10
N ASP B 185 -18.49 7.54 7.08
CA ASP B 185 -17.36 8.43 7.22
C ASP B 185 -17.65 9.59 8.17
N LEU B 186 -18.82 10.18 8.04
CA LEU B 186 -19.16 11.28 8.98
C LEU B 186 -19.07 10.76 10.43
N GLN B 187 -19.67 9.61 10.73
CA GLN B 187 -19.58 9.05 12.07
C GLN B 187 -18.12 8.78 12.48
N ASN B 188 -17.29 8.26 11.59
CA ASN B 188 -15.88 8.03 11.93
C ASN B 188 -15.11 9.32 12.27
N LEU B 189 -15.25 10.33 11.40
CA LEU B 189 -14.58 11.63 11.61
C LEU B 189 -14.97 12.26 12.95
N LYS B 190 -16.26 12.22 13.27
CA LYS B 190 -16.75 12.74 14.54
C LYS B 190 -16.19 11.98 15.74
N ARG B 191 -16.16 10.66 15.66
CA ARG B 191 -15.67 9.84 16.75
C ARG B 191 -14.22 10.16 17.00
N VAL B 192 -13.42 10.19 15.93
CA VAL B 192 -12.02 10.46 16.05
C VAL B 192 -11.76 11.84 16.66
N ARG B 193 -12.56 12.83 16.22
CA ARG B 193 -12.48 14.20 16.68
C ARG B 193 -12.76 14.20 18.19
N ASP B 194 -13.85 13.55 18.55
CA ASP B 194 -14.31 13.56 19.95
C ASP B 194 -13.36 12.82 20.90
N ASP B 195 -12.66 11.80 20.39
CA ASP B 195 -11.88 10.93 21.24
C ASP B 195 -10.45 11.33 21.30
N LEU B 196 -10.09 12.39 20.56
CA LEU B 196 -8.71 12.89 20.54
C LEU B 196 -8.34 13.43 21.94
N ARG B 197 -7.22 12.99 22.48
CA ARG B 197 -6.79 13.42 23.79
C ARG B 197 -5.64 14.35 23.69
N PHE B 198 -5.49 15.20 24.70
CA PHE B 198 -4.41 16.20 24.77
C PHE B 198 -3.15 15.56 25.33
N ARG B 199 -1.99 15.98 24.87
CA ARG B 199 -0.76 15.54 25.51
C ARG B 199 -0.55 16.22 26.85
N GLY B 200 -0.77 17.53 26.91
CA GLY B 200 -0.66 18.26 28.13
C GLY B 200 0.80 18.46 28.53
N VAL B 201 1.08 18.41 29.83
CA VAL B 201 2.44 18.62 30.30
C VAL B 201 3.05 17.26 30.70
N LYS B 202 4.09 16.85 29.97
CA LYS B 202 4.64 15.53 30.10
C LYS B 202 6.19 15.49 30.21
N GLY B 203 6.87 16.61 29.93
CA GLY B 203 8.29 16.64 29.97
C GLY B 203 8.92 15.86 28.81
N THR B 204 10.23 15.68 28.91
CA THR B 204 11.08 15.23 27.82
C THR B 204 10.79 13.78 27.45
N THR B 205 10.51 12.99 28.47
CA THR B 205 10.30 11.55 28.28
C THR B 205 8.99 11.05 28.83
N GLY B 206 8.06 11.94 29.20
CA GLY B 206 6.73 11.52 29.60
C GLY B 206 6.57 11.44 31.12
N THR B 207 7.67 11.61 31.84
CA THR B 207 7.69 11.40 33.30
C THR B 207 7.38 12.66 34.12
N GLN B 208 7.33 13.83 33.47
CA GLN B 208 6.93 15.09 34.12
C GLN B 208 7.99 15.55 35.14
N ALA B 209 9.24 15.15 34.96
CA ALA B 209 10.31 15.40 35.96
C ALA B 209 10.53 16.90 36.15
N SER B 210 10.66 17.59 35.03
CA SER B 210 10.83 19.02 35.07
C SER B 210 9.75 19.72 35.92
N PHE B 211 8.49 19.34 35.75
CA PHE B 211 7.42 19.98 36.49
C PHE B 211 7.33 19.46 37.93
N LEU B 212 7.65 18.17 38.15
CA LEU B 212 7.76 17.67 39.51
C LEU B 212 8.73 18.56 40.31
N GLN B 213 9.90 18.82 39.74
CA GLN B 213 10.92 19.64 40.40
C GLN B 213 10.50 21.13 40.52
N LEU B 214 9.88 21.69 39.48
CA LEU B 214 9.32 23.03 39.59
C LEU B 214 8.29 23.16 40.74
N PHE B 215 7.53 22.12 41.03
CA PHE B 215 6.58 22.17 42.16
C PHE B 215 7.13 21.52 43.45
N GLU B 216 8.45 21.42 43.52
CA GLU B 216 9.17 20.93 44.70
C GLU B 216 8.59 19.61 45.25
N GLY B 217 8.36 18.66 44.34
CA GLY B 217 7.91 17.30 44.73
C GLY B 217 6.41 17.09 44.87
N ASP B 218 5.63 18.12 44.59
CA ASP B 218 4.19 18.02 44.78
C ASP B 218 3.53 17.44 43.52
N ASP B 219 3.19 16.16 43.61
CA ASP B 219 2.55 15.43 42.53
C ASP B 219 1.16 15.98 42.24
N HIS B 220 0.42 16.34 43.28
CA HIS B 220 -0.91 16.93 43.11
C HIS B 220 -0.89 18.19 42.24
N LYS B 221 0.12 19.03 42.43
CA LYS B 221 0.21 20.23 41.62
C LYS B 221 0.58 19.91 40.14
N VAL B 222 1.41 18.90 39.92
CA VAL B 222 1.68 18.49 38.54
C VAL B 222 0.40 17.97 37.90
N GLU B 223 -0.33 17.10 38.58
CA GLU B 223 -1.55 16.60 38.02
C GLU B 223 -2.52 17.77 37.71
N GLN B 224 -2.56 18.78 38.59
CA GLN B 224 -3.52 19.88 38.37
C GLN B 224 -3.12 20.74 37.19
N LEU B 225 -1.84 20.98 37.02
CA LEU B 225 -1.37 21.69 35.86
C LEU B 225 -1.82 20.99 34.55
N ASP B 226 -1.72 19.64 34.55
CA ASP B 226 -2.01 18.88 33.34
C ASP B 226 -3.48 19.02 33.01
N LYS B 227 -4.31 18.87 34.03
CA LYS B 227 -5.73 18.99 33.91
C LYS B 227 -6.07 20.40 33.44
N MET B 228 -5.43 21.41 34.01
CA MET B 228 -5.81 22.79 33.69
C MET B 228 -5.41 23.21 32.25
N VAL B 229 -4.24 22.81 31.77
CA VAL B 229 -3.92 23.21 30.40
C VAL B 229 -4.79 22.52 29.37
N THR B 230 -5.24 21.33 29.73
CA THR B 230 -6.03 20.48 28.90
C THR B 230 -7.39 21.15 28.75
N GLU B 231 -7.91 21.61 29.87
CA GLU B 231 -9.22 22.22 29.86
C GLU B 231 -9.16 23.60 29.13
N LYS B 232 -8.07 24.36 29.33
CA LYS B 232 -7.91 25.64 28.64
C LYS B 232 -7.83 25.45 27.13
N ALA B 233 -7.24 24.33 26.68
CA ALA B 233 -7.17 24.05 25.27
C ALA B 233 -8.49 23.46 24.70
N GLY B 234 -9.51 23.28 25.52
CA GLY B 234 -10.81 22.80 25.03
C GLY B 234 -10.91 21.28 24.89
N PHE B 235 -9.96 20.53 25.46
CA PHE B 235 -9.99 19.08 25.41
C PHE B 235 -10.66 18.54 26.65
N LYS B 236 -11.45 17.49 26.50
CA LYS B 236 -12.08 16.82 27.63
C LYS B 236 -11.12 15.98 28.43
N ARG B 237 -10.07 15.48 27.78
CA ARG B 237 -9.28 14.44 28.38
C ARG B 237 -7.81 14.50 27.94
N ALA B 238 -6.88 14.31 28.88
CA ALA B 238 -5.47 14.22 28.60
C ALA B 238 -5.01 12.79 28.76
N PHE B 239 -4.02 12.40 27.99
CA PHE B 239 -3.28 11.14 28.24
C PHE B 239 -2.72 11.12 29.64
N ILE B 240 -2.73 9.95 30.26
CA ILE B 240 -1.95 9.71 31.46
C ILE B 240 -0.55 9.33 31.06
N ILE B 241 -0.48 8.40 30.10
CA ILE B 241 0.71 7.79 29.59
C ILE B 241 1.10 8.40 28.26
N THR B 242 2.32 8.92 28.19
CA THR B 242 2.97 9.30 26.94
C THR B 242 4.42 8.98 27.11
N GLY B 243 5.15 8.94 25.99
CA GLY B 243 6.60 9.14 26.01
C GLY B 243 6.81 10.65 25.84
N GLN B 244 7.73 11.05 24.99
CA GLN B 244 7.88 12.48 24.70
C GLN B 244 6.62 13.16 24.14
N THR B 245 5.86 12.41 23.33
CA THR B 245 4.72 12.92 22.57
C THR B 245 3.53 11.99 22.68
N TYR B 246 2.41 12.40 22.12
CA TYR B 246 1.26 11.53 22.01
C TYR B 246 1.64 10.30 21.16
N THR B 247 1.10 9.17 21.50
CA THR B 247 1.38 7.95 20.71
C THR B 247 1.04 8.11 19.20
N ARG B 248 1.95 7.70 18.34
CA ARG B 248 1.76 7.92 16.93
C ARG B 248 0.70 7.00 16.32
N LYS B 249 0.18 6.09 17.13
CA LYS B 249 -1.02 5.37 16.83
C LYS B 249 -2.19 6.31 16.54
N VAL B 250 -2.19 7.48 17.17
CA VAL B 250 -3.21 8.51 16.88
C VAL B 250 -3.20 8.93 15.41
N ASP B 251 -2.02 9.13 14.84
CA ASP B 251 -1.90 9.55 13.42
C ASP B 251 -2.44 8.46 12.49
N ILE B 252 -2.28 7.19 12.86
CA ILE B 252 -2.90 6.08 12.13
C ILE B 252 -4.39 6.22 12.20
N GLU B 253 -4.91 6.36 13.40
CA GLU B 253 -6.40 6.46 13.57
C GLU B 253 -7.02 7.55 12.65
N VAL B 254 -6.38 8.72 12.57
CA VAL B 254 -6.87 9.87 11.86
C VAL B 254 -6.75 9.63 10.35
N LEU B 255 -5.55 9.33 9.87
CA LEU B 255 -5.37 9.05 8.45
C LEU B 255 -6.08 7.78 7.94
N SER B 256 -6.39 6.79 8.83
CA SER B 256 -7.18 5.66 8.36
C SER B 256 -8.57 6.06 8.05
N VAL B 257 -9.14 6.92 8.90
CA VAL B 257 -10.52 7.35 8.59
C VAL B 257 -10.53 8.19 7.30
N LEU B 258 -9.50 9.00 7.08
CA LEU B 258 -9.41 9.75 5.82
C LEU B 258 -9.23 8.83 4.61
N ALA B 259 -8.41 7.77 4.77
CA ALA B 259 -8.20 6.81 3.66
C ALA B 259 -9.51 6.16 3.32
N SER B 260 -10.28 5.78 4.34
CA SER B 260 -11.59 5.13 4.08
C SER B 260 -12.61 6.05 3.39
N LEU B 261 -12.63 7.30 3.80
CA LEU B 261 -13.37 8.34 3.09
C LEU B 261 -12.93 8.44 1.63
N GLY B 262 -11.64 8.37 1.40
CA GLY B 262 -11.14 8.35 0.02
C GLY B 262 -11.71 7.20 -0.76
N ALA B 263 -11.70 6.02 -0.14
CA ALA B 263 -12.26 4.82 -0.84
C ALA B 263 -13.72 5.04 -1.24
N SER B 264 -14.54 5.59 -0.31
CA SER B 264 -15.96 5.88 -0.60
C SER B 264 -16.14 6.83 -1.76
N VAL B 265 -15.36 7.91 -1.72
CA VAL B 265 -15.46 8.94 -2.76
C VAL B 265 -15.04 8.42 -4.13
N HIS B 266 -13.94 7.64 -4.12
CA HIS B 266 -13.46 7.01 -5.33
C HIS B 266 -14.55 6.10 -5.97
N LYS B 267 -15.23 5.32 -5.15
CA LYS B 267 -16.35 4.52 -5.61
C LYS B 267 -17.52 5.32 -6.17
N ILE B 268 -17.94 6.32 -5.43
CA ILE B 268 -19.02 7.16 -5.85
C ILE B 268 -18.75 7.84 -7.17
N CYS B 269 -17.57 8.45 -7.29
CA CYS B 269 -17.22 9.20 -8.48
C CYS B 269 -16.91 8.29 -9.64
N THR B 270 -16.46 7.07 -9.39
CA THR B 270 -16.35 6.09 -10.46
C THR B 270 -17.73 5.73 -11.00
N ASP B 271 -18.67 5.49 -10.11
CA ASP B 271 -20.06 5.30 -10.55
C ASP B 271 -20.57 6.50 -11.40
N ILE B 272 -20.35 7.72 -10.95
CA ILE B 272 -20.81 8.87 -11.75
C ILE B 272 -20.18 8.91 -13.12
N ARG B 273 -18.89 8.58 -13.20
CA ARG B 273 -18.18 8.53 -14.48
C ARG B 273 -18.80 7.51 -15.46
N LEU B 274 -19.20 6.35 -14.92
CA LEU B 274 -19.84 5.32 -15.68
C LEU B 274 -21.24 5.73 -16.11
N LEU B 275 -22.00 6.37 -15.21
CA LEU B 275 -23.29 6.93 -15.59
C LEU B 275 -23.19 8.02 -16.64
N ALA B 276 -22.11 8.79 -16.62
CA ALA B 276 -21.91 9.82 -17.64
C ALA B 276 -21.62 9.22 -19.00
N ASN B 277 -20.85 8.12 -19.06
CA ASN B 277 -20.66 7.41 -20.31
C ASN B 277 -21.99 6.95 -20.87
N LEU B 278 -22.83 6.44 -19.99
CA LEU B 278 -24.13 5.91 -20.36
C LEU B 278 -25.15 6.99 -20.68
N LYS B 279 -24.78 8.25 -20.47
CA LYS B 279 -25.62 9.43 -20.65
C LYS B 279 -26.87 9.47 -19.74
N GLU B 280 -26.83 8.76 -18.62
CA GLU B 280 -27.96 8.71 -17.71
C GLU B 280 -27.88 9.82 -16.69
N MET B 281 -26.64 10.12 -16.26
CA MET B 281 -26.36 11.18 -15.33
C MET B 281 -25.11 11.96 -15.76
N GLU B 282 -25.12 13.28 -15.52
CA GLU B 282 -23.95 14.14 -15.75
C GLU B 282 -23.70 15.04 -14.57
N GLU B 283 -22.48 15.55 -14.50
CA GLU B 283 -22.13 16.55 -13.48
C GLU B 283 -22.93 17.85 -13.79
N PRO B 284 -23.16 18.69 -12.76
CA PRO B 284 -23.98 19.88 -12.92
C PRO B 284 -23.47 20.81 -14.04
N PHE B 285 -24.39 21.45 -14.76
CA PHE B 285 -24.01 22.39 -15.81
C PHE B 285 -23.23 23.56 -15.18
N GLU B 286 -22.20 23.99 -15.87
CA GLU B 286 -21.40 25.10 -15.39
C GLU B 286 -21.90 26.34 -16.10
N LYS B 287 -21.55 27.52 -15.62
CA LYS B 287 -21.95 28.73 -16.36
C LYS B 287 -21.17 28.85 -17.67
N MET B 295 -25.44 22.10 -21.78
CA MET B 295 -25.88 22.29 -23.15
C MET B 295 -24.94 21.81 -24.29
N PRO B 296 -23.59 21.94 -24.17
CA PRO B 296 -22.75 21.15 -25.13
C PRO B 296 -23.08 19.65 -25.10
N TYR B 297 -23.07 18.99 -26.25
CA TYR B 297 -23.45 17.57 -26.34
C TYR B 297 -22.51 16.64 -25.57
N LYS B 298 -21.20 16.80 -25.75
CA LYS B 298 -20.23 15.91 -25.12
C LYS B 298 -19.63 16.62 -23.90
N ARG B 299 -19.84 16.03 -22.75
CA ARG B 299 -19.35 16.59 -21.51
C ARG B 299 -18.52 15.56 -20.77
N ASN B 300 -17.41 16.01 -20.21
CA ASN B 300 -16.52 15.15 -19.44
C ASN B 300 -16.74 15.31 -17.95
N PRO B 301 -16.79 14.18 -17.20
CA PRO B 301 -17.08 14.23 -15.77
C PRO B 301 -15.78 14.54 -15.00
N MET B 302 -15.25 15.74 -15.24
CA MET B 302 -13.89 16.11 -14.81
C MET B 302 -13.78 16.33 -13.33
N ARG B 303 -14.84 16.81 -12.67
CA ARG B 303 -14.80 16.93 -11.22
C ARG B 303 -14.73 15.55 -10.55
N SER B 304 -15.48 14.61 -11.04
CA SER B 304 -15.45 13.25 -10.52
C SER B 304 -14.09 12.60 -10.75
N GLU B 305 -13.48 12.87 -11.91
CA GLU B 305 -12.16 12.35 -12.21
C GLU B 305 -11.10 12.90 -11.26
N ARG B 306 -11.21 14.19 -10.99
CA ARG B 306 -10.38 14.84 -9.99
C ARG B 306 -10.58 14.27 -8.60
N CYS B 307 -11.83 14.07 -8.19
CA CYS B 307 -12.09 13.48 -6.87
C CYS B 307 -11.46 12.09 -6.76
N CYS B 308 -11.60 11.27 -7.82
CA CYS B 308 -10.92 9.93 -7.83
C CYS B 308 -9.41 10.07 -7.68
N SER B 309 -8.85 11.04 -8.41
CA SER B 309 -7.43 11.22 -8.45
C SER B 309 -6.86 11.54 -7.08
N LEU B 310 -7.53 12.45 -6.36
CA LEU B 310 -7.11 12.88 -5.06
C LEU B 310 -7.47 11.84 -3.99
N ALA B 311 -8.65 11.23 -4.10
CA ALA B 311 -9.09 10.16 -3.18
C ALA B 311 -8.03 9.01 -3.14
N ARG B 312 -7.50 8.70 -4.31
CA ARG B 312 -6.38 7.73 -4.42
C ARG B 312 -5.20 8.11 -3.56
N HIS B 313 -4.81 9.38 -3.61
CA HIS B 313 -3.69 9.85 -2.78
C HIS B 313 -4.01 9.74 -1.31
N LEU B 314 -5.25 10.01 -0.92
CA LEU B 314 -5.62 9.83 0.48
C LEU B 314 -5.43 8.39 0.92
N MET B 315 -5.86 7.45 0.10
CA MET B 315 -5.65 6.02 0.39
C MET B 315 -4.16 5.66 0.49
N THR B 316 -3.37 6.13 -0.46
CA THR B 316 -1.95 5.92 -0.44
C THR B 316 -1.28 6.35 0.88
N LEU B 317 -1.66 7.52 1.40
CA LEU B 317 -1.01 8.15 2.54
C LEU B 317 -1.15 7.37 3.84
N VAL B 318 -2.08 6.44 3.92
CA VAL B 318 -2.26 5.66 5.15
C VAL B 318 -0.99 4.88 5.52
N MET B 319 -0.19 4.51 4.52
CA MET B 319 1.00 3.74 4.79
C MET B 319 2.07 4.53 5.48
N ASP B 320 1.98 5.87 5.46
CA ASP B 320 2.96 6.69 6.14
C ASP B 320 2.88 6.53 7.69
N PRO B 321 1.72 6.81 8.29
CA PRO B 321 1.66 6.67 9.73
C PRO B 321 1.72 5.23 10.23
N LEU B 322 1.28 4.27 9.42
CA LEU B 322 1.44 2.87 9.79
C LEU B 322 2.93 2.56 9.95
N GLN B 323 3.76 2.90 8.96
CA GLN B 323 5.20 2.68 9.06
C GLN B 323 5.86 3.49 10.18
N THR B 324 5.48 4.76 10.32
CA THR B 324 6.10 5.60 11.31
C THR B 324 5.88 4.99 12.73
N ALA B 325 4.66 4.63 13.05
CA ALA B 325 4.37 4.14 14.41
C ALA B 325 5.17 2.87 14.71
N SER B 326 5.31 2.06 13.67
CA SER B 326 5.85 0.71 13.76
CA SER B 326 5.88 0.71 13.75
C SER B 326 7.34 0.71 14.16
N VAL B 327 8.04 1.81 13.89
CA VAL B 327 9.49 1.91 14.09
C VAL B 327 9.91 3.01 14.99
N GLN B 328 8.96 3.51 15.79
CA GLN B 328 9.27 4.43 16.87
C GLN B 328 10.00 3.67 18.01
N TRP B 329 11.24 4.04 18.33
CA TRP B 329 11.96 3.36 19.43
C TRP B 329 11.72 4.09 20.73
N PHE B 330 11.23 3.33 21.70
CA PHE B 330 11.19 3.75 23.09
C PHE B 330 10.33 4.99 23.28
N GLU B 331 10.87 6.06 23.85
CA GLU B 331 10.03 7.17 24.28
C GLU B 331 9.89 8.22 23.19
N ARG B 332 10.61 8.05 22.08
CA ARG B 332 10.43 8.75 20.82
C ARG B 332 11.72 8.72 20.03
N THR B 333 11.60 8.43 18.74
CA THR B 333 12.64 8.71 17.76
C THR B 333 12.15 9.80 16.80
N LEU B 334 13.06 10.71 16.44
CA LEU B 334 12.73 11.89 15.63
C LEU B 334 12.60 11.63 14.14
N ASP B 335 12.58 10.35 13.75
CA ASP B 335 12.24 9.98 12.40
C ASP B 335 10.73 10.06 12.11
N ASP B 336 9.91 10.53 13.08
CA ASP B 336 8.51 10.83 12.78
C ASP B 336 8.32 12.23 12.21
N SER B 337 9.25 13.12 12.49
CA SER B 337 8.98 14.55 12.30
C SER B 337 8.74 15.03 10.83
N ALA B 338 9.67 14.71 9.92
CA ALA B 338 9.59 15.23 8.57
C ALA B 338 8.41 14.58 7.83
N ASN B 339 8.19 13.31 8.11
CA ASN B 339 7.14 12.55 7.50
C ASN B 339 5.82 13.15 7.91
N ARG B 340 5.65 13.40 9.20
CA ARG B 340 4.35 13.96 9.68
C ARG B 340 4.08 15.39 9.14
N ARG B 341 5.11 16.19 9.03
CA ARG B 341 4.97 17.52 8.38
C ARG B 341 4.37 17.42 6.98
N ILE B 342 4.71 16.34 6.27
CA ILE B 342 4.16 16.07 4.95
C ILE B 342 2.76 15.45 5.01
N CYS B 343 2.63 14.25 5.59
CA CYS B 343 1.42 13.45 5.43
C CYS B 343 0.17 13.99 6.13
N LEU B 344 0.35 14.62 7.30
CA LEU B 344 -0.79 15.09 8.10
C LEU B 344 -1.43 16.26 7.38
N ALA B 345 -0.61 17.23 7.01
CA ALA B 345 -1.13 18.36 6.22
C ALA B 345 -1.74 17.93 4.89
N GLU B 346 -1.04 17.08 4.16
CA GLU B 346 -1.47 16.68 2.80
C GLU B 346 -2.75 15.89 2.81
N ALA B 347 -2.90 15.01 3.78
CA ALA B 347 -4.11 14.23 3.88
C ALA B 347 -5.32 15.14 4.12
N PHE B 348 -5.21 16.07 5.07
CA PHE B 348 -6.34 16.98 5.30
C PHE B 348 -6.57 17.93 4.13
N LEU B 349 -5.51 18.46 3.52
CA LEU B 349 -5.73 19.36 2.38
C LEU B 349 -6.38 18.58 1.20
N THR B 350 -5.95 17.33 1.00
CA THR B 350 -6.53 16.47 -0.02
C THR B 350 -8.02 16.20 0.29
N ALA B 351 -8.33 15.88 1.55
CA ALA B 351 -9.69 15.57 1.97
C ALA B 351 -10.60 16.81 1.77
N ASP B 352 -10.05 17.94 2.14
CA ASP B 352 -10.76 19.23 2.05
C ASP B 352 -11.15 19.51 0.58
N THR B 353 -10.18 19.33 -0.31
CA THR B 353 -10.43 19.52 -1.74
C THR B 353 -11.49 18.57 -2.26
N ILE B 354 -11.40 17.33 -1.82
CA ILE B 354 -12.34 16.36 -2.29
C ILE B 354 -13.75 16.75 -1.84
N LEU B 355 -13.89 17.13 -0.59
CA LEU B 355 -15.23 17.53 -0.08
C LEU B 355 -15.83 18.77 -0.76
N ASN B 356 -15.01 19.78 -0.99
CA ASN B 356 -15.44 21.01 -1.67
C ASN B 356 -15.93 20.62 -3.06
N THR B 357 -15.16 19.78 -3.75
CA THR B 357 -15.50 19.35 -5.12
C THR B 357 -16.76 18.46 -5.15
N LEU B 358 -16.85 17.51 -4.24
CA LEU B 358 -18.00 16.62 -4.22
C LEU B 358 -19.30 17.39 -3.89
N GLN B 359 -19.21 18.38 -3.02
CA GLN B 359 -20.38 19.23 -2.76
C GLN B 359 -20.82 19.98 -4.02
N ASN B 360 -19.88 20.51 -4.80
CA ASN B 360 -20.15 21.06 -6.10
C ASN B 360 -20.82 20.07 -7.06
N ILE B 361 -20.29 18.83 -7.12
CA ILE B 361 -20.91 17.83 -7.97
C ILE B 361 -22.36 17.57 -7.56
N SER B 362 -22.61 17.58 -6.27
CA SER B 362 -23.90 17.23 -5.71
C SER B 362 -24.95 18.30 -5.96
N GLU B 363 -24.53 19.50 -6.29
CA GLU B 363 -25.46 20.63 -6.43
C GLU B 363 -25.93 20.77 -7.86
N GLY B 364 -27.09 20.16 -8.14
CA GLY B 364 -27.68 20.24 -9.48
C GLY B 364 -27.23 19.12 -10.43
N LEU B 365 -27.25 17.89 -9.97
CA LEU B 365 -26.88 16.76 -10.82
C LEU B 365 -27.85 16.70 -11.94
N VAL B 366 -27.36 16.33 -13.10
CA VAL B 366 -28.15 16.27 -14.30
C VAL B 366 -28.58 14.83 -14.54
N VAL B 367 -29.88 14.59 -14.72
CA VAL B 367 -30.38 13.24 -15.01
C VAL B 367 -31.11 13.31 -16.32
N TYR B 368 -30.94 12.26 -17.15
CA TYR B 368 -31.68 12.07 -18.45
C TYR B 368 -32.62 10.90 -18.43
N PRO B 369 -33.85 11.13 -17.94
CA PRO B 369 -34.80 10.00 -17.82
C PRO B 369 -35.13 9.27 -19.11
N LYS B 370 -35.15 9.95 -20.25
CA LYS B 370 -35.46 9.25 -21.51
C LYS B 370 -34.33 8.35 -21.97
N VAL B 371 -33.10 8.69 -21.57
CA VAL B 371 -31.95 7.78 -21.85
C VAL B 371 -32.11 6.57 -20.97
N ILE B 372 -32.29 6.82 -19.66
CA ILE B 372 -32.55 5.74 -18.69
C ILE B 372 -33.67 4.82 -19.21
N GLU B 373 -34.77 5.42 -19.64
CA GLU B 373 -35.94 4.64 -20.12
C GLU B 373 -35.64 3.80 -21.34
N ARG B 374 -34.89 4.36 -22.28
CA ARG B 374 -34.55 3.61 -23.48
C ARG B 374 -33.72 2.39 -23.14
N ARG B 375 -32.75 2.55 -22.24
CA ARG B 375 -31.88 1.45 -21.85
C ARG B 375 -32.69 0.36 -21.16
N ILE B 376 -33.56 0.75 -20.24
CA ILE B 376 -34.50 -0.20 -19.63
C ILE B 376 -35.29 -0.95 -20.73
N ARG B 377 -35.79 -0.23 -21.73
CA ARG B 377 -36.65 -0.87 -22.74
C ARG B 377 -35.88 -1.89 -23.56
N GLN B 378 -34.58 -1.67 -23.72
CA GLN B 378 -33.73 -2.59 -24.42
C GLN B 378 -33.38 -3.84 -23.63
N GLU B 379 -33.26 -3.72 -22.30
CA GLU B 379 -32.76 -4.82 -21.46
C GLU B 379 -33.88 -5.53 -20.72
N LEU B 380 -34.93 -4.80 -20.35
CA LEU B 380 -35.97 -5.40 -19.50
C LEU B 380 -36.67 -6.66 -20.04
N PRO B 381 -36.87 -6.78 -21.37
CA PRO B 381 -37.59 -7.96 -21.85
C PRO B 381 -36.87 -9.24 -21.51
N PHE B 382 -35.53 -9.21 -21.51
CA PHE B 382 -34.75 -10.40 -21.14
C PHE B 382 -34.89 -10.80 -19.67
N MET B 383 -35.33 -9.89 -18.82
CA MET B 383 -35.56 -10.17 -17.41
C MET B 383 -37.06 -10.37 -17.10
N ALA B 384 -37.94 -10.18 -18.10
CA ALA B 384 -39.39 -10.28 -17.90
C ALA B 384 -39.96 -11.69 -18.22
N THR B 385 -39.10 -12.62 -18.59
CA THR B 385 -39.56 -13.83 -19.27
C THR B 385 -40.25 -14.73 -18.24
N GLU B 386 -39.78 -14.73 -16.99
CA GLU B 386 -40.51 -15.38 -15.90
C GLU B 386 -41.89 -14.78 -15.54
N ASN B 387 -42.02 -13.45 -15.53
CA ASN B 387 -43.33 -12.80 -15.33
C ASN B 387 -44.32 -13.23 -16.42
N ILE B 388 -43.82 -13.42 -17.63
CA ILE B 388 -44.64 -13.84 -18.76
C ILE B 388 -45.02 -15.29 -18.61
N ILE B 389 -44.08 -16.13 -18.30
CA ILE B 389 -44.38 -17.57 -18.06
C ILE B 389 -45.49 -17.68 -17.03
N MET B 390 -45.40 -16.91 -15.94
CA MET B 390 -46.37 -16.97 -14.86
C MET B 390 -47.76 -16.52 -15.30
N ALA B 391 -47.83 -15.52 -16.18
CA ALA B 391 -49.13 -15.04 -16.67
C ALA B 391 -49.77 -16.05 -17.66
N MET B 392 -48.92 -16.79 -18.39
N MET B 392 -48.93 -16.83 -18.36
CA MET B 392 -49.40 -17.89 -19.23
CA MET B 392 -49.45 -17.89 -19.24
C MET B 392 -49.95 -19.02 -18.35
C MET B 392 -49.91 -19.10 -18.41
N VAL B 393 -49.15 -19.44 -17.37
CA VAL B 393 -49.56 -20.50 -16.41
C VAL B 393 -50.88 -20.16 -15.73
N LYS B 394 -51.08 -18.90 -15.36
CA LYS B 394 -52.34 -18.45 -14.77
C LYS B 394 -53.54 -18.49 -15.72
N ALA B 395 -53.31 -18.30 -17.02
CA ALA B 395 -54.40 -18.41 -18.01
C ALA B 395 -54.55 -19.82 -18.66
N GLY B 396 -53.88 -20.82 -18.09
CA GLY B 396 -54.06 -22.20 -18.55
C GLY B 396 -52.79 -22.93 -18.94
N GLY B 397 -51.82 -22.23 -19.52
CA GLY B 397 -50.72 -22.90 -20.21
C GLY B 397 -49.72 -23.62 -19.34
N SER B 398 -48.72 -24.19 -20.01
CA SER B 398 -47.66 -25.01 -19.38
C SER B 398 -46.35 -24.22 -19.14
N ARG B 399 -45.89 -24.18 -17.88
CA ARG B 399 -44.56 -23.64 -17.54
C ARG B 399 -43.49 -24.12 -18.53
N GLN B 400 -43.39 -25.43 -18.73
CA GLN B 400 -42.34 -25.98 -19.58
C GLN B 400 -42.53 -25.62 -21.07
N ASP B 401 -43.78 -25.61 -21.56
CA ASP B 401 -44.08 -25.24 -22.97
C ASP B 401 -43.66 -23.81 -23.22
N CYS B 402 -44.14 -22.93 -22.34
CA CYS B 402 -43.94 -21.49 -22.45
C CYS B 402 -42.44 -21.16 -22.35
N HIS B 403 -41.73 -21.83 -21.44
CA HIS B 403 -40.28 -21.71 -21.29
C HIS B 403 -39.51 -22.03 -22.59
N GLU B 404 -39.92 -23.07 -23.31
CA GLU B 404 -39.24 -23.45 -24.55
C GLU B 404 -39.55 -22.48 -25.69
N LYS B 405 -40.78 -21.97 -25.76
CA LYS B 405 -41.12 -20.99 -26.78
C LYS B 405 -40.45 -19.64 -26.55
N ILE B 406 -40.46 -19.18 -25.31
CA ILE B 406 -39.84 -17.90 -24.97
C ILE B 406 -38.29 -17.96 -25.16
N ARG B 407 -37.67 -19.10 -24.81
CA ARG B 407 -36.25 -19.30 -25.08
C ARG B 407 -35.91 -19.13 -26.56
N VAL B 408 -36.75 -19.64 -27.48
CA VAL B 408 -36.39 -19.56 -28.92
C VAL B 408 -36.47 -18.12 -29.41
N LEU B 409 -37.53 -17.40 -29.01
CA LEU B 409 -37.71 -16.00 -29.41
C LEU B 409 -36.66 -15.06 -28.82
N SER B 410 -36.33 -15.31 -27.56
CA SER B 410 -35.29 -14.55 -26.83
C SER B 410 -33.93 -14.72 -27.47
N GLN B 411 -33.66 -15.95 -27.93
CA GLN B 411 -32.43 -16.23 -28.66
C GLN B 411 -32.40 -15.48 -29.96
N GLN B 412 -33.53 -15.43 -30.66
CA GLN B 412 -33.62 -14.65 -31.88
C GLN B 412 -33.41 -13.16 -31.61
N ALA B 413 -34.09 -12.63 -30.61
CA ALA B 413 -33.90 -11.24 -30.22
C ALA B 413 -32.47 -10.93 -29.80
N ALA B 414 -31.86 -11.81 -29.01
CA ALA B 414 -30.48 -11.61 -28.58
C ALA B 414 -29.52 -11.53 -29.77
N SER B 415 -29.79 -12.34 -30.78
CA SER B 415 -29.01 -12.30 -31.98
C SER B 415 -29.24 -10.99 -32.78
N VAL B 416 -30.47 -10.48 -32.84
CA VAL B 416 -30.68 -9.14 -33.43
C VAL B 416 -29.78 -8.11 -32.71
N VAL B 417 -29.78 -8.15 -31.38
CA VAL B 417 -29.00 -7.17 -30.62
C VAL B 417 -27.49 -7.27 -30.93
N LYS B 418 -26.92 -8.48 -30.83
CA LYS B 418 -25.46 -8.66 -30.88
C LYS B 418 -24.91 -8.89 -32.29
N GLN B 419 -25.51 -9.79 -33.05
CA GLN B 419 -25.02 -10.13 -34.39
C GLN B 419 -25.43 -9.07 -35.43
N GLU B 420 -26.50 -8.33 -35.18
CA GLU B 420 -26.96 -7.33 -36.16
C GLU B 420 -26.84 -5.89 -35.71
N GLY B 421 -26.52 -5.68 -34.42
CA GLY B 421 -26.50 -4.38 -33.85
C GLY B 421 -27.86 -3.68 -33.84
N GLY B 422 -28.96 -4.44 -33.80
CA GLY B 422 -30.35 -3.93 -33.88
C GLY B 422 -31.01 -3.68 -32.51
N ASP B 423 -32.15 -2.97 -32.51
CA ASP B 423 -32.92 -2.81 -31.30
C ASP B 423 -33.49 -4.15 -30.90
N ASN B 424 -33.62 -4.35 -29.60
CA ASN B 424 -34.21 -5.56 -29.08
C ASN B 424 -35.66 -5.66 -29.51
N ASP B 425 -36.04 -6.77 -30.18
CA ASP B 425 -37.42 -6.96 -30.68
C ASP B 425 -38.20 -8.08 -29.99
N LEU B 426 -37.81 -8.43 -28.78
CA LEU B 426 -38.41 -9.57 -28.11
C LEU B 426 -39.90 -9.36 -27.89
N ILE B 427 -40.30 -8.19 -27.39
CA ILE B 427 -41.72 -7.94 -27.13
C ILE B 427 -42.54 -7.94 -28.43
N GLU B 428 -41.97 -7.35 -29.49
CA GLU B 428 -42.58 -7.46 -30.82
C GLU B 428 -42.80 -8.95 -31.25
N ARG B 429 -41.81 -9.81 -31.05
CA ARG B 429 -41.92 -11.23 -31.47
C ARG B 429 -42.96 -11.98 -30.64
N ILE B 430 -43.06 -11.62 -29.37
CA ILE B 430 -44.11 -12.15 -28.49
C ILE B 430 -45.51 -11.66 -28.94
N GLN B 431 -45.65 -10.36 -29.19
CA GLN B 431 -46.86 -9.77 -29.77
C GLN B 431 -47.36 -10.44 -31.08
N ALA B 432 -46.43 -10.91 -31.91
CA ALA B 432 -46.75 -11.46 -33.25
C ALA B 432 -46.92 -12.97 -33.27
N ASP B 433 -46.74 -13.61 -32.12
CA ASP B 433 -46.86 -15.06 -32.01
C ASP B 433 -48.18 -15.39 -31.26
N ALA B 434 -49.13 -15.98 -31.99
CA ALA B 434 -50.49 -16.19 -31.44
C ALA B 434 -50.52 -17.13 -30.20
N TYR B 435 -49.50 -17.98 -30.02
CA TYR B 435 -49.32 -18.80 -28.80
C TYR B 435 -49.37 -18.01 -27.49
N PHE B 436 -49.00 -16.73 -27.58
CA PHE B 436 -49.04 -15.83 -26.44
C PHE B 436 -50.31 -15.02 -26.37
N SER B 437 -51.34 -15.37 -27.15
CA SER B 437 -52.59 -14.58 -27.19
C SER B 437 -53.33 -14.55 -25.86
N PRO B 438 -53.25 -15.62 -25.06
CA PRO B 438 -53.80 -15.47 -23.70
C PRO B 438 -53.13 -14.43 -22.81
N ILE B 439 -51.97 -13.88 -23.19
CA ILE B 439 -51.40 -12.74 -22.42
C ILE B 439 -51.14 -11.44 -23.20
N HIS B 440 -51.54 -11.35 -24.47
CA HIS B 440 -51.29 -10.12 -25.26
C HIS B 440 -51.91 -8.84 -24.68
N SER B 441 -53.10 -8.93 -24.15
CA SER B 441 -53.70 -7.77 -23.47
C SER B 441 -52.87 -7.32 -22.25
N GLN B 442 -52.14 -8.24 -21.63
CA GLN B 442 -51.40 -7.95 -20.39
C GLN B 442 -49.99 -7.33 -20.60
N LEU B 443 -49.46 -7.32 -21.81
CA LEU B 443 -48.01 -7.17 -21.99
C LEU B 443 -47.49 -5.83 -21.47
N ASP B 444 -48.19 -4.74 -21.78
CA ASP B 444 -47.86 -3.42 -21.22
C ASP B 444 -47.69 -3.43 -19.72
N HIS B 445 -48.65 -4.02 -19.01
CA HIS B 445 -48.57 -4.10 -17.57
C HIS B 445 -47.42 -5.02 -17.13
N LEU B 446 -47.23 -6.15 -17.79
CA LEU B 446 -46.16 -7.11 -17.47
C LEU B 446 -44.76 -6.50 -17.65
N LEU B 447 -44.67 -5.50 -18.52
CA LEU B 447 -43.42 -4.81 -18.80
C LEU B 447 -43.31 -3.43 -18.15
N ASP B 448 -44.23 -3.06 -17.26
CA ASP B 448 -44.11 -1.82 -16.52
C ASP B 448 -42.81 -1.80 -15.66
N PRO B 449 -41.87 -0.89 -15.95
CA PRO B 449 -40.59 -0.90 -15.23
C PRO B 449 -40.71 -0.77 -13.72
N SER B 450 -41.64 0.08 -13.27
CA SER B 450 -41.89 0.31 -11.83
C SER B 450 -42.20 -0.98 -11.07
N SER B 451 -42.79 -1.95 -11.74
CA SER B 451 -43.07 -3.23 -11.09
C SER B 451 -41.86 -4.12 -10.93
N PHE B 452 -40.71 -3.73 -11.50
CA PHE B 452 -39.48 -4.53 -11.39
C PHE B 452 -38.43 -3.98 -10.41
N THR B 453 -38.71 -2.86 -9.76
CA THR B 453 -37.78 -2.20 -8.90
C THR B 453 -37.83 -2.76 -7.45
N GLY B 454 -38.52 -3.88 -7.22
CA GLY B 454 -38.69 -4.37 -5.84
C GLY B 454 -39.08 -3.31 -4.85
N ARG B 455 -38.35 -3.22 -3.74
CA ARG B 455 -38.68 -2.33 -2.65
C ARG B 455 -37.79 -1.07 -2.64
N ALA B 456 -37.12 -0.78 -3.76
CA ALA B 456 -36.20 0.32 -3.82
C ALA B 456 -36.75 1.62 -3.18
N SER B 457 -37.93 2.04 -3.60
CA SER B 457 -38.45 3.38 -3.18
C SER B 457 -38.74 3.39 -1.68
N GLN B 458 -39.28 2.31 -1.13
CA GLN B 458 -39.49 2.19 0.32
C GLN B 458 -38.23 2.10 1.09
N GLN B 459 -37.21 1.43 0.53
CA GLN B 459 -35.90 1.42 1.18
C GLN B 459 -35.32 2.81 1.32
N VAL B 460 -35.46 3.61 0.25
CA VAL B 460 -34.98 5.01 0.29
C VAL B 460 -35.66 5.76 1.47
N GLN B 461 -36.96 5.67 1.53
CA GLN B 461 -37.73 6.41 2.53
C GLN B 461 -37.27 6.04 3.94
N ARG B 462 -37.18 4.74 4.24
CA ARG B 462 -36.83 4.32 5.58
C ARG B 462 -35.43 4.68 5.94
N PHE B 463 -34.50 4.49 5.00
CA PHE B 463 -33.12 4.87 5.22
C PHE B 463 -32.96 6.34 5.55
N LEU B 464 -33.57 7.20 4.74
CA LEU B 464 -33.39 8.65 4.98
C LEU B 464 -33.97 9.05 6.36
N GLU B 465 -35.15 8.51 6.68
CA GLU B 465 -35.77 8.84 7.99
C GLU B 465 -34.98 8.33 9.18
N GLU B 466 -34.57 7.06 9.11
CA GLU B 466 -33.97 6.40 10.24
C GLU B 466 -32.53 6.67 10.37
N GLU B 467 -31.80 6.81 9.24
CA GLU B 467 -30.34 6.80 9.31
C GLU B 467 -29.62 8.04 8.80
N VAL B 468 -30.27 8.89 8.01
CA VAL B 468 -29.56 10.03 7.44
C VAL B 468 -29.98 11.37 8.10
N TYR B 469 -31.26 11.70 8.07
CA TYR B 469 -31.72 12.97 8.65
C TYR B 469 -31.26 13.17 10.09
N PRO B 470 -31.23 12.10 10.90
CA PRO B 470 -30.74 12.30 12.26
C PRO B 470 -29.28 12.68 12.40
N LEU B 471 -28.43 12.19 11.51
CA LEU B 471 -27.05 12.64 11.48
C LEU B 471 -26.88 14.10 11.05
N LEU B 472 -27.78 14.59 10.20
CA LEU B 472 -27.65 15.91 9.62
C LEU B 472 -28.14 16.97 10.61
N LYS B 473 -28.97 16.55 11.57
CA LYS B 473 -29.66 17.51 12.46
C LYS B 473 -28.70 18.49 13.14
N PRO B 474 -27.55 18.01 13.60
CA PRO B 474 -26.62 19.01 14.19
C PRO B 474 -26.00 20.06 13.26
N TYR B 475 -26.08 19.88 11.95
CA TYR B 475 -25.42 20.74 11.00
C TYR B 475 -26.43 21.69 10.26
N GLU B 476 -27.67 21.76 10.72
CA GLU B 476 -28.68 22.50 9.97
C GLU B 476 -28.30 23.96 9.73
N SER B 477 -27.61 24.57 10.68
CA SER B 477 -27.38 26.02 10.60
C SER B 477 -26.29 26.37 9.59
N VAL B 478 -25.54 25.37 9.10
CA VAL B 478 -24.50 25.61 8.09
C VAL B 478 -24.78 24.91 6.75
N MET B 479 -26.03 24.48 6.56
CA MET B 479 -26.38 23.57 5.47
C MET B 479 -26.49 24.26 4.11
N LYS B 480 -26.82 25.56 4.11
CA LYS B 480 -27.31 26.22 2.86
C LYS B 480 -26.19 26.81 1.95
N VAL B 481 -24.99 27.00 2.51
CA VAL B 481 -23.86 27.50 1.71
C VAL B 481 -23.46 26.61 0.50
N LYS B 482 -23.25 27.27 -0.65
CA LYS B 482 -22.96 26.62 -1.97
C LYS B 482 -21.50 26.13 -2.10
N SER C 12 4.16 33.50 2.13
CA SER C 12 3.25 33.99 3.22
C SER C 12 3.15 32.94 4.32
N PRO C 13 3.54 33.31 5.57
CA PRO C 13 3.27 32.41 6.68
C PRO C 13 1.77 32.18 6.99
N ASP C 14 0.86 32.92 6.33
CA ASP C 14 -0.62 32.73 6.49
C ASP C 14 -1.23 31.62 5.59
N SER C 15 -0.38 30.91 4.85
CA SER C 15 -0.83 29.73 4.09
C SER C 15 0.15 28.57 4.24
N TYR C 16 -0.37 27.35 4.14
CA TYR C 16 0.44 26.14 4.06
C TYR C 16 1.42 26.24 2.89
N ARG C 17 2.65 25.84 3.15
CA ARG C 17 3.73 25.87 2.17
C ARG C 17 4.41 24.52 2.25
N SER C 18 4.44 23.78 1.14
CA SER C 18 5.10 22.48 1.11
C SER C 18 6.39 22.52 1.92
N PRO C 19 6.51 21.63 2.92
CA PRO C 19 7.84 21.51 3.53
C PRO C 19 8.90 21.04 2.51
N LEU C 20 8.50 20.31 1.47
CA LEU C 20 9.43 19.88 0.40
C LEU C 20 10.03 21.06 -0.40
N ALA C 21 9.24 22.10 -0.63
CA ALA C 21 9.67 23.27 -1.44
C ALA C 21 10.44 24.33 -0.63
N SER C 22 9.90 24.69 0.54
CA SER C 22 10.46 25.76 1.36
C SER C 22 11.67 25.30 2.16
N ARG C 23 11.54 24.10 2.70
CA ARG C 23 12.37 23.65 3.80
C ARG C 23 13.41 22.62 3.38
N TYR C 24 13.05 21.71 2.48
CA TYR C 24 13.77 20.43 2.33
C TYR C 24 14.67 20.36 1.07
N ALA C 25 14.05 20.39 -0.12
CA ALA C 25 14.75 20.10 -1.37
C ALA C 25 15.60 21.27 -1.89
N SER C 26 16.53 20.91 -2.76
CA SER C 26 17.43 21.86 -3.38
C SER C 26 16.70 22.77 -4.38
N PRO C 27 17.23 24.00 -4.54
CA PRO C 27 16.64 24.92 -5.53
C PRO C 27 16.64 24.33 -6.95
N GLU C 28 17.64 23.53 -7.31
CA GLU C 28 17.66 23.01 -8.67
C GLU C 28 16.49 22.03 -8.90
N MET C 29 16.21 21.17 -7.94
CA MET C 29 15.13 20.24 -8.09
C MET C 29 13.78 21.00 -7.95
N CYS C 30 13.70 21.94 -7.01
CA CYS C 30 12.52 22.81 -6.95
C CYS C 30 12.22 23.52 -8.30
N PHE C 31 13.27 23.96 -8.98
CA PHE C 31 13.07 24.63 -10.29
C PHE C 31 12.50 23.67 -11.34
N VAL C 32 13.00 22.43 -11.37
CA VAL C 32 12.54 21.47 -12.33
C VAL C 32 11.05 21.24 -12.26
N PHE C 33 10.47 21.39 -11.07
CA PHE C 33 9.02 21.20 -10.90
C PHE C 33 8.22 22.50 -10.79
N SER C 34 8.87 23.63 -11.13
CA SER C 34 8.24 24.95 -11.13
C SER C 34 7.35 25.19 -12.37
N ASP C 35 6.39 26.08 -12.23
CA ASP C 35 5.61 26.50 -13.38
C ASP C 35 6.47 27.24 -14.43
N ARG C 36 7.48 27.99 -14.02
CA ARG C 36 8.38 28.60 -15.00
C ARG C 36 8.99 27.53 -15.89
N TYR C 37 9.53 26.48 -15.26
CA TYR C 37 10.15 25.40 -16.05
C TYR C 37 9.11 24.74 -16.94
N LYS C 38 7.94 24.50 -16.38
CA LYS C 38 6.87 23.80 -17.13
C LYS C 38 6.47 24.60 -18.37
N PHE C 39 6.15 25.87 -18.19
CA PHE C 39 5.57 26.66 -19.31
C PHE C 39 6.59 27.11 -20.32
N ARG C 40 7.83 27.31 -19.90
CA ARG C 40 8.95 27.50 -20.80
C ARG C 40 9.17 26.26 -21.68
N THR C 41 9.06 25.08 -21.06
CA THR C 41 9.13 23.79 -21.82
C THR C 41 7.92 23.64 -22.80
N TRP C 42 6.71 24.03 -22.39
CA TRP C 42 5.59 24.08 -23.38
C TRP C 42 6.01 24.94 -24.61
N ARG C 43 6.55 26.11 -24.34
CA ARG C 43 6.97 26.99 -25.45
C ARG C 43 8.09 26.39 -26.25
N GLN C 44 9.03 25.74 -25.58
CA GLN C 44 10.07 25.04 -26.28
C GLN C 44 9.52 24.00 -27.23
N LEU C 45 8.58 23.17 -26.74
CA LEU C 45 7.97 22.15 -27.56
C LEU C 45 7.19 22.72 -28.72
N TRP C 46 6.57 23.91 -28.52
CA TRP C 46 5.85 24.58 -29.63
C TRP C 46 6.82 25.08 -30.72
N LEU C 47 7.99 25.57 -30.28
CA LEU C 47 9.09 25.95 -31.19
C LEU C 47 9.57 24.78 -32.03
N TRP C 48 9.91 23.69 -31.38
CA TRP C 48 10.31 22.46 -32.09
C TRP C 48 9.26 22.00 -33.05
N LEU C 49 7.99 22.07 -32.66
CA LEU C 49 6.93 21.59 -33.56
C LEU C 49 6.93 22.46 -34.86
N ALA C 50 6.96 23.75 -34.69
CA ALA C 50 6.98 24.70 -35.82
C ALA C 50 8.20 24.52 -36.71
N GLU C 51 9.37 24.35 -36.11
CA GLU C 51 10.61 24.06 -36.86
C GLU C 51 10.46 22.83 -37.71
N ALA C 52 9.94 21.74 -37.12
CA ALA C 52 9.77 20.52 -37.90
C ALA C 52 8.66 20.65 -38.94
N GLU C 53 7.58 21.32 -38.58
CA GLU C 53 6.47 21.51 -39.50
C GLU C 53 6.92 22.33 -40.71
N GLN C 54 7.78 23.34 -40.47
CA GLN C 54 8.37 24.13 -41.59
C GLN C 54 9.20 23.28 -42.55
N THR C 55 10.08 22.47 -41.99
CA THR C 55 10.92 21.54 -42.76
C THR C 55 10.06 20.61 -43.61
N LEU C 56 8.92 20.16 -43.08
CA LEU C 56 8.04 19.26 -43.75
C LEU C 56 7.07 19.92 -44.73
N GLY C 57 7.15 21.23 -44.91
CA GLY C 57 6.44 21.86 -46.01
C GLY C 57 5.26 22.73 -45.60
N LEU C 58 4.99 22.87 -44.29
CA LEU C 58 3.84 23.67 -43.88
C LEU C 58 4.16 25.17 -43.93
N PRO C 59 3.13 26.01 -44.10
CA PRO C 59 3.31 27.46 -44.28
C PRO C 59 3.70 28.18 -42.96
N ILE C 60 4.96 28.03 -42.60
CA ILE C 60 5.50 28.64 -41.41
C ILE C 60 6.79 29.35 -41.82
N THR C 61 6.95 30.60 -41.41
CA THR C 61 8.09 31.42 -41.81
C THR C 61 9.21 31.46 -40.79
N ASP C 62 10.42 31.72 -41.28
CA ASP C 62 11.57 31.98 -40.41
C ASP C 62 11.26 33.08 -39.40
N GLU C 63 10.50 34.08 -39.81
CA GLU C 63 10.15 35.17 -38.92
C GLU C 63 9.27 34.67 -37.75
N GLN C 64 8.30 33.84 -38.09
CA GLN C 64 7.44 33.20 -37.06
C GLN C 64 8.26 32.37 -36.05
N ILE C 65 9.18 31.58 -36.57
CA ILE C 65 10.02 30.74 -35.72
C ILE C 65 10.94 31.61 -34.86
N GLN C 66 11.59 32.62 -35.45
CA GLN C 66 12.48 33.49 -34.64
C GLN C 66 11.68 34.21 -33.54
N GLU C 67 10.45 34.59 -33.83
CA GLU C 67 9.64 35.29 -32.85
C GLU C 67 9.36 34.39 -31.62
N MET C 68 8.96 33.17 -31.90
CA MET C 68 8.76 32.14 -30.85
C MET C 68 10.03 31.92 -30.07
N LYS C 69 11.14 31.75 -30.77
CA LYS C 69 12.43 31.55 -30.14
C LYS C 69 12.86 32.68 -29.21
N SER C 70 12.58 33.95 -29.55
CA SER C 70 12.92 35.09 -28.68
C SER C 70 12.00 35.25 -27.47
N ASN C 71 10.91 34.49 -27.42
CA ASN C 71 9.94 34.65 -26.35
C ASN C 71 9.69 33.42 -25.48
N LEU C 72 10.59 32.45 -25.49
CA LEU C 72 10.35 31.21 -24.74
C LEU C 72 10.22 31.44 -23.24
N GLU C 73 10.91 32.46 -22.74
CA GLU C 73 11.00 32.75 -21.33
C GLU C 73 10.09 33.91 -20.96
N ASN C 74 9.54 34.59 -21.97
CA ASN C 74 8.81 35.83 -21.74
C ASN C 74 7.34 35.50 -21.41
N ILE C 75 7.08 34.92 -20.24
CA ILE C 75 5.79 34.30 -19.96
C ILE C 75 4.93 35.18 -19.04
N ASP C 76 3.76 35.59 -19.52
CA ASP C 76 2.79 36.41 -18.70
C ASP C 76 1.84 35.43 -17.93
N PHE C 77 2.27 35.04 -16.74
CA PHE C 77 1.56 34.02 -15.90
C PHE C 77 0.20 34.55 -15.47
N LYS C 78 0.16 35.83 -15.15
CA LYS C 78 -1.12 36.52 -14.91
C LYS C 78 -2.12 36.41 -16.09
N MET C 79 -1.70 36.74 -17.31
CA MET C 79 -2.55 36.53 -18.49
C MET C 79 -2.96 35.03 -18.66
N ALA C 80 -1.99 34.12 -18.58
CA ALA C 80 -2.30 32.69 -18.79
C ALA C 80 -3.33 32.18 -17.76
N ALA C 81 -3.18 32.60 -16.52
CA ALA C 81 -4.14 32.21 -15.47
C ALA C 81 -5.55 32.84 -15.70
N GLU C 82 -5.60 34.09 -16.15
CA GLU C 82 -6.88 34.72 -16.52
C GLU C 82 -7.52 34.05 -17.73
N GLU C 83 -6.76 33.76 -18.79
CA GLU C 83 -7.31 33.05 -19.93
C GLU C 83 -7.78 31.64 -19.57
N GLU C 84 -7.10 30.99 -18.64
CA GLU C 84 -7.53 29.63 -18.21
C GLU C 84 -8.91 29.66 -17.49
N LYS C 85 -9.17 30.71 -16.73
CA LYS C 85 -10.50 30.91 -16.17
C LYS C 85 -11.55 31.10 -17.30
N ARG C 86 -11.22 31.88 -18.32
CA ARG C 86 -12.15 32.11 -19.43
C ARG C 86 -12.40 30.89 -20.30
N LEU C 87 -11.34 30.21 -20.69
CA LEU C 87 -11.46 29.13 -21.68
C LEU C 87 -11.69 27.78 -21.02
N ARG C 88 -11.36 27.67 -19.73
CA ARG C 88 -11.43 26.41 -19.02
C ARG C 88 -10.50 25.36 -19.64
N HIS C 89 -9.28 25.75 -19.99
CA HIS C 89 -8.40 24.90 -20.76
C HIS C 89 -6.98 25.47 -20.64
N ASP C 90 -6.14 24.81 -19.86
CA ASP C 90 -4.82 25.31 -19.59
C ASP C 90 -3.97 25.43 -20.84
N VAL C 91 -4.01 24.44 -21.71
CA VAL C 91 -3.25 24.50 -22.93
C VAL C 91 -3.69 25.62 -23.83
N MET C 92 -4.98 25.75 -24.07
CA MET C 92 -5.45 26.80 -25.01
C MET C 92 -5.20 28.17 -24.41
N ALA C 93 -5.20 28.27 -23.09
CA ALA C 93 -4.77 29.46 -22.39
C ALA C 93 -3.34 29.84 -22.68
N HIS C 94 -2.47 28.85 -22.72
CA HIS C 94 -1.05 29.12 -22.99
C HIS C 94 -0.77 29.33 -24.47
N VAL C 95 -1.59 28.75 -25.34
CA VAL C 95 -1.51 29.03 -26.77
C VAL C 95 -1.84 30.49 -27.01
N HIS C 96 -2.93 30.91 -26.43
CA HIS C 96 -3.42 32.27 -26.53
C HIS C 96 -2.43 33.29 -25.96
N THR C 97 -1.89 33.01 -24.80
CA THR C 97 -0.89 33.88 -24.19
C THR C 97 0.39 33.97 -25.00
N PHE C 98 0.81 32.84 -25.58
CA PHE C 98 2.05 32.82 -26.36
C PHE C 98 1.84 33.60 -27.65
N GLY C 99 0.63 33.43 -28.22
CA GLY C 99 0.23 34.16 -29.42
C GLY C 99 0.13 35.67 -29.20
N HIS C 100 -0.20 36.07 -27.98
CA HIS C 100 -0.21 37.48 -27.65
C HIS C 100 1.17 38.16 -27.68
N CYS C 101 2.22 37.55 -27.11
CA CYS C 101 3.58 38.11 -27.27
C CYS C 101 4.28 37.74 -28.59
N CYS C 102 3.69 36.84 -29.37
CA CYS C 102 4.20 36.42 -30.66
C CYS C 102 3.08 36.55 -31.69
N PRO C 103 2.65 37.80 -31.97
CA PRO C 103 1.54 37.99 -32.93
C PRO C 103 1.78 37.40 -34.30
N LYS C 104 3.00 37.46 -34.83
CA LYS C 104 3.22 36.95 -36.15
C LYS C 104 3.04 35.41 -36.17
N ALA C 105 3.49 34.76 -35.12
CA ALA C 105 3.39 33.26 -35.05
C ALA C 105 2.05 32.74 -34.58
N ALA C 106 1.20 33.63 -34.08
CA ALA C 106 0.04 33.25 -33.29
C ALA C 106 -0.85 32.19 -33.97
N GLY C 107 -1.06 32.31 -35.28
CA GLY C 107 -1.89 31.35 -35.99
C GLY C 107 -1.31 29.95 -36.21
N ILE C 108 0.00 29.78 -36.06
CA ILE C 108 0.62 28.48 -36.28
C ILE C 108 1.14 27.80 -34.98
N ILE C 109 1.02 28.46 -33.85
CA ILE C 109 1.41 27.83 -32.57
C ILE C 109 0.45 26.64 -32.33
N HIS C 110 1.01 25.47 -32.00
CA HIS C 110 0.15 24.30 -31.72
C HIS C 110 -0.52 23.72 -32.97
N LEU C 111 -0.10 24.10 -34.17
CA LEU C 111 -0.78 23.66 -35.38
C LEU C 111 -0.78 22.14 -35.50
N GLY C 112 -1.96 21.56 -35.65
CA GLY C 112 -2.15 20.12 -35.69
C GLY C 112 -2.12 19.35 -34.37
N ALA C 113 -1.66 19.98 -33.30
CA ALA C 113 -1.34 19.27 -32.08
C ALA C 113 -2.56 19.13 -31.19
N THR C 114 -2.45 18.28 -30.17
CA THR C 114 -3.43 18.22 -29.09
C THR C 114 -2.74 18.51 -27.78
N SER C 115 -3.52 18.66 -26.73
CA SER C 115 -3.03 19.17 -25.45
C SER C 115 -1.84 18.40 -24.92
N CYS C 116 -1.87 17.08 -25.02
CA CYS C 116 -0.79 16.30 -24.44
C CYS C 116 0.53 16.42 -25.23
N TYR C 117 0.51 16.97 -26.44
CA TYR C 117 1.79 17.30 -27.10
C TYR C 117 2.70 18.14 -26.16
N VAL C 118 2.13 19.15 -25.49
CA VAL C 118 2.95 19.88 -24.53
C VAL C 118 2.92 19.30 -23.12
N GLY C 119 1.73 18.94 -22.64
CA GLY C 119 1.59 18.50 -21.22
C GLY C 119 2.40 17.26 -20.85
N ASP C 120 2.32 16.28 -21.70
CA ASP C 120 2.79 14.94 -21.43
C ASP C 120 4.24 14.83 -21.85
N ASN C 121 4.60 15.39 -22.99
CA ASN C 121 6.03 15.51 -23.30
C ASN C 121 6.84 16.32 -22.31
N THR C 122 6.25 17.37 -21.74
CA THR C 122 6.91 18.16 -20.73
C THR C 122 7.12 17.33 -19.48
N ASP C 123 6.12 16.55 -19.09
CA ASP C 123 6.31 15.64 -17.97
C ASP C 123 7.49 14.69 -18.17
N LEU C 124 7.62 14.14 -19.35
CA LEU C 124 8.78 13.25 -19.68
C LEU C 124 10.11 13.96 -19.62
N ILE C 125 10.13 15.18 -20.14
CA ILE C 125 11.30 16.01 -20.02
C ILE C 125 11.65 16.26 -18.56
N ILE C 126 10.65 16.57 -17.77
CA ILE C 126 10.85 16.84 -16.37
C ILE C 126 11.40 15.59 -15.65
N LEU C 127 10.76 14.46 -15.86
CA LEU C 127 11.17 13.22 -15.22
C LEU C 127 12.63 12.92 -15.52
N ARG C 128 13.00 13.08 -16.78
CA ARG C 128 14.39 12.84 -17.16
C ARG C 128 15.34 13.80 -16.54
N ASN C 129 14.99 15.08 -16.49
N ASN C 129 14.97 15.09 -16.54
CA ASN C 129 15.91 16.04 -15.91
CA ASN C 129 15.80 16.14 -15.92
C ASN C 129 16.02 15.88 -14.41
C ASN C 129 16.02 15.81 -14.46
N ALA C 130 14.94 15.43 -13.78
CA ALA C 130 14.95 15.19 -12.35
C ALA C 130 15.85 13.96 -12.05
N LEU C 131 15.78 12.95 -12.89
CA LEU C 131 16.69 11.77 -12.74
C LEU C 131 18.15 12.20 -12.96
N ASP C 132 18.37 13.05 -13.95
CA ASP C 132 19.72 13.65 -14.19
C ASP C 132 20.30 14.41 -13.03
N LEU C 133 19.45 15.05 -12.23
CA LEU C 133 19.92 15.74 -11.07
C LEU C 133 20.25 14.76 -9.95
N LEU C 134 19.45 13.72 -9.81
CA LEU C 134 19.71 12.74 -8.73
C LEU C 134 20.99 11.91 -8.96
N LEU C 135 21.23 11.55 -10.22
CA LEU C 135 22.31 10.60 -10.57
C LEU C 135 23.71 11.02 -10.01
N PRO C 136 24.17 12.25 -10.27
CA PRO C 136 25.47 12.66 -9.72
C PRO C 136 25.48 12.77 -8.24
N LYS C 137 24.34 13.11 -7.62
CA LYS C 137 24.28 13.16 -6.17
C LYS C 137 24.50 11.79 -5.55
N LEU C 138 23.85 10.80 -6.13
CA LEU C 138 23.97 9.43 -5.64
C LEU C 138 25.41 8.86 -5.84
N ALA C 139 25.98 9.06 -7.03
CA ALA C 139 27.40 8.71 -7.28
C ALA C 139 28.34 9.35 -6.24
N ARG C 140 28.08 10.59 -5.89
CA ARG C 140 28.90 11.35 -4.98
C ARG C 140 28.82 10.75 -3.59
N VAL C 141 27.62 10.37 -3.17
CA VAL C 141 27.45 9.69 -1.90
C VAL C 141 28.20 8.33 -1.90
N ILE C 142 28.09 7.57 -2.96
CA ILE C 142 28.69 6.25 -3.06
C ILE C 142 30.24 6.41 -2.95
N SER C 143 30.74 7.44 -3.60
CA SER C 143 32.15 7.73 -3.61
C SER C 143 32.72 8.07 -2.23
N ARG C 144 32.01 8.89 -1.45
CA ARG C 144 32.44 9.22 -0.11
C ARG C 144 32.43 8.00 0.77
N LEU C 145 31.34 7.26 0.69
CA LEU C 145 31.21 6.04 1.48
C LEU C 145 32.27 5.01 1.06
N ALA C 146 32.61 4.95 -0.24
CA ALA C 146 33.67 4.05 -0.69
C ALA C 146 35.05 4.40 -0.05
N ASP C 147 35.41 5.70 -0.01
CA ASP C 147 36.64 6.20 0.67
C ASP C 147 36.69 5.78 2.13
N PHE C 148 35.55 5.93 2.80
CA PHE C 148 35.37 5.45 4.16
C PHE C 148 35.53 3.92 4.28
N ALA C 149 34.87 3.18 3.43
CA ALA C 149 34.98 1.76 3.50
C ALA C 149 36.46 1.34 3.28
N LYS C 150 37.15 2.01 2.39
CA LYS C 150 38.55 1.65 2.13
C LYS C 150 39.39 1.98 3.34
N GLU C 151 39.23 3.19 3.87
CA GLU C 151 39.98 3.57 5.05
C GLU C 151 39.77 2.58 6.22
N ARG C 152 38.56 2.05 6.37
CA ARG C 152 38.21 1.24 7.55
C ARG C 152 38.04 -0.24 7.24
N ALA C 153 38.62 -0.70 6.11
CA ALA C 153 38.46 -2.04 5.61
C ALA C 153 38.90 -3.11 6.60
N SER C 154 39.89 -2.77 7.43
CA SER C 154 40.51 -3.74 8.32
C SER C 154 40.18 -3.53 9.77
N LEU C 155 39.36 -2.53 10.08
CA LEU C 155 39.03 -2.21 11.48
C LEU C 155 37.98 -3.17 11.99
N PRO C 156 38.37 -4.15 12.85
CA PRO C 156 37.37 -5.08 13.33
C PRO C 156 36.26 -4.37 14.08
N THR C 157 35.07 -4.96 14.01
CA THR C 157 33.95 -4.48 14.76
C THR C 157 32.97 -5.62 14.99
N LEU C 158 32.22 -5.57 16.10
CA LEU C 158 31.33 -6.67 16.41
C LEU C 158 30.25 -6.85 15.31
N GLY C 159 30.10 -8.09 14.85
CA GLY C 159 29.05 -8.50 13.94
C GLY C 159 27.71 -8.57 14.66
N PHE C 160 26.63 -8.29 13.95
CA PHE C 160 25.31 -8.45 14.55
C PHE C 160 24.33 -9.19 13.68
N THR C 161 23.78 -10.26 14.22
CA THR C 161 22.62 -10.92 13.65
C THR C 161 21.57 -11.04 14.76
N HIS C 162 20.33 -10.75 14.41
CA HIS C 162 19.29 -10.53 15.44
C HIS C 162 19.61 -9.35 16.39
N PHE C 163 20.50 -8.45 15.93
CA PHE C 163 21.14 -7.43 16.78
C PHE C 163 21.72 -8.08 18.05
N GLN C 164 22.27 -9.29 17.88
CA GLN C 164 23.05 -10.01 18.91
C GLN C 164 24.48 -10.26 18.40
N PRO C 165 25.47 -10.28 19.32
CA PRO C 165 26.87 -10.48 18.94
C PRO C 165 27.04 -11.66 18.02
N ALA C 166 27.75 -11.40 16.93
CA ALA C 166 28.00 -12.40 15.91
C ALA C 166 29.40 -12.23 15.35
N GLN C 167 29.80 -13.22 14.57
CA GLN C 167 31.09 -13.24 13.86
C GLN C 167 31.55 -11.85 13.43
N LEU C 168 32.73 -11.50 13.90
CA LEU C 168 33.24 -10.17 13.66
C LEU C 168 33.22 -9.79 12.17
N THR C 169 32.94 -8.51 11.92
CA THR C 169 33.16 -7.94 10.62
C THR C 169 34.12 -6.79 10.71
N THR C 170 34.18 -5.95 9.68
CA THR C 170 34.91 -4.74 9.82
C THR C 170 33.99 -3.56 9.54
N VAL C 171 34.38 -2.41 10.03
CA VAL C 171 33.64 -1.19 9.79
C VAL C 171 33.47 -0.96 8.28
N GLY C 172 34.52 -1.19 7.51
CA GLY C 172 34.44 -0.98 6.07
C GLY C 172 33.65 -2.06 5.31
N LYS C 173 33.73 -3.30 5.78
CA LYS C 173 32.90 -4.36 5.23
C LYS C 173 31.42 -4.05 5.44
N ARG C 174 31.08 -3.60 6.64
CA ARG C 174 29.69 -3.23 6.91
C ARG C 174 29.27 -2.09 5.99
N CYS C 175 30.11 -1.08 5.91
CA CYS C 175 29.91 0.01 4.95
C CYS C 175 29.64 -0.45 3.51
N CYS C 176 30.21 -1.59 3.12
CA CYS C 176 29.98 -2.14 1.81
C CYS C 176 28.57 -2.67 1.63
N LEU C 177 27.94 -3.15 2.70
CA LEU C 177 26.50 -3.51 2.61
C LEU C 177 25.67 -2.29 2.16
N TRP C 178 25.94 -1.17 2.80
CA TRP C 178 25.34 0.11 2.44
C TRP C 178 25.65 0.51 1.02
N ILE C 179 26.94 0.48 0.66
CA ILE C 179 27.34 0.90 -0.68
C ILE C 179 26.68 0.07 -1.75
N GLN C 180 26.63 -1.24 -1.57
CA GLN C 180 26.06 -2.12 -2.58
C GLN C 180 24.59 -1.85 -2.86
N ASP C 181 23.81 -1.62 -1.83
CA ASP C 181 22.40 -1.28 -2.11
C ASP C 181 22.30 0.05 -2.96
N LEU C 182 23.08 1.05 -2.60
CA LEU C 182 23.14 2.31 -3.30
C LEU C 182 23.64 2.20 -4.74
N CYS C 183 24.58 1.28 -5.00
CA CYS C 183 25.01 0.98 -6.36
C CYS C 183 23.85 0.39 -7.19
N MET C 184 23.08 -0.49 -6.60
CA MET C 184 21.92 -1.03 -7.26
C MET C 184 20.89 0.10 -7.62
N ASP C 185 20.66 1.01 -6.69
CA ASP C 185 19.87 2.20 -6.92
C ASP C 185 20.43 3.03 -8.08
N LEU C 186 21.75 3.27 -8.06
CA LEU C 186 22.37 4.06 -9.11
C LEU C 186 22.11 3.41 -10.47
N GLN C 187 22.34 2.12 -10.59
CA GLN C 187 22.07 1.42 -11.84
C GLN C 187 20.61 1.47 -12.25
N ASN C 188 19.70 1.35 -11.28
CA ASN C 188 18.27 1.44 -11.56
C ASN C 188 17.87 2.82 -12.12
N LEU C 189 18.35 3.88 -11.48
CA LEU C 189 17.96 5.22 -11.88
C LEU C 189 18.48 5.53 -13.28
N LYS C 190 19.70 5.09 -13.57
CA LYS C 190 20.32 5.27 -14.85
C LYS C 190 19.58 4.53 -15.93
N ARG C 191 19.17 3.29 -15.65
CA ARG C 191 18.43 2.48 -16.62
C ARG C 191 17.10 3.14 -16.96
N VAL C 192 16.42 3.59 -15.93
CA VAL C 192 15.13 4.21 -16.12
C VAL C 192 15.29 5.49 -16.93
N ARG C 193 16.28 6.28 -16.57
CA ARG C 193 16.56 7.51 -17.29
C ARG C 193 16.85 7.23 -18.79
N ASP C 194 17.73 6.25 -19.05
CA ASP C 194 18.14 5.95 -20.44
C ASP C 194 17.01 5.36 -21.25
N ASP C 195 16.12 4.60 -20.60
CA ASP C 195 15.05 3.91 -21.28
C ASP C 195 13.77 4.72 -21.44
N LEU C 196 13.71 5.93 -20.89
CA LEU C 196 12.55 6.79 -21.03
C LEU C 196 12.34 7.17 -22.51
N ARG C 197 11.16 6.90 -23.04
CA ARG C 197 10.80 7.21 -24.39
C ARG C 197 9.95 8.43 -24.47
N PHE C 198 9.95 9.07 -25.63
CA PHE C 198 9.19 10.30 -25.85
C PHE C 198 7.77 9.96 -26.33
N ARG C 199 6.75 10.75 -25.89
CA ARG C 199 5.43 10.60 -26.44
C ARG C 199 5.39 11.06 -27.89
N GLY C 200 6.00 12.21 -28.18
CA GLY C 200 5.92 12.76 -29.54
C GLY C 200 4.56 13.30 -29.90
N VAL C 201 4.20 13.19 -31.18
CA VAL C 201 2.95 13.69 -31.73
C VAL C 201 2.06 12.50 -31.95
N LYS C 202 0.94 12.46 -31.23
CA LYS C 202 0.11 11.24 -31.19
C LYS C 202 -1.38 11.51 -31.31
N GLY C 203 -1.83 12.76 -31.17
CA GLY C 203 -3.28 13.01 -31.31
C GLY C 203 -4.01 12.76 -30.00
N THR C 204 -5.33 12.95 -30.04
N THR C 204 -5.32 12.99 -29.98
CA THR C 204 -6.14 12.87 -28.85
CA THR C 204 -6.09 12.87 -28.73
C THR C 204 -6.30 11.45 -28.30
C THR C 204 -6.29 11.43 -28.27
N THR C 205 -6.27 10.45 -29.19
CA THR C 205 -6.45 9.04 -28.81
C THR C 205 -5.28 8.19 -29.25
N GLY C 206 -4.21 8.83 -29.74
CA GLY C 206 -2.95 8.14 -30.09
C GLY C 206 -2.83 7.71 -31.54
N THR C 207 -3.86 7.98 -32.33
CA THR C 207 -3.90 7.62 -33.72
C THR C 207 -3.24 8.65 -34.70
N GLN C 208 -2.83 9.83 -34.20
CA GLN C 208 -2.27 10.89 -35.05
C GLN C 208 -3.24 11.36 -36.15
N ALA C 209 -4.55 11.23 -35.93
CA ALA C 209 -5.55 11.64 -36.93
C ALA C 209 -5.45 13.13 -37.32
N SER C 210 -5.23 14.00 -36.33
N SER C 210 -5.27 14.01 -36.34
CA SER C 210 -5.15 15.45 -36.57
CA SER C 210 -5.18 15.44 -36.68
C SER C 210 -3.92 15.82 -37.42
C SER C 210 -3.94 15.71 -37.55
N PHE C 211 -2.79 15.17 -37.15
CA PHE C 211 -1.58 15.34 -37.98
C PHE C 211 -1.73 14.74 -39.35
N LEU C 212 -2.36 13.56 -39.41
CA LEU C 212 -2.63 12.91 -40.68
C LEU C 212 -3.46 13.84 -41.58
N GLN C 213 -4.48 14.48 -41.02
CA GLN C 213 -5.30 15.39 -41.80
C GLN C 213 -4.51 16.66 -42.15
N LEU C 214 -3.70 17.17 -41.21
CA LEU C 214 -2.89 18.35 -41.46
C LEU C 214 -1.98 18.12 -42.65
N PHE C 215 -1.45 16.91 -42.77
CA PHE C 215 -0.57 16.51 -43.90
C PHE C 215 -1.31 15.87 -45.09
N GLU C 216 -2.63 16.02 -45.14
CA GLU C 216 -3.47 15.54 -46.25
C GLU C 216 -3.30 14.08 -46.57
N GLY C 217 -3.25 13.27 -45.52
CA GLY C 217 -3.19 11.83 -45.68
C GLY C 217 -1.80 11.26 -45.89
N ASP C 218 -0.77 12.07 -45.77
CA ASP C 218 0.56 11.59 -45.97
C ASP C 218 1.15 11.01 -44.70
N ASP C 219 1.15 9.68 -44.60
CA ASP C 219 1.66 8.98 -43.40
C ASP C 219 3.13 9.23 -43.14
N HIS C 220 3.90 9.33 -44.21
CA HIS C 220 5.33 9.45 -44.11
C HIS C 220 5.69 10.78 -43.42
N LYS C 221 5.00 11.83 -43.76
CA LYS C 221 5.17 13.09 -43.09
C LYS C 221 4.83 13.02 -41.61
N VAL C 222 3.78 12.30 -41.25
CA VAL C 222 3.49 12.14 -39.83
C VAL C 222 4.62 11.47 -39.09
N GLU C 223 5.17 10.41 -39.66
CA GLU C 223 6.25 9.65 -39.04
C GLU C 223 7.54 10.51 -38.97
N GLN C 224 7.78 11.39 -39.97
CA GLN C 224 8.90 12.29 -39.89
C GLN C 224 8.77 13.29 -38.77
N LEU C 225 7.57 13.87 -38.64
CA LEU C 225 7.33 14.82 -37.59
C LEU C 225 7.60 14.22 -36.21
N ASP C 226 7.15 12.99 -36.01
CA ASP C 226 7.32 12.31 -34.73
C ASP C 226 8.82 12.08 -34.46
N LYS C 227 9.53 11.63 -35.51
CA LYS C 227 10.94 11.43 -35.40
C LYS C 227 11.67 12.73 -35.08
N MET C 228 11.28 13.80 -35.75
CA MET C 228 12.02 15.05 -35.63
C MET C 228 11.81 15.72 -34.28
N VAL C 229 10.55 15.80 -33.78
CA VAL C 229 10.37 16.40 -32.44
C VAL C 229 11.04 15.60 -31.35
N THR C 230 11.08 14.29 -31.52
CA THR C 230 11.78 13.41 -30.57
C THR C 230 13.30 13.73 -30.52
N GLU C 231 13.86 13.86 -31.71
CA GLU C 231 15.25 14.28 -31.87
C GLU C 231 15.52 15.62 -31.32
N LYS C 232 14.65 16.60 -31.62
CA LYS C 232 14.83 17.96 -31.06
C LYS C 232 14.81 18.01 -29.53
N ALA C 233 14.01 17.12 -28.90
CA ALA C 233 13.94 17.05 -27.44
C ALA C 233 15.05 16.23 -26.82
N GLY C 234 15.94 15.66 -27.64
CA GLY C 234 17.11 14.91 -27.14
C GLY C 234 16.79 13.52 -26.63
N PHE C 235 15.72 12.90 -27.14
CA PHE C 235 15.39 11.53 -26.78
C PHE C 235 15.81 10.66 -27.90
N LYS C 236 16.28 9.47 -27.58
CA LYS C 236 16.70 8.49 -28.60
C LYS C 236 15.55 7.76 -29.22
N ARG C 237 14.45 7.66 -28.50
CA ARG C 237 13.37 6.85 -28.95
C ARG C 237 12.02 7.48 -28.57
N ALA C 238 11.05 7.37 -29.48
CA ALA C 238 9.64 7.66 -29.19
C ALA C 238 8.84 6.36 -29.13
N PHE C 239 7.76 6.37 -28.36
CA PHE C 239 6.72 5.38 -28.52
C PHE C 239 6.19 5.27 -29.92
N ILE C 240 5.94 4.04 -30.33
CA ILE C 240 5.03 3.84 -31.48
C ILE C 240 3.57 3.87 -30.99
N ILE C 241 3.31 3.06 -29.97
CA ILE C 241 2.00 2.86 -29.40
C ILE C 241 1.80 3.75 -28.14
N THR C 242 0.75 4.56 -28.21
CA THR C 242 0.21 5.28 -27.07
C THR C 242 -1.29 5.33 -27.19
N GLY C 243 -1.96 5.66 -26.07
CA GLY C 243 -3.28 6.26 -26.19
C GLY C 243 -3.10 7.77 -26.30
N GLN C 244 -3.87 8.56 -25.55
CA GLN C 244 -3.59 10.00 -25.50
C GLN C 244 -2.17 10.36 -24.96
N THR C 245 -1.70 9.59 -23.98
CA THR C 245 -0.50 9.89 -23.23
C THR C 245 0.48 8.68 -23.25
N TYR C 246 1.66 8.87 -22.69
CA TYR C 246 2.58 7.75 -22.49
C TYR C 246 1.89 6.84 -21.45
N THR C 247 2.06 5.54 -21.57
CA THR C 247 1.49 4.63 -20.62
C THR C 247 1.89 4.99 -19.20
N ARG C 248 0.90 5.02 -18.30
CA ARG C 248 1.19 5.37 -16.91
C ARG C 248 1.98 4.27 -16.15
N LYS C 249 2.22 3.12 -16.83
CA LYS C 249 3.20 2.21 -16.36
C LYS C 249 4.59 2.87 -16.19
N VAL C 250 4.91 3.88 -16.99
CA VAL C 250 6.22 4.56 -16.85
C VAL C 250 6.37 5.19 -15.48
N ASP C 251 5.29 5.76 -14.92
CA ASP C 251 5.36 6.39 -13.65
C ASP C 251 5.56 5.38 -12.53
N ILE C 252 4.98 4.19 -12.70
CA ILE C 252 5.26 3.06 -11.78
C ILE C 252 6.76 2.73 -11.77
N GLU C 253 7.33 2.60 -12.94
CA GLU C 253 8.76 2.23 -13.07
C GLU C 253 9.62 3.25 -12.37
N VAL C 254 9.33 4.53 -12.60
CA VAL C 254 10.09 5.62 -11.98
C VAL C 254 9.95 5.67 -10.46
N LEU C 255 8.71 5.66 -9.95
CA LEU C 255 8.52 5.79 -8.51
C LEU C 255 8.88 4.50 -7.76
N SER C 256 8.87 3.36 -8.47
CA SER C 256 9.30 2.11 -7.86
C SER C 256 10.81 2.14 -7.59
N VAL C 257 11.64 2.71 -8.46
N VAL C 257 11.54 2.64 -8.56
CA VAL C 257 13.07 2.80 -8.20
CA VAL C 257 12.95 2.85 -8.40
C VAL C 257 13.37 3.86 -7.14
C VAL C 257 13.27 3.78 -7.24
N LEU C 258 12.56 4.91 -7.11
CA LEU C 258 12.74 5.82 -6.00
C LEU C 258 12.35 5.15 -4.65
N ALA C 259 11.29 4.35 -4.66
CA ALA C 259 10.86 3.67 -3.41
C ALA C 259 11.92 2.68 -2.89
N SER C 260 12.54 1.96 -3.80
CA SER C 260 13.57 1.02 -3.45
C SER C 260 14.78 1.78 -2.93
N LEU C 261 15.07 2.93 -3.50
CA LEU C 261 16.09 3.78 -2.95
C LEU C 261 15.78 4.21 -1.52
N GLY C 262 14.53 4.51 -1.23
CA GLY C 262 14.16 4.89 0.06
C GLY C 262 14.35 3.74 1.02
N ALA C 263 13.97 2.52 0.64
CA ALA C 263 14.23 1.37 1.52
C ALA C 263 15.74 1.22 1.84
N SER C 264 16.62 1.35 0.85
CA SER C 264 18.07 1.29 1.08
C SER C 264 18.53 2.34 2.10
N VAL C 265 18.07 3.58 1.88
CA VAL C 265 18.48 4.68 2.76
C VAL C 265 17.95 4.47 4.17
N HIS C 266 16.73 4.01 4.29
CA HIS C 266 16.16 3.78 5.62
C HIS C 266 17.00 2.73 6.39
N LYS C 267 17.43 1.68 5.69
CA LYS C 267 18.21 0.65 6.30
C LYS C 267 19.56 1.19 6.74
N ILE C 268 20.25 1.86 5.83
CA ILE C 268 21.54 2.48 6.12
C ILE C 268 21.47 3.44 7.29
N CYS C 269 20.44 4.26 7.30
CA CYS C 269 20.37 5.30 8.32
C CYS C 269 19.84 4.74 9.66
N THR C 270 19.09 3.66 9.59
CA THR C 270 18.78 2.86 10.77
C THR C 270 20.05 2.26 11.40
N ASP C 271 20.92 1.64 10.60
CA ASP C 271 22.18 1.11 11.12
C ASP C 271 23.00 2.23 11.78
N ILE C 272 23.02 3.40 11.13
CA ILE C 272 23.78 4.53 11.66
C ILE C 272 23.20 5.00 12.98
N ARG C 273 21.90 5.01 13.08
CA ARG C 273 21.30 5.41 14.36
C ARG C 273 21.65 4.41 15.48
N LEU C 274 21.69 3.13 15.14
CA LEU C 274 22.01 2.08 16.13
C LEU C 274 23.52 2.19 16.56
N LEU C 275 24.41 2.46 15.60
CA LEU C 275 25.82 2.65 15.88
C LEU C 275 26.05 3.84 16.78
N ALA C 276 25.21 4.87 16.67
CA ALA C 276 25.27 6.01 17.55
C ALA C 276 24.84 5.67 18.96
N ASN C 277 23.84 4.83 19.15
CA ASN C 277 23.52 4.35 20.50
C ASN C 277 24.68 3.51 21.07
N LEU C 278 25.32 2.73 20.23
CA LEU C 278 26.43 1.91 20.69
C LEU C 278 27.73 2.72 20.90
N LYS C 279 27.71 4.00 20.51
CA LYS C 279 28.84 4.92 20.66
C LYS C 279 30.05 4.54 19.82
N GLU C 280 29.81 3.75 18.78
CA GLU C 280 30.86 3.29 17.87
C GLU C 280 31.06 4.22 16.68
N MET C 281 30.01 4.94 16.28
CA MET C 281 30.07 5.83 15.16
C MET C 281 29.09 6.98 15.40
N GLU C 282 29.44 8.17 14.93
CA GLU C 282 28.52 9.31 14.98
C GLU C 282 28.56 10.04 13.67
N GLU C 283 27.41 10.60 13.31
CA GLU C 283 27.23 11.66 12.30
C GLU C 283 28.03 12.92 12.65
N PRO C 284 28.29 13.78 11.65
CA PRO C 284 28.98 15.07 11.90
C PRO C 284 28.38 15.87 13.06
N ARG C 299 24.18 14.58 22.16
CA ARG C 299 24.41 14.42 20.71
C ARG C 299 23.54 13.34 19.99
N ASN C 300 22.63 13.80 19.10
CA ASN C 300 21.59 12.95 18.46
C ASN C 300 21.77 12.83 16.93
N PRO C 301 21.43 11.66 16.36
CA PRO C 301 21.63 11.33 14.97
C PRO C 301 20.50 11.91 14.10
N MET C 302 20.36 13.22 14.12
N MET C 302 20.39 13.23 14.02
CA MET C 302 19.19 13.87 13.57
CA MET C 302 19.18 13.86 13.52
C MET C 302 19.14 13.75 12.04
C MET C 302 19.11 13.82 12.00
N ARG C 303 20.28 13.91 11.36
CA ARG C 303 20.30 13.77 9.88
C ARG C 303 19.82 12.40 9.41
N SER C 304 20.29 11.37 10.09
CA SER C 304 19.88 10.02 9.80
C SER C 304 18.40 9.77 10.07
N GLU C 305 17.89 10.34 11.16
CA GLU C 305 16.45 10.32 11.44
C GLU C 305 15.65 10.97 10.34
N ARG C 306 16.08 12.17 9.91
CA ARG C 306 15.40 12.88 8.81
C ARG C 306 15.40 12.01 7.57
N CYS C 307 16.54 11.39 7.26
CA CYS C 307 16.63 10.55 6.07
C CYS C 307 15.61 9.44 6.17
N CYS C 308 15.53 8.79 7.34
CA CYS C 308 14.59 7.70 7.51
C CYS C 308 13.15 8.22 7.30
N SER C 309 12.86 9.37 7.89
CA SER C 309 11.53 9.93 7.88
C SER C 309 11.08 10.16 6.43
N LEU C 310 11.96 10.75 5.62
CA LEU C 310 11.67 11.01 4.21
C LEU C 310 11.68 9.77 3.34
N ALA C 311 12.62 8.86 3.60
CA ALA C 311 12.68 7.60 2.87
C ALA C 311 11.40 6.81 2.97
N ARG C 312 10.78 6.82 4.14
CA ARG C 312 9.52 6.16 4.37
C ARG C 312 8.40 6.74 3.47
N HIS C 313 8.39 8.06 3.30
CA HIS C 313 7.43 8.72 2.40
C HIS C 313 7.65 8.34 0.97
N LEU C 314 8.91 8.24 0.56
CA LEU C 314 9.22 7.70 -0.78
C LEU C 314 8.66 6.25 -1.04
N MET C 315 8.73 5.40 -0.02
CA MET C 315 8.18 4.06 -0.11
C MET C 315 6.65 4.08 -0.22
N THR C 316 6.02 4.88 0.61
CA THR C 316 4.56 5.05 0.59
C THR C 316 4.05 5.46 -0.78
N LEU C 317 4.75 6.42 -1.40
CA LEU C 317 4.30 7.00 -2.66
C LEU C 317 4.18 5.99 -3.80
N VAL C 318 4.82 4.83 -3.70
CA VAL C 318 4.76 3.85 -4.83
C VAL C 318 3.31 3.42 -5.12
N MET C 319 2.48 3.40 -4.09
CA MET C 319 1.09 3.03 -4.29
C MET C 319 0.26 3.98 -5.13
N ASP C 320 0.63 5.27 -5.20
CA ASP C 320 -0.07 6.19 -6.06
C ASP C 320 -0.07 5.75 -7.55
N PRO C 321 1.11 5.63 -8.17
CA PRO C 321 1.10 5.25 -9.61
C PRO C 321 0.68 3.81 -9.92
N LEU C 322 0.87 2.89 -8.97
CA LEU C 322 0.28 1.55 -9.08
C LEU C 322 -1.22 1.61 -9.22
N GLN C 323 -1.87 2.31 -8.31
CA GLN C 323 -3.31 2.49 -8.40
C GLN C 323 -3.72 3.19 -9.66
N THR C 324 -3.04 4.31 -9.94
CA THR C 324 -3.44 5.12 -11.11
C THR C 324 -3.44 4.29 -12.38
N ALA C 325 -2.36 3.57 -12.65
CA ALA C 325 -2.26 2.88 -13.92
C ALA C 325 -3.34 1.79 -13.98
N SER C 326 -3.62 1.17 -12.84
CA SER C 326 -4.54 0.03 -12.77
CA SER C 326 -4.55 0.03 -12.80
C SER C 326 -5.96 0.38 -13.22
N VAL C 327 -6.35 1.65 -13.06
CA VAL C 327 -7.69 2.08 -13.37
C VAL C 327 -7.82 3.12 -14.46
N GLN C 328 -6.81 3.22 -15.33
CA GLN C 328 -6.94 4.08 -16.49
C GLN C 328 -7.91 3.35 -17.39
N TRP C 329 -8.91 4.02 -17.89
CA TRP C 329 -9.79 3.35 -18.85
C TRP C 329 -9.42 3.78 -20.26
N PHE C 330 -9.29 2.77 -21.13
CA PHE C 330 -9.14 2.95 -22.57
C PHE C 330 -7.98 3.87 -22.93
N GLU C 331 -8.20 4.87 -23.77
CA GLU C 331 -7.08 5.69 -24.25
C GLU C 331 -6.67 6.86 -23.30
N ARG C 332 -7.38 7.03 -22.17
CA ARG C 332 -6.97 7.81 -21.00
C ARG C 332 -8.23 8.27 -20.24
N THR C 333 -8.17 8.24 -18.92
CA THR C 333 -9.10 8.98 -18.09
C THR C 333 -8.31 10.00 -17.31
N LEU C 334 -8.95 11.15 -17.02
CA LEU C 334 -8.20 12.25 -16.44
C LEU C 334 -8.13 12.18 -14.92
N ASP C 335 -8.49 11.04 -14.31
CA ASP C 335 -8.17 10.82 -12.89
C ASP C 335 -6.70 10.53 -12.61
N ASP C 336 -5.84 10.64 -13.63
CA ASP C 336 -4.43 10.58 -13.39
C ASP C 336 -3.84 11.93 -13.02
N SER C 337 -4.50 13.01 -13.38
CA SER C 337 -3.86 14.29 -13.45
C SER C 337 -3.44 14.91 -12.13
N ALA C 338 -4.40 15.06 -11.19
CA ALA C 338 -4.13 15.67 -9.91
C ALA C 338 -3.18 14.84 -9.10
N ASN C 339 -3.39 13.52 -9.14
CA ASN C 339 -2.49 12.60 -8.45
C ASN C 339 -1.05 12.69 -8.89
N ARG C 340 -0.85 12.78 -10.19
CA ARG C 340 0.51 12.90 -10.72
C ARG C 340 1.15 14.24 -10.43
N ARG C 341 0.35 15.30 -10.41
CA ARG C 341 0.89 16.59 -9.95
C ARG C 341 1.50 16.54 -8.55
N ILE C 342 0.90 15.75 -7.67
CA ILE C 342 1.38 15.56 -6.32
C ILE C 342 2.60 14.58 -6.22
N CYS C 343 2.41 13.36 -6.67
CA CYS C 343 3.35 12.28 -6.36
C CYS C 343 4.65 12.35 -7.12
N LEU C 344 4.61 12.78 -8.38
CA LEU C 344 5.83 12.80 -9.19
C LEU C 344 6.80 13.84 -8.64
N ALA C 345 6.34 15.08 -8.50
CA ALA C 345 7.15 16.11 -7.87
C ALA C 345 7.59 15.73 -6.43
N GLU C 346 6.65 15.27 -5.62
CA GLU C 346 7.00 14.97 -4.22
C GLU C 346 8.04 13.89 -4.13
N ALA C 347 7.88 12.85 -4.95
CA ALA C 347 8.87 11.74 -4.91
C ALA C 347 10.30 12.24 -5.23
N PHE C 348 10.44 13.04 -6.28
CA PHE C 348 11.75 13.61 -6.64
C PHE C 348 12.26 14.60 -5.65
N LEU C 349 11.40 15.46 -5.12
CA LEU C 349 11.84 16.47 -4.15
C LEU C 349 12.26 15.78 -2.85
N THR C 350 11.51 14.76 -2.45
CA THR C 350 11.89 13.92 -1.29
C THR C 350 13.23 13.20 -1.50
N ALA C 351 13.42 12.58 -2.66
CA ALA C 351 14.64 11.85 -2.97
C ALA C 351 15.86 12.80 -2.98
N ASP C 352 15.66 13.97 -3.54
CA ASP C 352 16.67 15.01 -3.56
C ASP C 352 17.10 15.41 -2.18
N THR C 353 16.15 15.70 -1.30
CA THR C 353 16.47 16.05 0.07
C THR C 353 17.29 14.94 0.76
N ILE C 354 16.88 13.70 0.53
CA ILE C 354 17.54 12.59 1.15
C ILE C 354 19.01 12.53 0.70
N LEU C 355 19.24 12.59 -0.60
CA LEU C 355 20.59 12.55 -1.09
C LEU C 355 21.43 13.73 -0.62
N ASN C 356 20.88 14.95 -0.57
CA ASN C 356 21.65 16.10 -0.04
C ASN C 356 22.03 15.87 1.43
N THR C 357 21.11 15.30 2.21
CA THR C 357 21.35 15.02 3.62
C THR C 357 22.34 13.87 3.80
N LEU C 358 22.18 12.83 3.01
CA LEU C 358 23.10 11.67 3.05
C LEU C 358 24.54 12.03 2.65
N GLN C 359 24.65 12.98 1.73
CA GLN C 359 25.94 13.53 1.36
C GLN C 359 26.65 14.17 2.56
N ASN C 360 25.91 14.99 3.31
CA ASN C 360 26.39 15.61 4.55
C ASN C 360 26.78 14.59 5.67
N ILE C 361 25.96 13.55 5.85
CA ILE C 361 26.31 12.44 6.74
C ILE C 361 27.64 11.76 6.31
N SER C 362 27.74 11.45 5.04
CA SER C 362 28.86 10.66 4.54
C SER C 362 30.18 11.44 4.55
N GLU C 363 30.14 12.76 4.55
CA GLU C 363 31.34 13.58 4.58
C GLU C 363 31.97 13.59 5.94
N GLY C 364 31.20 13.31 6.99
CA GLY C 364 31.69 13.46 8.35
C GLY C 364 31.47 12.35 9.33
N LEU C 365 31.51 11.10 8.89
CA LEU C 365 31.30 9.99 9.81
C LEU C 365 32.52 9.93 10.74
N VAL C 366 32.26 9.89 12.03
CA VAL C 366 33.29 9.79 13.05
C VAL C 366 33.19 8.40 13.71
N VAL C 367 34.30 7.66 13.73
CA VAL C 367 34.37 6.32 14.35
C VAL C 367 35.18 6.41 15.66
N TYR C 368 34.82 5.59 16.65
CA TYR C 368 35.50 5.56 17.96
C TYR C 368 36.06 4.12 18.19
N PRO C 369 37.24 3.82 17.62
CA PRO C 369 37.84 2.48 17.64
C PRO C 369 38.02 1.92 19.06
N LYS C 370 38.24 2.79 20.02
CA LYS C 370 38.43 2.34 21.40
C LYS C 370 37.11 1.82 21.96
N VAL C 371 35.98 2.44 21.56
CA VAL C 371 34.68 1.91 21.97
C VAL C 371 34.40 0.55 21.30
N ILE C 372 34.65 0.51 20.00
CA ILE C 372 34.58 -0.72 19.21
C ILE C 372 35.44 -1.85 19.86
N GLU C 373 36.66 -1.51 20.24
CA GLU C 373 37.63 -2.48 20.82
C GLU C 373 37.11 -3.01 22.14
N ARG C 374 36.62 -2.14 23.00
CA ARG C 374 36.06 -2.55 24.27
C ARG C 374 34.89 -3.52 24.09
N ARG C 375 33.98 -3.23 23.14
CA ARG C 375 32.82 -4.10 22.94
C ARG C 375 33.27 -5.48 22.42
N ILE C 376 34.17 -5.48 21.45
CA ILE C 376 34.77 -6.75 21.00
C ILE C 376 35.34 -7.59 22.19
N ARG C 377 36.11 -6.95 23.08
CA ARG C 377 36.72 -7.67 24.24
C ARG C 377 35.72 -8.25 25.21
N GLN C 378 34.54 -7.64 25.30
CA GLN C 378 33.47 -8.18 26.10
C GLN C 378 32.78 -9.35 25.48
N GLU C 379 32.63 -9.33 24.15
CA GLU C 379 31.86 -10.36 23.45
C GLU C 379 32.70 -11.46 22.84
N LEU C 380 33.89 -11.12 22.38
CA LEU C 380 34.72 -12.10 21.65
C LEU C 380 34.95 -13.41 22.41
N PRO C 381 35.13 -13.36 23.74
CA PRO C 381 35.44 -14.64 24.38
C PRO C 381 34.36 -15.69 24.21
N PHE C 382 33.08 -15.29 24.25
CA PHE C 382 32.02 -16.27 24.05
C PHE C 382 31.99 -16.84 22.63
N MET C 383 32.68 -16.18 21.72
CA MET C 383 32.69 -16.62 20.32
C MET C 383 34.00 -17.35 19.98
N ALA C 384 34.93 -17.40 20.94
CA ALA C 384 36.25 -17.94 20.70
C ALA C 384 36.39 -19.34 21.28
N THR C 385 35.29 -19.89 21.79
CA THR C 385 35.34 -21.12 22.56
C THR C 385 35.70 -22.27 21.64
N GLU C 386 35.34 -22.16 20.36
CA GLU C 386 35.67 -23.16 19.36
C GLU C 386 37.16 -23.24 19.08
N ASN C 387 37.82 -22.10 18.88
CA ASN C 387 39.27 -22.06 18.66
C ASN C 387 40.10 -22.44 19.86
N ILE C 388 39.60 -22.20 21.07
CA ILE C 388 40.26 -22.67 22.30
C ILE C 388 40.25 -24.22 22.30
N ILE C 389 39.09 -24.81 22.01
CA ILE C 389 38.96 -26.29 21.93
C ILE C 389 39.92 -26.92 20.89
N MET C 390 39.98 -26.34 19.69
CA MET C 390 40.89 -26.80 18.62
C MET C 390 42.37 -26.72 19.02
N ALA C 391 42.76 -25.71 19.81
CA ALA C 391 44.16 -25.57 20.26
C ALA C 391 44.52 -26.61 21.33
N MET C 392 43.55 -26.96 22.17
CA MET C 392 43.77 -27.95 23.23
C MET C 392 43.96 -29.33 22.61
N VAL C 393 43.10 -29.64 21.64
CA VAL C 393 43.22 -30.84 20.81
C VAL C 393 44.61 -30.92 20.13
N LYS C 394 45.05 -29.81 19.55
CA LYS C 394 46.38 -29.74 18.93
C LYS C 394 47.58 -29.85 19.91
N ALA C 395 47.35 -29.78 21.22
CA ALA C 395 48.41 -30.12 22.20
C ALA C 395 48.02 -31.34 23.07
N GLY C 396 47.10 -32.16 22.58
CA GLY C 396 46.89 -33.50 23.12
C GLY C 396 45.48 -33.81 23.61
N GLY C 397 44.68 -32.77 23.85
CA GLY C 397 43.50 -32.89 24.73
C GLY C 397 42.27 -33.55 24.13
N SER C 398 41.31 -33.86 24.98
CA SER C 398 40.00 -34.35 24.54
C SER C 398 39.09 -33.19 24.13
N ARG C 399 38.40 -33.39 23.01
CA ARG C 399 37.39 -32.45 22.53
C ARG C 399 36.24 -32.37 23.52
N GLN C 400 35.72 -33.52 23.94
CA GLN C 400 34.50 -33.55 24.75
C GLN C 400 34.74 -33.13 26.20
N ASP C 401 35.94 -33.37 26.72
CA ASP C 401 36.34 -32.87 28.05
C ASP C 401 36.40 -31.35 28.03
N CYS C 402 37.03 -30.80 26.99
CA CYS C 402 37.29 -29.36 26.87
C CYS C 402 36.03 -28.54 26.63
N HIS C 403 35.09 -29.06 25.85
CA HIS C 403 33.77 -28.45 25.67
C HIS C 403 33.05 -28.28 27.01
N GLU C 404 33.03 -29.34 27.82
CA GLU C 404 32.38 -29.33 29.14
C GLU C 404 33.05 -28.38 30.15
N LYS C 405 34.38 -28.31 30.12
CA LYS C 405 35.13 -27.33 30.93
C LYS C 405 34.81 -25.88 30.52
N ILE C 406 34.85 -25.60 29.21
CA ILE C 406 34.40 -24.31 28.70
C ILE C 406 32.93 -24.06 29.09
N ARG C 407 32.04 -25.03 28.87
CA ARG C 407 30.63 -24.81 29.23
C ARG C 407 30.43 -24.27 30.67
N VAL C 408 31.13 -24.82 31.67
CA VAL C 408 30.94 -24.37 33.07
C VAL C 408 31.50 -22.95 33.28
N LEU C 409 32.67 -22.67 32.72
CA LEU C 409 33.31 -21.37 32.84
C LEU C 409 32.52 -20.25 32.10
N SER C 410 32.03 -20.58 30.90
CA SER C 410 31.12 -19.73 30.15
C SER C 410 29.86 -19.40 30.92
N GLN C 411 29.16 -20.42 31.42
CA GLN C 411 27.97 -20.25 32.26
C GLN C 411 28.23 -19.27 33.41
N GLN C 412 29.45 -19.34 33.99
CA GLN C 412 29.83 -18.49 35.11
C GLN C 412 30.11 -17.06 34.67
N ALA C 413 30.84 -16.92 33.57
CA ALA C 413 31.11 -15.61 33.00
C ALA C 413 29.79 -14.92 32.59
N ALA C 414 28.90 -15.68 31.98
CA ALA C 414 27.63 -15.17 31.55
C ALA C 414 26.76 -14.68 32.73
N SER C 415 26.75 -15.43 33.83
CA SER C 415 26.08 -14.95 35.07
C SER C 415 26.67 -13.66 35.57
N VAL C 416 27.98 -13.53 35.56
CA VAL C 416 28.63 -12.25 35.97
C VAL C 416 28.16 -11.10 35.06
N VAL C 417 28.21 -11.31 33.75
CA VAL C 417 27.66 -10.32 32.80
C VAL C 417 26.19 -9.92 33.09
N LYS C 418 25.28 -10.88 33.20
CA LYS C 418 23.86 -10.57 33.24
C LYS C 418 23.32 -10.40 34.66
N GLN C 419 23.60 -11.37 35.53
CA GLN C 419 23.15 -11.34 36.94
C GLN C 419 23.83 -10.25 37.79
N GLU C 420 25.12 -10.01 37.56
CA GLU C 420 25.89 -9.03 38.38
C GLU C 420 26.20 -7.71 37.66
N GLY C 421 25.92 -7.63 36.37
CA GLY C 421 26.24 -6.45 35.60
C GLY C 421 27.70 -6.20 35.43
N GLY C 422 28.54 -7.25 35.53
CA GLY C 422 29.99 -7.06 35.56
C GLY C 422 30.64 -7.29 34.20
N ASP C 423 31.89 -6.88 34.06
CA ASP C 423 32.71 -7.19 32.90
C ASP C 423 32.88 -8.70 32.69
N ASN C 424 32.93 -9.14 31.43
CA ASN C 424 33.17 -10.54 31.09
C ASN C 424 34.58 -10.98 31.54
N ASP C 425 34.65 -12.03 32.34
CA ASP C 425 35.92 -12.55 32.90
C ASP C 425 36.26 -13.99 32.38
N LEU C 426 35.72 -14.37 31.24
CA LEU C 426 35.87 -15.73 30.74
C LEU C 426 37.36 -16.06 30.48
N ILE C 427 38.11 -15.11 29.94
CA ILE C 427 39.52 -15.32 29.73
C ILE C 427 40.29 -15.43 31.08
N GLU C 428 40.02 -14.55 32.03
CA GLU C 428 40.57 -14.69 33.37
C GLU C 428 40.21 -16.04 33.98
N ARG C 429 38.97 -16.51 33.80
CA ARG C 429 38.62 -17.83 34.32
C ARG C 429 39.47 -18.94 33.68
N ILE C 430 39.76 -18.78 32.39
CA ILE C 430 40.47 -19.83 31.65
C ILE C 430 41.93 -19.86 32.07
N GLN C 431 42.54 -18.68 32.25
CA GLN C 431 43.89 -18.55 32.81
C GLN C 431 44.02 -19.17 34.21
N ALA C 432 43.01 -18.96 35.07
CA ALA C 432 43.08 -19.45 36.45
C ALA C 432 42.82 -20.96 36.62
N ASP C 433 42.45 -21.65 35.54
CA ASP C 433 42.14 -23.07 35.62
C ASP C 433 43.34 -23.83 35.01
N ALA C 434 43.95 -24.69 35.82
CA ALA C 434 45.17 -25.46 35.43
C ALA C 434 44.97 -26.37 34.20
N TYR C 435 43.73 -26.82 33.97
CA TYR C 435 43.37 -27.62 32.77
C TYR C 435 43.86 -27.00 31.45
N PHE C 436 43.74 -25.67 31.35
CA PHE C 436 44.14 -24.92 30.13
C PHE C 436 45.63 -24.50 30.10
N SER C 437 46.47 -25.16 30.91
CA SER C 437 47.93 -24.90 30.92
C SER C 437 48.63 -25.12 29.58
N PRO C 438 48.21 -26.14 28.81
CA PRO C 438 48.84 -26.28 27.48
C PRO C 438 48.57 -25.08 26.55
N ILE C 439 47.53 -24.30 26.85
CA ILE C 439 47.04 -23.18 26.04
C ILE C 439 47.43 -21.80 26.57
N HIS C 440 47.64 -21.67 27.87
CA HIS C 440 47.79 -20.34 28.47
C HIS C 440 48.65 -19.36 27.68
N SER C 441 49.77 -19.82 27.17
CA SER C 441 50.67 -18.91 26.47
C SER C 441 50.16 -18.54 25.07
N GLN C 442 49.20 -19.32 24.56
CA GLN C 442 48.55 -19.05 23.26
C GLN C 442 47.41 -18.00 23.31
N LEU C 443 46.88 -17.70 24.51
CA LEU C 443 45.57 -17.01 24.65
C LEU C 443 45.46 -15.64 23.97
N ASP C 444 46.47 -14.77 24.13
CA ASP C 444 46.54 -13.45 23.46
C ASP C 444 46.34 -13.58 21.95
N HIS C 445 47.04 -14.54 21.34
CA HIS C 445 46.96 -14.82 19.89
C HIS C 445 45.62 -15.48 19.51
N LEU C 446 45.19 -16.45 20.31
CA LEU C 446 43.89 -17.09 20.12
C LEU C 446 42.72 -16.08 20.17
N LEU C 447 42.89 -14.92 20.82
CA LEU C 447 41.80 -13.93 20.92
C LEU C 447 42.13 -12.60 20.28
N ASP C 448 43.03 -12.63 19.28
CA ASP C 448 43.38 -11.47 18.49
C ASP C 448 42.17 -11.18 17.60
N PRO C 449 41.55 -9.99 17.75
CA PRO C 449 40.33 -9.74 16.98
C PRO C 449 40.51 -9.84 15.46
N SER C 450 41.66 -9.44 14.91
CA SER C 450 41.86 -9.45 13.45
C SER C 450 41.75 -10.86 12.89
N SER C 451 42.05 -11.85 13.73
CA SER C 451 42.00 -13.24 13.29
C SER C 451 40.58 -13.80 13.23
N PHE C 452 39.58 -13.07 13.75
CA PHE C 452 38.17 -13.46 13.65
C PHE C 452 37.33 -12.75 12.52
N THR C 453 37.94 -11.86 11.74
CA THR C 453 37.23 -11.09 10.71
C THR C 453 37.11 -11.78 9.34
N GLY C 454 37.57 -13.04 9.27
CA GLY C 454 37.50 -13.84 8.07
C GLY C 454 38.12 -13.11 6.93
N ARG C 455 37.39 -13.05 5.82
CA ARG C 455 37.85 -12.38 4.62
C ARG C 455 37.31 -10.94 4.47
N ALA C 456 36.89 -10.32 5.56
CA ALA C 456 36.26 -8.97 5.46
C ALA C 456 37.06 -7.95 4.67
N SER C 457 38.34 -7.73 5.00
CA SER C 457 39.08 -6.67 4.31
C SER C 457 39.35 -6.99 2.86
N GLN C 458 39.53 -8.26 2.51
CA GLN C 458 39.76 -8.61 1.11
C GLN C 458 38.47 -8.45 0.28
N GLN C 459 37.34 -8.71 0.93
CA GLN C 459 36.03 -8.51 0.30
C GLN C 459 35.82 -7.06 -0.07
N VAL C 460 36.23 -6.14 0.82
CA VAL C 460 36.11 -4.72 0.57
C VAL C 460 36.89 -4.35 -0.68
N GLN C 461 38.16 -4.76 -0.73
CA GLN C 461 39.00 -4.35 -1.85
C GLN C 461 38.48 -4.92 -3.15
N ARG C 462 38.14 -6.21 -3.18
CA ARG C 462 37.63 -6.79 -4.39
C ARG C 462 36.31 -6.14 -4.86
N PHE C 463 35.39 -5.91 -3.94
CA PHE C 463 34.15 -5.16 -4.24
C PHE C 463 34.40 -3.74 -4.78
N LEU C 464 35.27 -2.98 -4.13
CA LEU C 464 35.54 -1.63 -4.62
C LEU C 464 36.14 -1.69 -6.03
N GLU C 465 37.10 -2.57 -6.27
CA GLU C 465 37.78 -2.56 -7.56
C GLU C 465 36.94 -3.13 -8.69
N GLU C 466 36.25 -4.21 -8.43
CA GLU C 466 35.42 -4.83 -9.47
C GLU C 466 34.08 -4.18 -9.68
N GLU C 467 33.46 -3.67 -8.60
CA GLU C 467 32.08 -3.26 -8.69
C GLU C 467 31.84 -1.77 -8.52
N VAL C 468 32.50 -1.11 -7.58
CA VAL C 468 32.13 0.26 -7.29
C VAL C 468 32.88 1.25 -8.21
N TYR C 469 34.22 1.21 -8.19
CA TYR C 469 35.02 2.08 -9.05
C TYR C 469 34.55 2.13 -10.52
N PRO C 470 34.37 0.96 -11.20
CA PRO C 470 33.90 1.02 -12.60
C PRO C 470 32.54 1.70 -12.80
N LEU C 471 31.64 1.52 -11.84
CA LEU C 471 30.37 2.23 -11.81
C LEU C 471 30.53 3.70 -11.67
N LEU C 472 31.45 4.14 -10.82
CA LEU C 472 31.63 5.55 -10.61
C LEU C 472 32.43 6.28 -11.69
N LYS C 473 33.27 5.56 -12.43
CA LYS C 473 34.18 6.19 -13.37
C LYS C 473 33.42 7.11 -14.34
N PRO C 474 32.31 6.66 -14.95
CA PRO C 474 31.62 7.59 -15.88
C PRO C 474 31.11 8.90 -15.22
N TYR C 475 30.80 8.86 -13.93
CA TYR C 475 30.26 10.02 -13.22
C TYR C 475 31.36 11.00 -12.84
N GLU C 476 32.59 10.52 -12.73
CA GLU C 476 33.70 11.41 -12.34
C GLU C 476 34.22 12.20 -13.53
N GLY D 11 -5.64 -31.49 1.60
CA GLY D 11 -6.00 -30.65 2.77
C GLY D 11 -7.43 -30.91 3.26
N SER D 12 -7.58 -31.00 4.57
CA SER D 12 -8.89 -31.23 5.17
C SER D 12 -9.81 -30.02 4.91
N PRO D 13 -11.14 -30.26 4.72
CA PRO D 13 -12.06 -29.12 4.76
C PRO D 13 -12.21 -28.50 6.16
N ASP D 14 -11.69 -29.13 7.21
CA ASP D 14 -11.77 -28.56 8.59
C ASP D 14 -10.69 -27.52 8.92
N SER D 15 -9.77 -27.26 7.98
CA SER D 15 -8.76 -26.22 8.18
C SER D 15 -8.72 -25.33 6.97
N TYR D 16 -8.29 -24.11 7.20
CA TYR D 16 -8.01 -23.17 6.17
C TYR D 16 -6.97 -23.75 5.23
N ARG D 17 -7.24 -23.58 3.95
CA ARG D 17 -6.31 -23.94 2.89
C ARG D 17 -6.17 -22.69 2.03
N SER D 18 -4.95 -22.19 1.81
CA SER D 18 -4.78 -21.01 0.95
C SER D 18 -5.56 -21.22 -0.35
N PRO D 19 -6.31 -20.20 -0.80
CA PRO D 19 -6.94 -20.42 -2.10
C PRO D 19 -5.90 -20.32 -3.26
N LEU D 20 -4.70 -19.84 -2.96
CA LEU D 20 -3.66 -19.72 -4.02
C LEU D 20 -3.05 -21.08 -4.36
N ALA D 21 -3.02 -22.01 -3.38
CA ALA D 21 -2.64 -23.43 -3.63
C ALA D 21 -3.77 -24.26 -4.19
N SER D 22 -4.90 -24.23 -3.49
CA SER D 22 -5.98 -25.20 -3.68
C SER D 22 -6.86 -24.84 -4.85
N ARG D 23 -6.97 -23.54 -5.12
CA ARG D 23 -8.02 -23.04 -5.99
C ARG D 23 -7.46 -22.40 -7.26
N TYR D 24 -6.34 -21.68 -7.12
CA TYR D 24 -5.95 -20.70 -8.13
C TYR D 24 -4.75 -21.18 -8.97
N ALA D 25 -3.58 -21.32 -8.36
CA ALA D 25 -2.32 -21.44 -9.12
C ALA D 25 -2.16 -22.81 -9.80
N SER D 26 -1.29 -22.88 -10.80
CA SER D 26 -0.92 -24.14 -11.43
C SER D 26 -0.09 -25.07 -10.53
N PRO D 27 -0.14 -26.39 -10.80
CA PRO D 27 0.66 -27.32 -9.95
C PRO D 27 2.17 -27.08 -10.09
N GLU D 28 2.63 -26.61 -11.25
CA GLU D 28 4.03 -26.36 -11.46
C GLU D 28 4.52 -25.28 -10.50
N MET D 29 3.82 -24.14 -10.41
CA MET D 29 4.20 -23.11 -9.46
C MET D 29 4.01 -23.53 -7.99
N CYS D 30 2.93 -24.24 -7.72
CA CYS D 30 2.73 -24.79 -6.38
C CYS D 30 3.89 -25.67 -5.99
N PHE D 31 4.44 -26.42 -6.91
CA PHE D 31 5.53 -27.31 -6.56
C PHE D 31 6.80 -26.52 -6.21
N VAL D 32 7.08 -25.44 -6.96
CA VAL D 32 8.28 -24.64 -6.70
C VAL D 32 8.34 -24.10 -5.28
N PHE D 33 7.16 -23.87 -4.71
CA PHE D 33 7.08 -23.36 -3.35
C PHE D 33 6.79 -24.43 -2.27
N SER D 34 6.84 -25.70 -2.67
CA SER D 34 6.52 -26.82 -1.75
C SER D 34 7.73 -27.16 -0.86
N ASP D 35 7.47 -27.82 0.27
CA ASP D 35 8.54 -28.28 1.16
C ASP D 35 9.34 -29.41 0.51
N ARG D 36 8.67 -30.26 -0.27
CA ARG D 36 9.46 -31.22 -1.05
C ARG D 36 10.53 -30.53 -1.92
N TYR D 37 10.13 -29.61 -2.80
CA TYR D 37 11.12 -28.89 -3.61
C TYR D 37 12.22 -28.23 -2.75
N LYS D 38 11.81 -27.60 -1.64
CA LYS D 38 12.75 -26.89 -0.74
C LYS D 38 13.81 -27.84 -0.21
N PHE D 39 13.37 -28.95 0.40
CA PHE D 39 14.35 -29.82 1.10
C PHE D 39 15.17 -30.66 0.14
N ARG D 40 14.61 -31.01 -1.00
CA ARG D 40 15.37 -31.61 -2.09
C ARG D 40 16.45 -30.65 -2.59
N THR D 41 16.15 -29.34 -2.64
CA THR D 41 17.14 -28.39 -3.09
C THR D 41 18.22 -28.20 -1.99
N TRP D 42 17.83 -28.27 -0.71
CA TRP D 42 18.81 -28.23 0.36
C TRP D 42 19.85 -29.35 0.15
N ARG D 43 19.37 -30.56 -0.10
CA ARG D 43 20.26 -31.73 -0.33
C ARG D 43 21.08 -31.55 -1.59
N GLN D 44 20.45 -31.07 -2.65
CA GLN D 44 21.18 -30.69 -3.87
C GLN D 44 22.34 -29.74 -3.61
N LEU D 45 22.09 -28.67 -2.83
CA LEU D 45 23.15 -27.76 -2.44
C LEU D 45 24.28 -28.46 -1.64
N TRP D 46 23.92 -29.38 -0.76
CA TRP D 46 24.89 -30.15 0.03
C TRP D 46 25.73 -31.07 -0.87
N LEU D 47 25.11 -31.66 -1.88
CA LEU D 47 25.84 -32.46 -2.87
C LEU D 47 26.81 -31.60 -3.64
N TRP D 48 26.37 -30.43 -4.09
CA TRP D 48 27.28 -29.55 -4.82
C TRP D 48 28.41 -29.10 -3.94
N LEU D 49 28.14 -28.84 -2.67
CA LEU D 49 29.18 -28.35 -1.78
C LEU D 49 30.27 -29.43 -1.58
N ALA D 50 29.82 -30.67 -1.42
CA ALA D 50 30.71 -31.83 -1.23
C ALA D 50 31.59 -32.02 -2.44
N GLU D 51 30.99 -32.00 -3.64
CA GLU D 51 31.75 -32.14 -4.90
C GLU D 51 32.81 -31.08 -5.04
N ALA D 52 32.47 -29.82 -4.72
CA ALA D 52 33.42 -28.76 -4.88
C ALA D 52 34.54 -28.84 -3.81
N GLU D 53 34.16 -29.17 -2.57
CA GLU D 53 35.11 -29.30 -1.48
C GLU D 53 36.11 -30.48 -1.80
N GLN D 54 35.59 -31.60 -2.30
CA GLN D 54 36.45 -32.69 -2.81
C GLN D 54 37.44 -32.19 -3.86
N THR D 55 36.92 -31.55 -4.92
CA THR D 55 37.76 -30.98 -5.97
C THR D 55 38.89 -30.10 -5.39
N LEU D 56 38.59 -29.39 -4.29
CA LEU D 56 39.53 -28.46 -3.69
C LEU D 56 40.44 -29.08 -2.60
N GLY D 57 40.33 -30.39 -2.39
CA GLY D 57 41.32 -31.16 -1.62
C GLY D 57 40.83 -31.68 -0.28
N LEU D 58 39.56 -31.48 0.03
CA LEU D 58 39.07 -31.90 1.33
C LEU D 58 38.81 -33.40 1.31
N PRO D 59 38.84 -34.04 2.49
CA PRO D 59 38.70 -35.50 2.65
C PRO D 59 37.28 -35.99 2.47
N ILE D 60 36.88 -36.04 1.22
CA ILE D 60 35.55 -36.47 0.82
C ILE D 60 35.77 -37.46 -0.31
N THR D 61 35.09 -38.61 -0.28
CA THR D 61 35.27 -39.67 -1.27
C THR D 61 34.20 -39.71 -2.33
N ASP D 62 34.51 -40.41 -3.43
CA ASP D 62 33.52 -40.69 -4.48
C ASP D 62 32.33 -41.51 -3.96
N GLU D 63 32.55 -42.32 -2.93
CA GLU D 63 31.45 -43.14 -2.38
C GLU D 63 30.49 -42.25 -1.58
N GLN D 64 31.04 -41.35 -0.76
CA GLN D 64 30.25 -40.34 -0.01
C GLN D 64 29.38 -39.45 -0.95
N ILE D 65 29.98 -38.96 -2.03
CA ILE D 65 29.30 -38.13 -3.04
C ILE D 65 28.14 -38.93 -3.68
N GLN D 66 28.43 -40.16 -4.08
CA GLN D 66 27.42 -41.00 -4.70
C GLN D 66 26.25 -41.38 -3.75
N GLU D 67 26.49 -41.55 -2.47
CA GLU D 67 25.36 -41.87 -1.60
C GLU D 67 24.43 -40.65 -1.37
N MET D 68 25.02 -39.47 -1.25
CA MET D 68 24.26 -38.20 -1.28
C MET D 68 23.46 -38.06 -2.57
N LYS D 69 24.12 -38.25 -3.72
CA LYS D 69 23.46 -38.14 -5.01
C LYS D 69 22.25 -39.10 -5.18
N SER D 70 22.35 -40.27 -4.58
CA SER D 70 21.31 -41.30 -4.71
C SER D 70 20.12 -41.02 -3.80
N ASN D 71 20.30 -40.09 -2.87
CA ASN D 71 19.35 -39.87 -1.80
C ASN D 71 18.83 -38.43 -1.75
N LEU D 72 18.96 -37.69 -2.85
CA LEU D 72 18.46 -36.30 -2.91
C LEU D 72 16.93 -36.19 -2.65
N GLU D 73 16.19 -37.16 -3.20
CA GLU D 73 14.72 -37.18 -3.14
C GLU D 73 14.19 -37.98 -1.94
N ASN D 74 15.03 -38.84 -1.34
CA ASN D 74 14.59 -39.78 -0.29
C ASN D 74 14.56 -39.14 1.09
N ILE D 75 13.52 -38.33 1.32
CA ILE D 75 13.50 -37.43 2.46
C ILE D 75 12.47 -37.92 3.44
N ASP D 76 12.93 -38.14 4.67
CA ASP D 76 12.07 -38.61 5.77
C ASP D 76 11.54 -37.41 6.56
N PHE D 77 10.35 -36.94 6.19
CA PHE D 77 9.82 -35.70 6.77
C PHE D 77 9.47 -35.86 8.25
N LYS D 78 8.86 -36.98 8.61
CA LYS D 78 8.61 -37.29 10.02
C LYS D 78 9.90 -37.18 10.85
N MET D 79 10.94 -37.86 10.40
CA MET D 79 12.24 -37.81 11.11
C MET D 79 12.77 -36.40 11.25
N ALA D 80 12.70 -35.62 10.16
CA ALA D 80 13.22 -34.24 10.15
C ALA D 80 12.49 -33.40 11.18
N ALA D 81 11.17 -33.48 11.15
CA ALA D 81 10.28 -32.78 12.11
C ALA D 81 10.53 -33.20 13.56
N GLU D 82 10.79 -34.49 13.79
CA GLU D 82 11.10 -34.98 15.13
C GLU D 82 12.41 -34.36 15.62
N GLU D 83 13.45 -34.42 14.79
CA GLU D 83 14.76 -33.88 15.13
C GLU D 83 14.73 -32.37 15.29
N GLU D 84 13.93 -31.70 14.47
CA GLU D 84 13.72 -30.26 14.66
C GLU D 84 13.13 -29.90 16.04
N LYS D 85 12.33 -30.80 16.64
CA LYS D 85 11.81 -30.57 18.01
C LYS D 85 12.94 -30.54 19.05
N ARG D 86 13.78 -31.59 19.05
CA ARG D 86 14.89 -31.67 20.01
C ARG D 86 15.99 -30.66 19.73
N LEU D 87 16.39 -30.54 18.45
CA LEU D 87 17.44 -29.60 18.06
C LEU D 87 16.97 -28.17 18.05
N ARG D 88 15.69 -27.94 17.74
CA ARG D 88 15.14 -26.57 17.53
C ARG D 88 15.90 -25.82 16.41
N HIS D 89 16.28 -26.55 15.38
CA HIS D 89 17.17 -26.01 14.31
C HIS D 89 16.81 -26.79 13.04
N ASP D 90 16.10 -26.14 12.13
CA ASP D 90 15.64 -26.82 10.91
C ASP D 90 16.80 -27.35 10.07
N VAL D 91 17.87 -26.57 9.93
CA VAL D 91 18.97 -27.00 9.08
C VAL D 91 19.66 -28.22 9.69
N MET D 92 20.02 -28.16 10.97
CA MET D 92 20.69 -29.30 11.63
C MET D 92 19.78 -30.52 11.69
N ALA D 93 18.48 -30.30 11.88
CA ALA D 93 17.49 -31.41 11.75
C ALA D 93 17.60 -32.12 10.41
N HIS D 94 17.78 -31.35 9.34
CA HIS D 94 17.97 -31.94 8.00
C HIS D 94 19.40 -32.46 7.73
N VAL D 95 20.42 -31.92 8.37
CA VAL D 95 21.75 -32.52 8.27
C VAL D 95 21.69 -33.93 8.89
N HIS D 96 20.98 -34.04 10.00
CA HIS D 96 20.82 -35.33 10.69
C HIS D 96 20.05 -36.33 9.83
N THR D 97 18.88 -35.93 9.34
CA THR D 97 18.05 -36.81 8.53
C THR D 97 18.78 -37.25 7.25
N PHE D 98 19.55 -36.35 6.64
CA PHE D 98 20.35 -36.70 5.45
C PHE D 98 21.47 -37.68 5.78
N GLY D 99 22.13 -37.48 6.93
CA GLY D 99 23.22 -38.38 7.37
C GLY D 99 22.72 -39.75 7.84
N HIS D 100 21.48 -39.81 8.31
CA HIS D 100 20.85 -41.09 8.62
C HIS D 100 20.73 -41.99 7.38
N CYS D 101 20.12 -41.51 6.30
CA CYS D 101 20.08 -42.28 5.04
C CYS D 101 21.40 -42.24 4.23
N CYS D 102 22.38 -41.43 4.65
CA CYS D 102 23.71 -41.36 3.98
C CYS D 102 24.83 -41.55 5.02
N PRO D 103 24.93 -42.77 5.61
CA PRO D 103 25.77 -42.93 6.80
C PRO D 103 27.28 -42.79 6.50
N LYS D 104 27.71 -43.12 5.29
CA LYS D 104 29.11 -42.89 4.91
C LYS D 104 29.45 -41.39 4.84
N ALA D 105 28.52 -40.60 4.28
CA ALA D 105 28.72 -39.17 4.03
C ALA D 105 28.38 -38.34 5.25
N ALA D 106 27.76 -38.94 6.27
CA ALA D 106 27.16 -38.17 7.36
C ALA D 106 28.08 -37.05 7.88
N GLY D 107 29.34 -37.37 8.19
CA GLY D 107 30.25 -36.44 8.86
C GLY D 107 30.73 -35.29 7.99
N ILE D 108 30.50 -35.35 6.68
CA ILE D 108 30.92 -34.25 5.81
C ILE D 108 29.77 -33.44 5.15
N ILE D 109 28.52 -33.82 5.40
CA ILE D 109 27.39 -32.98 4.96
C ILE D 109 27.47 -31.64 5.69
N HIS D 110 27.36 -30.52 4.95
CA HIS D 110 27.32 -29.16 5.56
C HIS D 110 28.72 -28.72 6.05
N LEU D 111 29.75 -29.49 5.69
CA LEU D 111 31.12 -29.22 6.09
C LEU D 111 31.54 -27.77 5.79
N GLY D 112 31.81 -27.04 6.88
CA GLY D 112 32.22 -25.64 6.81
C GLY D 112 31.11 -24.60 6.58
N ALA D 113 29.88 -25.05 6.34
CA ALA D 113 28.79 -24.14 5.91
C ALA D 113 28.04 -23.60 7.10
N THR D 114 27.26 -22.52 6.89
CA THR D 114 26.25 -22.03 7.86
C THR D 114 24.83 -22.13 7.29
N SER D 115 23.81 -21.96 8.14
CA SER D 115 22.45 -22.38 7.79
C SER D 115 21.98 -21.83 6.46
N CYS D 116 22.33 -20.58 6.21
CA CYS D 116 21.89 -19.88 5.03
C CYS D 116 22.53 -20.36 3.75
N TYR D 117 23.60 -21.17 3.83
CA TYR D 117 24.12 -21.78 2.61
C TYR D 117 22.98 -22.57 1.93
N VAL D 118 22.18 -23.30 2.71
CA VAL D 118 21.05 -23.99 2.13
C VAL D 118 19.79 -23.13 2.10
N GLY D 119 19.47 -22.48 3.21
CA GLY D 119 18.23 -21.74 3.32
C GLY D 119 18.11 -20.62 2.28
N ASP D 120 19.15 -19.81 2.18
CA ASP D 120 19.07 -18.60 1.38
C ASP D 120 19.36 -18.86 -0.12
N ASN D 121 20.33 -19.75 -0.42
CA ASN D 121 20.56 -20.12 -1.80
C ASN D 121 19.36 -20.83 -2.37
N THR D 122 18.67 -21.63 -1.57
CA THR D 122 17.46 -22.28 -2.05
C THR D 122 16.37 -21.26 -2.43
N ASP D 123 16.18 -20.28 -1.56
CA ASP D 123 15.24 -19.21 -1.86
C ASP D 123 15.55 -18.54 -3.24
N LEU D 124 16.85 -18.32 -3.53
CA LEU D 124 17.25 -17.72 -4.83
C LEU D 124 16.96 -18.62 -5.99
N ILE D 125 17.19 -19.93 -5.81
CA ILE D 125 16.89 -20.90 -6.85
C ILE D 125 15.41 -20.96 -7.11
N ILE D 126 14.64 -20.93 -6.03
CA ILE D 126 13.17 -20.89 -6.09
C ILE D 126 12.69 -19.66 -6.87
N LEU D 127 13.18 -18.49 -6.48
CA LEU D 127 12.78 -17.23 -7.15
C LEU D 127 13.12 -17.28 -8.63
N ARG D 128 14.33 -17.74 -8.94
CA ARG D 128 14.66 -17.88 -10.35
C ARG D 128 13.81 -18.86 -11.16
N ASN D 129 13.57 -20.05 -10.58
CA ASN D 129 12.68 -21.02 -11.22
C ASN D 129 11.23 -20.55 -11.33
N ALA D 130 10.76 -19.80 -10.33
CA ALA D 130 9.42 -19.18 -10.43
C ALA D 130 9.37 -18.19 -11.59
N LEU D 131 10.38 -17.35 -11.69
CA LEU D 131 10.44 -16.40 -12.84
C LEU D 131 10.42 -17.15 -14.16
N ASP D 132 11.16 -18.28 -14.21
CA ASP D 132 11.27 -19.09 -15.42
C ASP D 132 10.01 -19.81 -15.80
N LEU D 133 9.12 -19.98 -14.85
CA LEU D 133 7.77 -20.45 -15.12
C LEU D 133 6.87 -19.33 -15.66
N LEU D 134 7.03 -18.12 -15.15
CA LEU D 134 6.16 -17.00 -15.57
C LEU D 134 6.51 -16.50 -17.00
N LEU D 135 7.82 -16.44 -17.29
CA LEU D 135 8.31 -15.85 -18.52
C LEU D 135 7.65 -16.42 -19.78
N PRO D 136 7.66 -17.77 -19.96
CA PRO D 136 7.04 -18.33 -21.10
C PRO D 136 5.56 -18.10 -21.16
N LYS D 137 4.89 -18.08 -20.01
CA LYS D 137 3.45 -17.85 -19.98
C LYS D 137 3.13 -16.44 -20.42
N LEU D 138 3.95 -15.49 -19.99
CA LEU D 138 3.75 -14.09 -20.35
C LEU D 138 4.01 -13.92 -21.85
N ALA D 139 5.08 -14.58 -22.34
CA ALA D 139 5.36 -14.59 -23.81
C ALA D 139 4.21 -15.14 -24.62
N ARG D 140 3.63 -16.24 -24.16
CA ARG D 140 2.49 -16.85 -24.82
C ARG D 140 1.23 -15.96 -24.89
N VAL D 141 0.85 -15.30 -23.78
CA VAL D 141 -0.30 -14.41 -23.79
C VAL D 141 -0.05 -13.26 -24.74
N ILE D 142 1.13 -12.68 -24.68
CA ILE D 142 1.50 -11.57 -25.60
C ILE D 142 1.34 -12.03 -27.05
N SER D 143 1.82 -13.25 -27.35
CA SER D 143 1.74 -13.77 -28.69
C SER D 143 0.27 -13.93 -29.15
N ARG D 144 -0.59 -14.50 -28.28
CA ARG D 144 -2.01 -14.68 -28.61
C ARG D 144 -2.69 -13.33 -28.81
N LEU D 145 -2.38 -12.36 -27.95
CA LEU D 145 -2.98 -11.00 -28.13
C LEU D 145 -2.48 -10.32 -29.40
N ALA D 146 -1.22 -10.58 -29.76
CA ALA D 146 -0.68 -10.04 -31.04
C ALA D 146 -1.44 -10.54 -32.24
N ASP D 147 -1.81 -11.83 -32.22
CA ASP D 147 -2.63 -12.39 -33.30
C ASP D 147 -3.96 -11.72 -33.41
N PHE D 148 -4.58 -11.51 -32.28
CA PHE D 148 -5.81 -10.73 -32.21
C PHE D 148 -5.61 -9.31 -32.73
N ALA D 149 -4.55 -8.65 -32.32
CA ALA D 149 -4.31 -7.25 -32.72
C ALA D 149 -4.18 -7.15 -34.25
N LYS D 150 -3.50 -8.11 -34.85
CA LYS D 150 -3.27 -8.11 -36.29
C LYS D 150 -4.58 -8.45 -36.98
N GLU D 151 -5.33 -9.43 -36.50
CA GLU D 151 -6.67 -9.73 -37.05
C GLU D 151 -7.62 -8.54 -37.07
N ARG D 152 -7.60 -7.78 -35.98
CA ARG D 152 -8.51 -6.69 -35.81
C ARG D 152 -7.86 -5.31 -36.02
N ALA D 153 -6.69 -5.27 -36.65
CA ALA D 153 -5.93 -4.04 -36.83
C ALA D 153 -6.65 -2.92 -37.46
N SER D 154 -7.54 -3.21 -38.41
CA SER D 154 -8.23 -2.22 -39.17
C SER D 154 -9.70 -2.10 -38.85
N LEU D 155 -10.18 -2.79 -37.82
CA LEU D 155 -11.60 -2.69 -37.41
C LEU D 155 -11.91 -1.42 -36.59
N PRO D 156 -12.59 -0.44 -37.18
CA PRO D 156 -12.78 0.78 -36.44
C PRO D 156 -13.63 0.55 -35.17
N THR D 157 -13.24 1.26 -34.13
CA THR D 157 -14.03 1.28 -32.87
C THR D 157 -13.98 2.70 -32.25
N LEU D 158 -15.02 3.09 -31.53
CA LEU D 158 -15.06 4.38 -30.87
C LEU D 158 -13.91 4.49 -29.87
N GLY D 159 -13.16 5.59 -29.98
CA GLY D 159 -12.13 5.92 -29.02
C GLY D 159 -12.76 6.44 -27.75
N PHE D 160 -12.05 6.35 -26.63
CA PHE D 160 -12.59 6.80 -25.37
C PHE D 160 -11.55 7.56 -24.61
N THR D 161 -11.84 8.86 -24.33
CA THR D 161 -11.09 9.61 -23.38
C THR D 161 -12.05 10.15 -22.34
N HIS D 162 -11.67 10.09 -21.07
CA HIS D 162 -12.62 10.33 -19.97
C HIS D 162 -13.80 9.36 -20.02
N PHE D 163 -13.66 8.23 -20.74
CA PHE D 163 -14.74 7.34 -21.14
C PHE D 163 -15.91 8.10 -21.83
N GLN D 164 -15.57 9.09 -22.67
CA GLN D 164 -16.48 9.71 -23.55
C GLN D 164 -16.01 9.55 -24.98
N PRO D 165 -16.93 9.66 -25.95
CA PRO D 165 -16.54 9.47 -27.34
C PRO D 165 -15.37 10.31 -27.76
N ALA D 166 -14.47 9.69 -28.51
CA ALA D 166 -13.26 10.37 -28.95
C ALA D 166 -12.76 9.77 -30.26
N GLN D 167 -11.78 10.43 -30.89
CA GLN D 167 -11.28 10.05 -32.25
C GLN D 167 -11.14 8.52 -32.37
N LEU D 168 -11.72 7.95 -33.40
CA LEU D 168 -11.82 6.52 -33.53
C LEU D 168 -10.47 5.84 -33.48
N THR D 169 -10.44 4.64 -32.89
CA THR D 169 -9.25 3.85 -32.90
C THR D 169 -9.63 2.59 -33.62
N THR D 170 -8.83 1.53 -33.55
CA THR D 170 -9.26 0.21 -34.00
C THR D 170 -9.15 -0.76 -32.84
N VAL D 171 -9.96 -1.77 -32.91
CA VAL D 171 -9.92 -2.86 -31.90
C VAL D 171 -8.50 -3.39 -31.77
N GLY D 172 -7.77 -3.51 -32.87
CA GLY D 172 -6.38 -3.97 -32.78
C GLY D 172 -5.39 -3.01 -32.21
N LYS D 173 -5.52 -1.74 -32.60
CA LYS D 173 -4.72 -0.71 -31.98
C LYS D 173 -4.93 -0.63 -30.48
N ARG D 174 -6.19 -0.73 -30.04
CA ARG D 174 -6.40 -0.72 -28.57
C ARG D 174 -5.71 -1.91 -27.93
N CYS D 175 -5.83 -3.08 -28.58
CA CYS D 175 -5.14 -4.25 -28.08
C CYS D 175 -3.63 -4.06 -27.94
N CYS D 176 -3.03 -3.20 -28.80
CA CYS D 176 -1.62 -2.85 -28.69
C CYS D 176 -1.23 -2.07 -27.44
N LEU D 177 -2.15 -1.25 -26.91
CA LEU D 177 -1.90 -0.64 -25.61
C LEU D 177 -1.70 -1.74 -24.55
N TRP D 178 -2.56 -2.74 -24.58
CA TRP D 178 -2.48 -3.86 -23.66
C TRP D 178 -1.18 -4.66 -23.86
N ILE D 179 -0.91 -4.99 -25.12
CA ILE D 179 0.28 -5.77 -25.43
C ILE D 179 1.57 -5.08 -24.96
N GLN D 180 1.68 -3.78 -25.21
CA GLN D 180 2.86 -3.03 -24.88
C GLN D 180 3.16 -3.04 -23.41
N ASP D 181 2.16 -2.84 -22.58
CA ASP D 181 2.36 -2.92 -21.15
C ASP D 181 2.89 -4.31 -20.76
N LEU D 182 2.31 -5.35 -21.32
CA LEU D 182 2.77 -6.75 -21.05
C LEU D 182 4.21 -6.98 -21.56
N CYS D 183 4.55 -6.35 -22.69
CA CYS D 183 5.95 -6.44 -23.19
C CYS D 183 6.94 -5.80 -22.24
N MET D 184 6.59 -4.65 -21.68
CA MET D 184 7.39 -4.03 -20.65
C MET D 184 7.56 -4.92 -19.42
N ASP D 185 6.48 -5.60 -19.01
CA ASP D 185 6.56 -6.60 -17.97
C ASP D 185 7.53 -7.74 -18.33
N LEU D 186 7.41 -8.26 -19.54
CA LEU D 186 8.30 -9.37 -20.03
C LEU D 186 9.76 -8.95 -19.95
N GLN D 187 10.08 -7.75 -20.40
CA GLN D 187 11.44 -7.22 -20.25
C GLN D 187 11.89 -7.13 -18.82
N ASN D 188 11.05 -6.54 -17.97
CA ASN D 188 11.40 -6.37 -16.56
C ASN D 188 11.62 -7.75 -15.90
N LEU D 189 10.69 -8.66 -16.11
CA LEU D 189 10.82 -9.97 -15.47
C LEU D 189 12.12 -10.64 -15.92
N LYS D 190 12.42 -10.56 -17.21
CA LYS D 190 13.63 -11.22 -17.77
C LYS D 190 14.85 -10.57 -17.20
N ARG D 191 14.82 -9.22 -17.05
CA ARG D 191 15.96 -8.47 -16.53
C ARG D 191 16.20 -8.93 -15.09
N VAL D 192 15.14 -9.03 -14.30
CA VAL D 192 15.33 -9.32 -12.86
C VAL D 192 15.83 -10.77 -12.70
N ARG D 193 15.33 -11.65 -13.53
CA ARG D 193 15.72 -13.05 -13.54
C ARG D 193 17.18 -13.18 -13.90
N ASP D 194 17.56 -12.56 -14.98
CA ASP D 194 18.96 -12.63 -15.47
C ASP D 194 19.93 -11.97 -14.54
N ASP D 195 19.53 -10.96 -13.77
CA ASP D 195 20.48 -10.24 -12.96
C ASP D 195 20.58 -10.82 -11.56
N LEU D 196 19.74 -11.78 -11.27
CA LEU D 196 19.73 -12.37 -9.92
C LEU D 196 21.09 -13.05 -9.65
N ARG D 197 21.72 -12.68 -8.57
CA ARG D 197 22.97 -13.22 -8.14
C ARG D 197 22.83 -14.26 -7.08
N PHE D 198 23.81 -15.15 -7.02
CA PHE D 198 23.79 -16.23 -6.03
C PHE D 198 24.43 -15.75 -4.75
N ARG D 199 23.95 -16.23 -3.61
CA ARG D 199 24.62 -15.90 -2.34
C ARG D 199 25.95 -16.69 -2.24
N GLY D 200 25.90 -17.97 -2.54
CA GLY D 200 27.13 -18.80 -2.46
C GLY D 200 27.53 -19.10 -1.00
N VAL D 201 28.84 -19.16 -0.75
CA VAL D 201 29.33 -19.56 0.56
C VAL D 201 29.80 -18.26 1.23
N LYS D 202 29.06 -17.79 2.24
CA LYS D 202 29.39 -16.51 2.90
C LYS D 202 29.54 -16.52 4.42
N GLY D 203 29.16 -17.59 5.10
CA GLY D 203 29.31 -17.62 6.55
C GLY D 203 28.13 -16.95 7.23
N THR D 204 28.24 -16.86 8.55
CA THR D 204 27.20 -16.34 9.43
C THR D 204 26.90 -14.86 9.23
N THR D 205 27.92 -14.05 9.02
CA THR D 205 27.78 -12.60 8.88
C THR D 205 28.36 -12.12 7.56
N GLY D 206 28.66 -13.06 6.67
CA GLY D 206 29.14 -12.74 5.31
C GLY D 206 30.65 -12.70 5.10
N THR D 207 31.42 -12.93 6.13
CA THR D 207 32.88 -12.75 6.05
C THR D 207 33.59 -14.02 5.55
N GLN D 208 32.86 -15.13 5.41
CA GLN D 208 33.44 -16.42 5.02
C GLN D 208 34.47 -16.95 6.07
N ALA D 209 34.35 -16.52 7.32
CA ALA D 209 35.33 -16.89 8.41
C ALA D 209 35.43 -18.41 8.58
N SER D 210 34.26 -19.06 8.62
CA SER D 210 34.23 -20.54 8.69
C SER D 210 34.93 -21.25 7.54
N PHE D 211 34.66 -20.86 6.29
CA PHE D 211 35.36 -21.45 5.16
C PHE D 211 36.88 -21.13 5.06
N LEU D 212 37.24 -19.89 5.41
CA LEU D 212 38.63 -19.54 5.53
C LEU D 212 39.39 -20.49 6.45
N GLN D 213 38.81 -20.78 7.62
CA GLN D 213 39.43 -21.67 8.60
C GLN D 213 39.52 -23.10 8.05
N LEU D 214 38.43 -23.60 7.45
CA LEU D 214 38.41 -24.93 6.87
C LEU D 214 39.51 -25.09 5.83
N PHE D 215 39.78 -24.04 5.03
CA PHE D 215 40.83 -24.09 4.03
C PHE D 215 42.17 -23.59 4.56
N GLU D 216 42.30 -23.45 5.88
CA GLU D 216 43.58 -23.11 6.51
C GLU D 216 44.14 -21.79 6.03
N GLY D 217 43.27 -20.80 5.87
CA GLY D 217 43.70 -19.45 5.50
C GLY D 217 43.87 -19.26 4.01
N ASP D 218 43.49 -20.24 3.20
CA ASP D 218 43.66 -20.09 1.76
C ASP D 218 42.48 -19.31 1.10
N ASP D 219 42.66 -18.01 0.99
CA ASP D 219 41.69 -17.15 0.32
C ASP D 219 41.29 -17.63 -1.06
N HIS D 220 42.28 -18.01 -1.89
CA HIS D 220 41.97 -18.48 -3.24
C HIS D 220 40.98 -19.67 -3.21
N LYS D 221 41.11 -20.57 -2.27
CA LYS D 221 40.21 -21.73 -2.24
C LYS D 221 38.78 -21.30 -1.83
N VAL D 222 38.67 -20.31 -0.96
CA VAL D 222 37.35 -19.81 -0.58
C VAL D 222 36.66 -19.19 -1.80
N GLU D 223 37.38 -18.34 -2.51
CA GLU D 223 36.84 -17.74 -3.72
C GLU D 223 36.48 -18.78 -4.75
N GLN D 224 37.31 -19.81 -4.91
CA GLN D 224 37.02 -20.78 -5.93
C GLN D 224 35.79 -21.54 -5.52
N LEU D 225 35.68 -21.88 -4.26
CA LEU D 225 34.50 -22.64 -3.82
C LEU D 225 33.19 -21.85 -4.17
N ASP D 226 33.23 -20.55 -3.91
CA ASP D 226 32.09 -19.65 -4.12
C ASP D 226 31.69 -19.71 -5.61
N LYS D 227 32.70 -19.71 -6.47
CA LYS D 227 32.53 -19.72 -7.92
C LYS D 227 31.99 -21.08 -8.35
N MET D 228 32.49 -22.16 -7.76
CA MET D 228 32.02 -23.49 -8.14
C MET D 228 30.56 -23.77 -7.73
N VAL D 229 30.13 -23.45 -6.51
CA VAL D 229 28.74 -23.71 -6.16
C VAL D 229 27.81 -22.82 -7.02
N THR D 230 28.24 -21.61 -7.31
CA THR D 230 27.48 -20.67 -8.15
C THR D 230 27.26 -21.30 -9.53
N GLU D 231 28.34 -21.81 -10.16
CA GLU D 231 28.22 -22.49 -11.46
C GLU D 231 27.39 -23.76 -11.42
N LYS D 232 27.53 -24.57 -10.38
CA LYS D 232 26.75 -25.81 -10.26
C LYS D 232 25.24 -25.48 -10.14
N ALA D 233 24.92 -24.38 -9.47
CA ALA D 233 23.52 -23.95 -9.33
C ALA D 233 23.02 -23.22 -10.62
N GLY D 234 23.91 -23.00 -11.61
CA GLY D 234 23.50 -22.40 -12.89
C GLY D 234 23.33 -20.87 -12.89
N PHE D 235 23.85 -20.22 -11.87
CA PHE D 235 23.89 -18.77 -11.82
C PHE D 235 25.18 -18.31 -12.52
N LYS D 236 25.13 -17.17 -13.20
CA LYS D 236 26.34 -16.59 -13.81
C LYS D 236 27.19 -15.93 -12.78
N ARG D 237 26.59 -15.33 -11.76
CA ARG D 237 27.31 -14.48 -10.90
C ARG D 237 26.94 -14.67 -9.43
N ALA D 238 27.91 -14.56 -8.54
CA ALA D 238 27.67 -14.47 -7.09
C ALA D 238 27.94 -13.07 -6.54
N PHE D 239 27.27 -12.69 -5.44
CA PHE D 239 27.66 -11.56 -4.70
C PHE D 239 29.11 -11.72 -4.21
N ILE D 240 29.84 -10.63 -4.19
CA ILE D 240 31.03 -10.48 -3.36
C ILE D 240 30.63 -10.09 -1.96
N ILE D 241 29.73 -9.12 -1.86
CA ILE D 241 29.29 -8.52 -0.58
C ILE D 241 27.91 -9.05 -0.18
N THR D 242 27.84 -9.61 1.03
CA THR D 242 26.60 -9.98 1.73
C THR D 242 26.85 -9.83 3.21
N GLY D 243 25.74 -9.71 3.96
CA GLY D 243 25.71 -10.05 5.38
C GLY D 243 25.46 -11.53 5.42
N GLN D 244 24.55 -11.96 6.29
CA GLN D 244 24.18 -13.34 6.39
C GLN D 244 23.51 -13.83 5.13
N THR D 245 22.78 -12.95 4.47
CA THR D 245 21.92 -13.36 3.32
C THR D 245 22.12 -12.39 2.16
N TYR D 246 21.53 -12.71 1.01
CA TYR D 246 21.47 -11.76 -0.08
C TYR D 246 20.73 -10.55 0.42
N THR D 247 21.14 -9.37 -0.03
CA THR D 247 20.44 -8.16 0.39
C THR D 247 18.92 -8.27 0.09
N ARG D 248 18.11 -7.89 1.06
CA ARG D 248 16.65 -7.99 0.87
C ARG D 248 16.12 -6.94 -0.11
N LYS D 249 16.96 -6.04 -0.58
CA LYS D 249 16.62 -5.20 -1.76
C LYS D 249 16.26 -6.01 -3.01
N VAL D 250 16.81 -7.19 -3.15
CA VAL D 250 16.42 -8.12 -4.17
C VAL D 250 14.93 -8.46 -4.14
N ASP D 251 14.38 -8.68 -2.95
CA ASP D 251 12.99 -9.10 -2.89
C ASP D 251 12.09 -7.92 -3.33
N ILE D 252 12.55 -6.67 -3.09
CA ILE D 252 11.89 -5.44 -3.61
C ILE D 252 11.94 -5.44 -5.13
N GLU D 253 13.11 -5.70 -5.69
CA GLU D 253 13.22 -5.75 -7.19
C GLU D 253 12.22 -6.73 -7.80
N VAL D 254 12.13 -7.94 -7.25
CA VAL D 254 11.30 -8.98 -7.81
C VAL D 254 9.82 -8.65 -7.63
N LEU D 255 9.39 -8.31 -6.42
CA LEU D 255 7.98 -8.06 -6.21
C LEU D 255 7.49 -6.74 -6.78
N SER D 256 8.40 -5.79 -7.01
CA SER D 256 8.05 -4.54 -7.72
C SER D 256 7.70 -4.82 -9.15
N VAL D 257 8.47 -5.67 -9.84
N VAL D 257 8.49 -5.67 -9.80
CA VAL D 257 8.10 -6.00 -11.22
CA VAL D 257 8.18 -6.07 -11.14
C VAL D 257 6.80 -6.82 -11.31
C VAL D 257 6.83 -6.79 -11.26
N LEU D 258 6.53 -7.64 -10.29
CA LEU D 258 5.27 -8.35 -10.25
C LEU D 258 4.11 -7.38 -9.96
N ALA D 259 4.31 -6.46 -9.01
CA ALA D 259 3.32 -5.37 -8.77
C ALA D 259 2.96 -4.59 -10.03
N SER D 260 3.97 -4.24 -10.81
CA SER D 260 3.74 -3.54 -12.06
C SER D 260 2.96 -4.36 -13.09
N LEU D 261 3.28 -5.66 -13.22
CA LEU D 261 2.53 -6.59 -13.98
C LEU D 261 1.09 -6.59 -13.55
N GLY D 262 0.88 -6.64 -12.26
CA GLY D 262 -0.52 -6.55 -11.72
C GLY D 262 -1.24 -5.30 -12.18
N ALA D 263 -0.57 -4.16 -12.17
CA ALA D 263 -1.20 -2.93 -12.66
C ALA D 263 -1.60 -3.00 -14.12
N SER D 264 -0.72 -3.55 -14.96
CA SER D 264 -1.03 -3.80 -16.35
C SER D 264 -2.25 -4.67 -16.55
N VAL D 265 -2.32 -5.79 -15.84
CA VAL D 265 -3.41 -6.72 -16.04
C VAL D 265 -4.73 -6.13 -15.52
N HIS D 266 -4.65 -5.43 -14.40
CA HIS D 266 -5.84 -4.74 -13.85
C HIS D 266 -6.41 -3.75 -14.88
N LYS D 267 -5.52 -3.01 -15.55
CA LYS D 267 -5.97 -2.11 -16.58
C LYS D 267 -6.59 -2.79 -17.76
N ILE D 268 -5.95 -3.85 -18.29
CA ILE D 268 -6.46 -4.56 -19.47
C ILE D 268 -7.81 -5.20 -19.18
N CYS D 269 -7.90 -5.86 -18.03
CA CYS D 269 -9.12 -6.54 -17.67
C CYS D 269 -10.24 -5.58 -17.26
N THR D 270 -9.88 -4.38 -16.78
CA THR D 270 -10.87 -3.34 -16.62
C THR D 270 -11.45 -2.93 -18.00
N ASP D 271 -10.58 -2.66 -18.98
CA ASP D 271 -11.03 -2.32 -20.34
C ASP D 271 -11.97 -3.39 -20.88
N ILE D 272 -11.59 -4.66 -20.70
CA ILE D 272 -12.37 -5.74 -21.18
C ILE D 272 -13.77 -5.79 -20.54
N ARG D 273 -13.81 -5.58 -19.23
CA ARG D 273 -15.10 -5.51 -18.54
C ARG D 273 -16.00 -4.36 -19.02
N LEU D 274 -15.40 -3.22 -19.33
CA LEU D 274 -16.15 -2.10 -19.89
C LEU D 274 -16.62 -2.41 -21.30
N LEU D 275 -15.75 -3.00 -22.12
CA LEU D 275 -16.19 -3.46 -23.45
C LEU D 275 -17.32 -4.47 -23.42
N ALA D 276 -17.29 -5.35 -22.41
CA ALA D 276 -18.36 -6.30 -22.20
C ALA D 276 -19.72 -5.63 -21.86
N ASN D 277 -19.69 -4.57 -21.05
CA ASN D 277 -20.91 -3.80 -20.79
C ASN D 277 -21.43 -3.20 -22.11
N LEU D 278 -20.52 -2.63 -22.90
CA LEU D 278 -20.86 -2.07 -24.20
C LEU D 278 -21.28 -3.11 -25.26
N LYS D 279 -21.11 -4.42 -24.96
CA LYS D 279 -21.41 -5.54 -25.86
C LYS D 279 -20.53 -5.53 -27.12
N GLU D 280 -19.35 -4.89 -27.04
CA GLU D 280 -18.43 -4.85 -28.19
C GLU D 280 -17.51 -6.05 -28.17
N MET D 281 -17.17 -6.51 -26.98
CA MET D 281 -16.25 -7.61 -26.80
C MET D 281 -16.75 -8.40 -25.62
N GLU D 282 -16.58 -9.72 -25.70
CA GLU D 282 -16.82 -10.60 -24.54
C GLU D 282 -15.74 -11.62 -24.35
N GLU D 283 -15.65 -12.20 -23.15
CA GLU D 283 -14.76 -13.31 -22.92
C GLU D 283 -15.15 -14.54 -23.76
N PRO D 284 -14.16 -15.41 -24.07
CA PRO D 284 -14.45 -16.57 -24.90
C PRO D 284 -15.64 -17.43 -24.48
N PHE D 285 -16.40 -17.92 -25.45
CA PHE D 285 -17.43 -18.94 -25.13
C PHE D 285 -16.75 -20.15 -24.45
N GLU D 286 -17.42 -20.72 -23.48
CA GLU D 286 -16.85 -21.80 -22.67
C GLU D 286 -17.53 -23.10 -23.11
N LYS D 287 -16.95 -24.24 -22.75
CA LYS D 287 -17.37 -25.50 -23.37
C LYS D 287 -18.87 -25.69 -23.21
N GLN D 288 -19.53 -26.08 -24.31
CA GLN D 288 -20.99 -26.33 -24.30
C GLN D 288 -21.35 -27.49 -23.35
N GLN D 289 -22.41 -27.31 -22.57
CA GLN D 289 -22.95 -28.40 -21.79
C GLN D 289 -24.16 -28.97 -22.55
N ILE D 290 -24.29 -30.29 -22.54
CA ILE D 290 -25.11 -31.02 -23.54
C ILE D 290 -26.61 -30.73 -23.39
N GLY D 291 -27.09 -29.69 -24.09
CA GLY D 291 -28.53 -29.32 -24.13
C GLY D 291 -28.84 -28.07 -23.33
N PRO D 296 -26.31 -17.91 -24.06
CA PRO D 296 -27.12 -16.99 -23.26
C PRO D 296 -26.87 -15.53 -23.68
N TYR D 297 -27.92 -14.73 -23.57
CA TYR D 297 -27.86 -13.32 -23.90
C TYR D 297 -26.89 -12.60 -22.97
N LYS D 298 -27.04 -12.84 -21.66
CA LYS D 298 -26.29 -12.11 -20.65
C LYS D 298 -25.07 -12.87 -20.16
N ARG D 299 -23.93 -12.25 -20.26
CA ARG D 299 -22.66 -12.91 -19.99
C ARG D 299 -21.83 -11.97 -19.15
N ASN D 300 -21.28 -12.49 -18.08
CA ASN D 300 -20.52 -11.71 -17.15
C ASN D 300 -19.04 -11.99 -17.42
N PRO D 301 -18.21 -10.94 -17.39
CA PRO D 301 -16.78 -11.11 -17.62
C PRO D 301 -16.07 -11.55 -16.37
N MET D 302 -16.38 -12.77 -15.93
CA MET D 302 -15.90 -13.27 -14.67
C MET D 302 -14.42 -13.51 -14.63
N ARG D 303 -13.82 -13.99 -15.72
CA ARG D 303 -12.39 -14.20 -15.69
C ARG D 303 -11.60 -12.90 -15.53
N SER D 304 -12.07 -11.85 -16.20
CA SER D 304 -11.42 -10.53 -16.14
C SER D 304 -11.61 -9.94 -14.74
N GLU D 305 -12.80 -10.17 -14.17
CA GLU D 305 -12.97 -9.79 -12.77
C GLU D 305 -11.99 -10.48 -11.86
N ARG D 306 -11.80 -11.80 -12.04
CA ARG D 306 -10.85 -12.48 -11.19
C ARG D 306 -9.45 -11.98 -11.39
N CYS D 307 -9.06 -11.77 -12.66
CA CYS D 307 -7.72 -11.16 -12.90
C CYS D 307 -7.50 -9.81 -12.21
N CYS D 308 -8.51 -8.94 -12.27
CA CYS D 308 -8.45 -7.66 -11.51
C CYS D 308 -8.26 -7.92 -10.00
N SER D 309 -9.09 -8.81 -9.46
CA SER D 309 -9.07 -9.09 -8.02
C SER D 309 -7.67 -9.53 -7.56
N LEU D 310 -7.04 -10.44 -8.32
CA LEU D 310 -5.78 -10.96 -7.98
C LEU D 310 -4.66 -10.01 -8.23
N ALA D 311 -4.74 -9.29 -9.36
CA ALA D 311 -3.74 -8.26 -9.72
C ALA D 311 -3.63 -7.22 -8.63
N ARG D 312 -4.77 -6.86 -8.05
CA ARG D 312 -4.79 -5.92 -6.92
C ARG D 312 -3.96 -6.42 -5.76
N HIS D 313 -4.11 -7.69 -5.42
CA HIS D 313 -3.31 -8.25 -4.36
C HIS D 313 -1.80 -8.24 -4.70
N LEU D 314 -1.47 -8.46 -5.96
CA LEU D 314 -0.03 -8.38 -6.36
C LEU D 314 0.53 -6.96 -6.15
N MET D 315 -0.29 -5.96 -6.41
CA MET D 315 0.12 -4.58 -6.14
C MET D 315 0.30 -4.31 -4.65
N THR D 316 -0.71 -4.66 -3.88
CA THR D 316 -0.64 -4.61 -2.41
C THR D 316 0.62 -5.19 -1.80
N LEU D 317 1.06 -6.35 -2.29
CA LEU D 317 2.21 -7.06 -1.72
C LEU D 317 3.52 -6.33 -1.78
N VAL D 318 3.69 -5.39 -2.71
CA VAL D 318 4.95 -4.69 -2.83
C VAL D 318 5.38 -4.02 -1.53
N MET D 319 4.43 -3.59 -0.69
CA MET D 319 4.77 -2.99 0.54
C MET D 319 5.44 -3.89 1.52
N ASP D 320 5.28 -5.19 1.40
CA ASP D 320 6.02 -6.13 2.30
C ASP D 320 7.53 -6.08 2.18
N PRO D 321 8.08 -6.29 0.99
CA PRO D 321 9.56 -6.22 0.92
C PRO D 321 10.14 -4.82 1.08
N LEU D 322 9.41 -3.78 0.69
CA LEU D 322 9.83 -2.42 1.01
C LEU D 322 10.03 -2.22 2.51
N GLN D 323 9.02 -2.53 3.30
CA GLN D 323 9.14 -2.37 4.73
C GLN D 323 10.26 -3.29 5.30
N THR D 324 10.25 -4.55 4.86
CA THR D 324 11.25 -5.52 5.39
C THR D 324 12.65 -5.03 5.21
N ALA D 325 12.98 -4.63 4.00
CA ALA D 325 14.33 -4.16 3.72
C ALA D 325 14.70 -2.95 4.52
N SER D 326 13.75 -2.06 4.76
CA SER D 326 14.03 -0.78 5.37
C SER D 326 14.41 -0.87 6.85
N VAL D 327 14.08 -1.99 7.48
CA VAL D 327 14.32 -2.18 8.90
C VAL D 327 15.12 -3.42 9.20
N GLN D 328 15.91 -3.88 8.24
CA GLN D 328 16.88 -4.93 8.49
C GLN D 328 18.07 -4.35 9.26
N TRP D 329 18.39 -4.87 10.43
CA TRP D 329 19.53 -4.30 11.19
C TRP D 329 20.82 -5.08 10.92
N PHE D 330 21.83 -4.32 10.51
CA PHE D 330 23.18 -4.82 10.29
C PHE D 330 23.23 -6.04 9.39
N GLU D 331 23.79 -7.13 9.86
CA GLU D 331 24.13 -8.23 8.95
C GLU D 331 22.96 -9.20 8.77
N ARG D 332 21.91 -9.05 9.57
CA ARG D 332 20.59 -9.56 9.27
C ARG D 332 19.81 -9.53 10.57
N THR D 333 18.51 -9.28 10.47
CA THR D 333 17.52 -9.58 11.55
C THR D 333 16.49 -10.53 11.00
N LEU D 334 16.04 -11.44 11.86
CA LEU D 334 15.18 -12.52 11.40
C LEU D 334 13.70 -12.15 11.33
N ASP D 335 13.40 -10.88 11.48
CA ASP D 335 12.06 -10.40 11.21
C ASP D 335 11.76 -10.33 9.72
N ASP D 336 12.68 -10.83 8.86
CA ASP D 336 12.36 -10.97 7.46
C ASP D 336 11.65 -12.28 7.16
N SER D 337 11.84 -13.27 8.03
CA SER D 337 11.62 -14.65 7.63
C SER D 337 10.14 -15.02 7.42
N ALA D 338 9.28 -14.76 8.41
CA ALA D 338 7.86 -15.17 8.28
C ALA D 338 7.18 -14.40 7.17
N ASN D 339 7.54 -13.12 7.05
CA ASN D 339 6.99 -12.24 6.03
C ASN D 339 7.31 -12.73 4.62
N ARG D 340 8.58 -13.10 4.40
CA ARG D 340 9.01 -13.66 3.09
C ARG D 340 8.35 -14.97 2.78
N ARG D 341 8.15 -15.82 3.78
CA ARG D 341 7.46 -17.08 3.52
C ARG D 341 6.06 -16.87 2.97
N ILE D 342 5.42 -15.76 3.38
CA ILE D 342 4.11 -15.39 2.86
C ILE D 342 4.20 -14.65 1.53
N CYS D 343 4.89 -13.52 1.47
CA CYS D 343 4.80 -12.68 0.31
C CYS D 343 5.43 -13.20 -0.97
N LEU D 344 6.58 -13.87 -0.88
CA LEU D 344 7.28 -14.33 -2.08
C LEU D 344 6.47 -15.39 -2.76
N ALA D 345 6.12 -16.41 -2.00
CA ALA D 345 5.24 -17.42 -2.52
C ALA D 345 3.91 -16.85 -3.04
N GLU D 346 3.23 -16.02 -2.23
CA GLU D 346 1.94 -15.48 -2.67
C GLU D 346 2.02 -14.64 -3.94
N ALA D 347 3.05 -13.84 -4.02
CA ALA D 347 3.28 -13.02 -5.20
C ALA D 347 3.38 -13.89 -6.47
N PHE D 348 4.19 -14.93 -6.39
CA PHE D 348 4.36 -15.80 -7.56
C PHE D 348 3.13 -16.63 -7.87
N LEU D 349 2.44 -17.15 -6.85
CA LEU D 349 1.26 -17.96 -7.10
C LEU D 349 0.09 -17.10 -7.65
N THR D 350 -0.01 -15.87 -7.18
CA THR D 350 -0.98 -14.91 -7.70
C THR D 350 -0.67 -14.52 -9.16
N ALA D 351 0.59 -14.22 -9.44
CA ALA D 351 1.03 -13.93 -10.82
C ALA D 351 0.76 -15.08 -11.76
N ASP D 352 1.09 -16.28 -11.32
CA ASP D 352 0.83 -17.49 -12.13
C ASP D 352 -0.64 -17.61 -12.50
N THR D 353 -1.49 -17.51 -11.48
CA THR D 353 -2.94 -17.58 -11.67
C THR D 353 -3.43 -16.57 -12.66
N ILE D 354 -2.96 -15.36 -12.50
CA ILE D 354 -3.39 -14.30 -13.37
C ILE D 354 -2.99 -14.63 -14.83
N LEU D 355 -1.75 -15.04 -15.02
CA LEU D 355 -1.30 -15.36 -16.39
C LEU D 355 -2.03 -16.58 -16.98
N ASN D 356 -2.32 -17.60 -16.17
CA ASN D 356 -3.15 -18.72 -16.65
C ASN D 356 -4.53 -18.26 -17.09
N THR D 357 -5.15 -17.33 -16.31
CA THR D 357 -6.49 -16.86 -16.64
C THR D 357 -6.45 -15.94 -17.87
N LEU D 358 -5.46 -15.05 -17.91
CA LEU D 358 -5.35 -14.12 -19.04
C LEU D 358 -5.11 -14.88 -20.38
N GLN D 359 -4.33 -15.95 -20.34
CA GLN D 359 -4.17 -16.81 -21.53
C GLN D 359 -5.52 -17.34 -21.95
N ASN D 360 -6.33 -17.78 -20.97
CA ASN D 360 -7.62 -18.33 -21.28
C ASN D 360 -8.54 -17.25 -21.82
N ILE D 361 -8.49 -16.03 -21.26
CA ILE D 361 -9.25 -14.95 -21.83
C ILE D 361 -8.86 -14.68 -23.32
N SER D 362 -7.57 -14.72 -23.60
CA SER D 362 -7.03 -14.40 -24.93
C SER D 362 -7.47 -15.39 -26.02
N GLU D 363 -7.84 -16.61 -25.59
CA GLU D 363 -8.12 -17.72 -26.53
C GLU D 363 -9.55 -17.72 -27.04
N GLY D 364 -9.78 -16.89 -28.03
CA GLY D 364 -11.06 -16.74 -28.67
C GLY D 364 -11.92 -15.63 -28.11
N LEU D 365 -11.33 -14.44 -27.87
CA LEU D 365 -12.12 -13.25 -27.51
C LEU D 365 -13.23 -13.05 -28.53
N VAL D 366 -14.39 -12.69 -28.09
CA VAL D 366 -15.55 -12.55 -28.93
C VAL D 366 -15.68 -11.06 -29.28
N VAL D 367 -15.81 -10.74 -30.57
CA VAL D 367 -16.06 -9.37 -30.98
C VAL D 367 -17.37 -9.28 -31.70
N TYR D 368 -18.12 -8.20 -31.50
CA TYR D 368 -19.39 -7.94 -32.18
C TYR D 368 -19.30 -6.67 -33.07
N PRO D 369 -18.80 -6.84 -34.29
CA PRO D 369 -18.63 -5.66 -35.13
C PRO D 369 -19.89 -4.85 -35.40
N LYS D 370 -21.08 -5.48 -35.41
CA LYS D 370 -22.28 -4.72 -35.71
C LYS D 370 -22.69 -3.82 -34.53
N VAL D 371 -22.36 -4.25 -33.31
CA VAL D 371 -22.57 -3.38 -32.09
C VAL D 371 -21.59 -2.20 -32.09
N ILE D 372 -20.33 -2.51 -32.37
CA ILE D 372 -19.28 -1.50 -32.56
C ILE D 372 -19.70 -0.49 -33.63
N GLU D 373 -20.12 -0.98 -34.80
CA GLU D 373 -20.57 -0.10 -35.88
C GLU D 373 -21.71 0.82 -35.47
N ARG D 374 -22.69 0.25 -34.80
CA ARG D 374 -23.82 1.01 -34.34
C ARG D 374 -23.42 2.16 -33.43
N ARG D 375 -22.49 1.90 -32.53
CA ARG D 375 -22.02 2.89 -31.63
C ARG D 375 -21.29 4.02 -32.36
N ILE D 376 -20.48 3.65 -33.35
CA ILE D 376 -19.80 4.65 -34.15
C ILE D 376 -20.82 5.54 -34.83
N ARG D 377 -21.88 4.92 -35.37
CA ARG D 377 -22.88 5.67 -36.12
C ARG D 377 -23.61 6.63 -35.20
N GLN D 378 -23.68 6.28 -33.93
CA GLN D 378 -24.28 7.21 -32.96
C GLN D 378 -23.40 8.39 -32.61
N GLU D 379 -22.07 8.19 -32.63
CA GLU D 379 -21.16 9.20 -32.12
C GLU D 379 -20.36 9.93 -33.18
N LEU D 380 -20.00 9.24 -34.24
CA LEU D 380 -19.15 9.85 -35.27
C LEU D 380 -19.68 11.15 -35.88
N PRO D 381 -20.99 11.24 -36.17
CA PRO D 381 -21.42 12.48 -36.84
C PRO D 381 -20.99 13.79 -36.10
N PHE D 382 -21.00 13.79 -34.77
CA PHE D 382 -20.62 14.97 -34.00
C PHE D 382 -19.13 15.26 -34.08
N MET D 383 -18.34 14.29 -34.54
CA MET D 383 -16.92 14.48 -34.85
C MET D 383 -16.57 14.69 -36.34
N ALA D 384 -17.56 14.60 -37.22
CA ALA D 384 -17.35 14.71 -38.68
C ALA D 384 -17.72 16.08 -39.25
N THR D 385 -18.05 17.05 -38.40
CA THR D 385 -18.66 18.28 -38.93
C THR D 385 -17.68 19.19 -39.71
N GLU D 386 -16.41 19.27 -39.30
CA GLU D 386 -15.41 19.96 -40.09
C GLU D 386 -15.23 19.34 -41.47
N ASN D 387 -15.31 18.01 -41.56
CA ASN D 387 -15.23 17.36 -42.86
C ASN D 387 -16.38 17.75 -43.80
N ILE D 388 -17.56 17.88 -43.24
CA ILE D 388 -18.74 18.29 -43.98
C ILE D 388 -18.65 19.78 -44.39
N ILE D 389 -18.22 20.62 -43.46
CA ILE D 389 -17.89 22.01 -43.82
C ILE D 389 -16.87 22.12 -44.96
N MET D 390 -15.76 21.39 -44.87
CA MET D 390 -14.74 21.44 -45.92
C MET D 390 -15.31 21.04 -47.27
N ALA D 391 -16.12 20.00 -47.30
CA ALA D 391 -16.70 19.54 -48.56
C ALA D 391 -17.63 20.61 -49.17
N MET D 392 -18.46 21.24 -48.32
CA MET D 392 -19.34 22.32 -48.77
C MET D 392 -18.52 23.47 -49.35
N VAL D 393 -17.46 23.85 -48.65
CA VAL D 393 -16.61 24.94 -49.11
C VAL D 393 -15.94 24.62 -50.44
N LYS D 394 -15.44 23.39 -50.54
CA LYS D 394 -14.84 22.93 -51.78
C LYS D 394 -15.84 22.92 -52.97
N ALA D 395 -17.10 22.61 -52.69
CA ALA D 395 -18.16 22.70 -53.69
C ALA D 395 -18.66 24.14 -53.97
N GLY D 396 -18.00 25.16 -53.42
CA GLY D 396 -18.33 26.53 -53.71
C GLY D 396 -19.16 27.23 -52.65
N GLY D 397 -19.43 26.54 -51.52
CA GLY D 397 -20.21 27.10 -50.44
C GLY D 397 -19.52 28.05 -49.46
N SER D 398 -20.35 28.67 -48.62
CA SER D 398 -19.90 29.62 -47.63
C SER D 398 -19.60 28.94 -46.28
N ARG D 399 -18.38 29.10 -45.79
CA ARG D 399 -17.96 28.47 -44.52
C ARG D 399 -18.83 28.93 -43.35
N GLN D 400 -19.05 30.25 -43.26
CA GLN D 400 -19.88 30.80 -42.22
C GLN D 400 -21.28 30.22 -42.18
N ASP D 401 -21.93 30.15 -43.32
CA ASP D 401 -23.29 29.69 -43.36
C ASP D 401 -23.34 28.21 -43.02
N CYS D 402 -22.38 27.46 -43.56
CA CYS D 402 -22.33 26.01 -43.32
C CYS D 402 -22.09 25.68 -41.82
N HIS D 403 -21.20 26.42 -41.16
CA HIS D 403 -21.00 26.34 -39.72
C HIS D 403 -22.28 26.64 -38.88
N GLU D 404 -22.93 27.75 -39.18
N GLU D 404 -22.95 27.76 -39.13
CA GLU D 404 -24.13 28.17 -38.50
CA GLU D 404 -24.16 28.05 -38.35
C GLU D 404 -25.21 27.06 -38.64
C GLU D 404 -25.19 26.94 -38.60
N LYS D 405 -25.34 26.53 -39.86
CA LYS D 405 -26.36 25.53 -40.20
C LYS D 405 -26.04 24.20 -39.50
N ILE D 406 -24.77 23.83 -39.48
CA ILE D 406 -24.36 22.58 -38.84
C ILE D 406 -24.56 22.65 -37.36
N ARG D 407 -24.26 23.79 -36.76
CA ARG D 407 -24.46 24.01 -35.33
C ARG D 407 -25.91 23.80 -34.95
N VAL D 408 -26.82 24.37 -35.73
CA VAL D 408 -28.26 24.25 -35.43
C VAL D 408 -28.73 22.77 -35.53
N LEU D 409 -28.42 22.12 -36.65
CA LEU D 409 -28.78 20.69 -36.84
C LEU D 409 -28.16 19.78 -35.76
N SER D 410 -26.95 20.13 -35.34
N SER D 410 -26.95 20.10 -35.33
CA SER D 410 -26.25 19.39 -34.32
CA SER D 410 -26.26 19.33 -34.32
C SER D 410 -26.96 19.48 -32.98
C SER D 410 -26.94 19.47 -32.95
N GLN D 411 -27.33 20.69 -32.59
CA GLN D 411 -28.18 20.88 -31.43
C GLN D 411 -29.46 20.09 -31.48
N GLN D 412 -30.13 20.06 -32.64
CA GLN D 412 -31.35 19.31 -32.77
C GLN D 412 -31.09 17.84 -32.50
N ALA D 413 -30.04 17.31 -33.11
CA ALA D 413 -29.70 15.88 -32.94
C ALA D 413 -29.31 15.53 -31.51
N ALA D 414 -28.60 16.42 -30.86
CA ALA D 414 -28.13 16.19 -29.50
C ALA D 414 -29.32 16.11 -28.57
N SER D 415 -30.35 16.92 -28.86
CA SER D 415 -31.59 16.91 -28.08
C SER D 415 -32.38 15.62 -28.30
N VAL D 416 -32.46 15.16 -29.54
CA VAL D 416 -33.01 13.80 -29.79
C VAL D 416 -32.33 12.74 -28.89
N VAL D 417 -30.99 12.76 -28.86
CA VAL D 417 -30.22 11.74 -28.13
C VAL D 417 -30.44 11.82 -26.60
N LYS D 418 -30.35 13.00 -26.04
CA LYS D 418 -30.39 13.14 -24.59
C LYS D 418 -31.78 13.40 -24.04
N GLN D 419 -32.51 14.34 -24.67
CA GLN D 419 -33.83 14.75 -24.16
C GLN D 419 -34.89 13.72 -24.56
N GLU D 420 -34.65 12.94 -25.64
CA GLU D 420 -35.64 11.96 -26.12
C GLU D 420 -35.21 10.51 -26.04
N GLY D 421 -33.95 10.27 -25.77
CA GLY D 421 -33.41 8.95 -25.79
C GLY D 421 -33.39 8.33 -27.17
N GLY D 422 -33.30 9.17 -28.20
CA GLY D 422 -33.37 8.70 -29.61
C GLY D 422 -32.00 8.37 -30.18
N ASP D 423 -32.03 7.78 -31.38
CA ASP D 423 -30.86 7.54 -32.21
C ASP D 423 -30.39 8.93 -32.72
N ASN D 424 -29.08 9.11 -32.84
CA ASN D 424 -28.52 10.30 -33.43
C ASN D 424 -28.99 10.37 -34.89
N ASP D 425 -29.72 11.43 -35.24
CA ASP D 425 -30.20 11.65 -36.59
C ASP D 425 -29.54 12.84 -37.32
N LEU D 426 -28.33 13.21 -36.90
CA LEU D 426 -27.66 14.40 -37.48
C LEU D 426 -27.40 14.20 -38.98
N ILE D 427 -26.87 13.05 -39.36
CA ILE D 427 -26.58 12.84 -40.79
C ILE D 427 -27.88 12.86 -41.60
N GLU D 428 -28.94 12.27 -41.08
CA GLU D 428 -30.23 12.22 -41.76
C GLU D 428 -30.82 13.65 -41.84
N ARG D 429 -30.59 14.47 -40.80
CA ARG D 429 -30.96 15.91 -40.88
C ARG D 429 -30.26 16.62 -42.02
N ILE D 430 -28.96 16.38 -42.16
CA ILE D 430 -28.15 16.93 -43.23
C ILE D 430 -28.59 16.44 -44.62
N GLN D 431 -28.87 15.14 -44.75
CA GLN D 431 -29.38 14.57 -46.03
C GLN D 431 -30.69 15.19 -46.45
N ALA D 432 -31.54 15.50 -45.51
CA ALA D 432 -32.88 15.99 -45.78
C ALA D 432 -32.91 17.50 -46.05
N ASP D 433 -31.82 18.20 -45.75
CA ASP D 433 -31.81 19.66 -45.82
C ASP D 433 -31.23 20.03 -47.19
N ALA D 434 -32.04 20.66 -48.05
CA ALA D 434 -31.58 20.96 -49.41
C ALA D 434 -30.39 21.91 -49.42
N TYR D 435 -30.17 22.67 -48.36
CA TYR D 435 -28.92 23.46 -48.25
C TYR D 435 -27.66 22.63 -48.50
N PHE D 436 -27.65 21.35 -48.12
CA PHE D 436 -26.45 20.50 -48.25
C PHE D 436 -26.41 19.70 -49.53
N SER D 437 -27.35 20.01 -50.42
CA SER D 437 -27.47 19.46 -51.75
C SER D 437 -26.10 19.24 -52.45
N PRO D 438 -25.18 20.20 -52.35
CA PRO D 438 -23.91 20.00 -53.06
C PRO D 438 -23.06 18.85 -52.54
N ILE D 439 -23.32 18.39 -51.31
CA ILE D 439 -22.54 17.30 -50.74
C ILE D 439 -23.35 16.05 -50.43
N HIS D 440 -24.65 16.05 -50.75
CA HIS D 440 -25.44 14.85 -50.44
C HIS D 440 -24.86 13.59 -51.04
N SER D 441 -24.30 13.68 -52.24
CA SER D 441 -23.79 12.47 -52.90
C SER D 441 -22.50 11.92 -52.24
N GLN D 442 -21.76 12.79 -51.53
CA GLN D 442 -20.52 12.42 -50.85
C GLN D 442 -20.70 11.85 -49.41
N LEU D 443 -21.93 11.78 -48.91
CA LEU D 443 -22.10 11.70 -47.46
C LEU D 443 -21.65 10.37 -46.87
N ASP D 444 -21.94 9.28 -47.58
CA ASP D 444 -21.45 7.96 -47.18
C ASP D 444 -19.92 7.96 -47.13
N HIS D 445 -19.29 8.51 -48.16
CA HIS D 445 -17.87 8.56 -48.18
C HIS D 445 -17.31 9.44 -47.05
N LEU D 446 -17.92 10.61 -46.82
CA LEU D 446 -17.43 11.55 -45.82
C LEU D 446 -17.57 10.96 -44.38
N LEU D 447 -18.52 10.07 -44.18
CA LEU D 447 -18.77 9.47 -42.85
C LEU D 447 -18.23 8.03 -42.76
N ASP D 448 -17.36 7.65 -43.70
CA ASP D 448 -16.73 6.30 -43.68
C ASP D 448 -15.84 6.12 -42.45
N PRO D 449 -16.22 5.21 -41.51
CA PRO D 449 -15.44 5.20 -40.27
C PRO D 449 -13.95 4.91 -40.47
N SER D 450 -13.59 4.10 -41.47
CA SER D 450 -12.16 3.78 -41.66
C SER D 450 -11.31 5.07 -41.89
N SER D 451 -11.94 6.11 -42.44
CA SER D 451 -11.22 7.38 -42.73
C SER D 451 -10.97 8.25 -41.46
N PHE D 452 -11.52 7.86 -40.31
CA PHE D 452 -11.41 8.62 -39.06
C PHE D 452 -10.50 7.94 -38.03
N THR D 453 -9.95 6.76 -38.39
CA THR D 453 -9.05 6.02 -37.50
C THR D 453 -7.58 6.47 -37.55
N GLY D 454 -7.29 7.58 -38.23
CA GLY D 454 -5.92 8.06 -38.29
C GLY D 454 -4.96 6.97 -38.77
N ARG D 455 -3.81 6.84 -38.12
CA ARG D 455 -2.82 5.83 -38.49
C ARG D 455 -2.91 4.53 -37.66
N ALA D 456 -4.08 4.23 -37.05
CA ALA D 456 -4.21 3.09 -36.16
C ALA D 456 -3.68 1.75 -36.73
N SER D 457 -4.10 1.40 -37.94
CA SER D 457 -3.70 0.14 -38.52
CA SER D 457 -3.69 0.13 -38.53
C SER D 457 -2.19 0.06 -38.85
N GLN D 458 -1.62 1.12 -39.35
CA GLN D 458 -0.17 1.15 -39.60
C GLN D 458 0.63 1.10 -38.35
N GLN D 459 0.12 1.72 -37.29
CA GLN D 459 0.79 1.68 -36.00
C GLN D 459 0.87 0.25 -35.49
N VAL D 460 -0.20 -0.47 -35.62
CA VAL D 460 -0.25 -1.90 -35.22
C VAL D 460 0.84 -2.73 -35.92
N GLN D 461 0.90 -2.60 -37.24
CA GLN D 461 1.88 -3.30 -38.03
C GLN D 461 3.30 -2.94 -37.63
N ARG D 462 3.61 -1.65 -37.50
CA ARG D 462 5.00 -1.27 -37.16
C ARG D 462 5.35 -1.75 -35.77
N PHE D 463 4.42 -1.57 -34.85
CA PHE D 463 4.61 -2.04 -33.48
C PHE D 463 4.92 -3.55 -33.45
N LEU D 464 4.16 -4.35 -34.14
CA LEU D 464 4.31 -5.80 -34.03
C LEU D 464 5.69 -6.23 -34.62
N GLU D 465 6.02 -5.63 -35.74
CA GLU D 465 7.23 -6.00 -36.45
C GLU D 465 8.47 -5.51 -35.77
N GLU D 466 8.46 -4.29 -35.23
CA GLU D 466 9.65 -3.67 -34.67
C GLU D 466 9.81 -3.97 -33.25
N GLU D 467 8.71 -4.13 -32.49
CA GLU D 467 8.86 -4.28 -31.04
C GLU D 467 8.39 -5.63 -30.49
N VAL D 468 7.28 -6.17 -30.96
CA VAL D 468 6.72 -7.34 -30.30
C VAL D 468 7.42 -8.61 -30.81
N TYR D 469 7.46 -8.83 -32.13
CA TYR D 469 8.07 -10.12 -32.63
C TYR D 469 9.54 -10.31 -32.19
N PRO D 470 10.36 -9.25 -32.22
CA PRO D 470 11.72 -9.36 -31.77
C PRO D 470 11.82 -9.74 -30.32
N LEU D 471 10.88 -9.21 -29.53
CA LEU D 471 10.89 -9.51 -28.13
C LEU D 471 10.53 -10.95 -27.85
N LEU D 472 9.62 -11.51 -28.63
CA LEU D 472 9.18 -12.90 -28.47
C LEU D 472 10.16 -13.92 -29.00
N LYS D 473 11.05 -13.50 -29.89
CA LYS D 473 11.86 -14.46 -30.66
C LYS D 473 12.61 -15.43 -29.74
N PRO D 474 13.32 -14.92 -28.73
CA PRO D 474 14.12 -15.77 -27.88
C PRO D 474 13.33 -16.68 -27.01
N TYR D 475 12.02 -16.46 -26.88
CA TYR D 475 11.14 -17.37 -26.13
C TYR D 475 10.57 -18.47 -26.98
N GLU D 476 10.97 -18.59 -28.25
CA GLU D 476 10.36 -19.58 -29.12
C GLU D 476 10.67 -21.02 -28.62
N SER D 477 11.84 -21.23 -27.99
CA SER D 477 12.17 -22.57 -27.43
C SER D 477 11.15 -23.00 -26.34
N VAL D 478 10.93 -22.13 -25.36
CA VAL D 478 10.08 -22.46 -24.18
C VAL D 478 8.60 -21.97 -24.26
C1 PEG E . -43.28 -23.62 -2.35
O1 PEG E . -42.73 -24.48 -3.34
C2 PEG E . -43.30 -22.22 -2.93
O2 PEG E . -43.83 -21.25 -2.01
C3 PEG E . -44.59 -20.18 -2.60
C4 PEG E . -45.79 -19.83 -1.71
O4 PEG E . -46.91 -20.64 -2.06
C1 PEG F . -21.07 -4.76 8.88
O1 PEG F . -21.71 -5.21 7.69
C2 PEG F . -21.17 -3.24 9.21
O2 PEG F . -20.02 -2.87 10.04
C3 PEG F . -19.24 -1.73 9.70
C4 PEG F . -20.14 -0.53 9.49
O4 PEG F . -19.50 0.64 10.05
C1 GOL G . -14.10 -14.70 2.24
O1 GOL G . -13.86 -13.57 1.42
C2 GOL G . -13.40 -14.51 3.57
O2 GOL G . -11.96 -14.55 3.41
C3 GOL G . -13.87 -15.65 4.47
O3 GOL G . -13.33 -16.83 3.86
C1 GOL H . -45.21 -2.38 -3.15
O1 GOL H . -45.41 -1.75 -1.93
C2 GOL H . -44.27 -1.57 -3.98
O2 GOL H . -44.66 -1.79 -5.34
C3 GOL H . -42.83 -2.07 -3.78
O3 GOL H . -42.32 -1.88 -2.46
CL CL I . -33.88 -9.96 -6.46
CL CL J . -31.10 -12.56 -0.88
C1 GOL K . 3.02 18.56 11.65
O1 GOL K . 3.66 17.29 11.60
C2 GOL K . 1.63 18.49 11.03
O2 GOL K . 1.64 18.19 9.58
C3 GOL K . 0.99 19.86 11.30
O3 GOL K . 1.69 20.81 10.47
CL CL L . 6.18 19.35 28.74
CL CL M . 11.16 16.41 32.10
C1 PEG N . 9.60 8.51 -44.95
O1 PEG N . 8.35 8.31 -44.31
C2 PEG N . 9.92 9.98 -44.79
O2 PEG N . 9.38 10.76 -45.86
C3 PEG N . 8.78 12.00 -45.44
C4 PEG N . 7.68 12.50 -46.35
O4 PEG N . 7.23 11.49 -47.28
C1 PEG O . 9.49 2.68 -19.42
O1 PEG O . 10.51 1.76 -19.84
C2 PEG O . 9.94 4.13 -19.59
O2 PEG O . 9.99 4.49 -20.99
C3 PEG O . 8.91 5.23 -21.49
C4 PEG O . 8.84 6.67 -20.98
O4 PEG O . 7.77 7.44 -21.54
C1 GOL P . 5.37 17.10 -13.04
O1 GOL P . 5.04 18.40 -12.54
C2 GOL P . 4.31 16.19 -12.41
O2 GOL P . 4.27 16.31 -10.93
C3 GOL P . 3.03 16.68 -13.06
O3 GOL P . 2.10 15.64 -13.19
C1 GOL Q . -3.82 5.65 -45.24
O1 GOL Q . -2.41 5.83 -45.17
C2 GOL Q . -4.24 4.96 -43.96
O2 GOL Q . -5.66 4.76 -43.96
C3 GOL Q . -3.81 5.80 -42.75
O3 GOL Q . -2.61 5.30 -42.17
CL CL R . -6.14 13.45 -33.19
CL CL S . -0.36 15.52 -30.33
C1 PEG T . 16.19 -7.83 -34.98
O1 PEG T . 16.27 -8.29 -33.64
C2 PEG T . 14.73 -7.60 -35.28
O2 PEG T . 14.59 -7.09 -36.61
C3 PEG T . 13.95 -8.03 -37.47
C4 PEG T . 14.87 -9.23 -37.70
O4 PEG T . 14.50 -9.83 -38.95
C1 GOL U . 9.42 -19.88 0.01
O1 GOL U . 10.38 -20.50 -0.81
C2 GOL U . 9.82 -18.39 0.04
O2 GOL U . 8.62 -17.62 0.32
C3 GOL U . 11.01 -18.25 1.01
O3 GOL U . 10.79 -17.39 2.13
C1 GOL V . 41.93 -12.91 5.40
O1 GOL V . 41.56 -12.64 4.04
C2 GOL V . 43.43 -12.76 5.61
O2 GOL V . 43.73 -12.89 7.00
C3 GOL V . 44.18 -13.86 4.87
O3 GOL V . 44.45 -13.33 3.59
CL CL W . 27.76 -20.37 4.28
CL CL X . 31.49 -17.74 9.27
CL CL Y . 5.86 -17.79 -27.15
#